data_6TRT
#
_entry.id   6TRT
#
_cell.length_a   148.799
_cell.length_b   148.799
_cell.length_c   235.546
_cell.angle_alpha   90
_cell.angle_beta   90
_cell.angle_gamma   120
#
_symmetry.space_group_name_H-M   'P 32 1 2'
#
loop_
_entity.id
_entity.type
_entity.pdbx_description
1 polymer 'UDP-glucose-glycoprotein glucosyltransferase-like protein'
2 branched beta-D-mannopyranose-(1-4)-2-acetamido-2-deoxy-beta-D-glucopyranose-(1-4)-2-acetamido-2-deoxy-beta-D-glucopyranose
3 branched alpha-D-mannopyranose-(1-2)-alpha-D-mannopyranose-(1-2)-alpha-D-mannopyranose-(1-6)-[alpha-D-mannopyranose-(1-2)-alpha-D-mannopyranose-(1-3)]beta-D-mannopyranose-(1-4)-2-acetamido-2-deoxy-beta-D-glucopyranose-(1-4)-2-acetamido-2-deoxy-beta-D-glucopyranose
4 non-polymer 'TERBIUM(III) ION'
5 non-polymer 2-acetamido-2-deoxy-beta-D-glucopyranose
#
_entity_poly.entity_id   1
_entity_poly.type   'polypeptide(L)'
_entity_poly.pdbx_seq_one_letter_code
;ETGQVAASPSINVALKAAFPSPPYLVELLETAASDNTTIYYSLLDRIAKGHFAEATTDKALYEKFLEVLRDDGHMDPEAL
SAFKLALSLRTATPRVEAHYQYYTATVEPSLSGTQEGCDQWFLIDGEQYCSPTLDTSHGKVKGEDQLRTLPFDRKFGVGC
RDVILYADITSKSFAPFHEVAMDLAKKGKASYRVRYRRSPSHSRESLSVNGYGVELVLKRTDYIVIDDRDTGAAAKPAEE
NDQKPLVGHETVLDDGEEIADIKPLEKSELAALGMKAASFVMQSEKPFEALLKLTQDFPKYSNSLGSQNVSAEFEAEHRG
NREVFLPEGSNVLWLNGLHLIDRQIQPFGLVDLLTRERKLIKSVLDLGLTGQQAVDLLGHAEVAHAKSGDDEPRRFDWRD
DIEEGQVIIWLNNLEKDKRYKSFSPSIWVLIHHFGHGLPQIRRDVFNLVVPVDLTKADDVKIVVEGLLSFVKRLIPVRFG
FVPLTPTGQAIDQAKVVYYLLENYGLAAATAYLEKSYEEQSTGQPNERIFNEVIKDKSLRPDGVELSFKDIFISEKHEKQ
IHLSKHWVERLRAGGDVPTVFFDGFPIPREDNWLRVMNHRLMQDLQALQQAGYFGMLNESMWLPGFFLEKALSRRNTLIF
PEDKNELTVLNVNKIYIENHDLMSKVPVIEASKESTRDDWAALTVVADLDDIEGQELVYYALRFRKSNDGVRLDIVHNPK
DCSRSPSVLAQRLKSREDKLLDFTRFLDLETALETGEFEPDVAYDASLANFLASSNMKAGDNFVILNGRVLGPITSADDF
KKEDFEVFLQAERRTRILPVYKALEDLGLDDKVSGPLSAAKLTSVTALSTISDLPQGIFDNAPTVRTTLFKQWNSTYTSF
EVGDASTATIFFVAVINPASEIGQRWVAVLKVLSELEGVHLRVFLNPTVMIEELPVKRFYRYVLSSSPSFDESGKVKALS
ARFTGVPRETLLVVGMDVPPAWLVTSKVAVDDLDNLRIKDIKAKRGTEHVEAIYELEHILIEGHSREIPGAHAPRGVQLV
LETENNPHFADTIIMANLGYFQFKANPGVYNIRLKEGRSSEIFTLESVGAKGWGPIPGDDNTEVVLMDFQGTTLYPRLRR
KPGMEEEDVLEPSTKSGEESGSGARNLVSRGIKFAEGLLGRGNKAAEATKSVSKTEHAEINIFSVASGHLYERMLNIMMA
SVMHHTNHTVKFWFIEQFLSPSFKDFIPHMAAEYGFKYEMVTYKWPHWLRQQKEKQREIWGYKILFLDVLFPLSLDKVIF
VDADQIVRTDMYDLVEHPLDGAPYGFAPMCDSRVEMEGYRFWKTGYWANYLKGKPYHISALYVVDLQRFRELAAGDRLRQ
QYHALSADPNSLANLDQDLPNHMQFTIPIATLPQEWLWCETWCSDETLKDARTIDLCNNPMTKEPKLDRARRQVPEWTKY
DEEIAELARRVREEKPKKKEEEKVQKNPKSRRLDGDEEEVKTVREGTKHHHHHH
;
_entity_poly.pdbx_strand_id   A
#
# COMPACT_ATOMS: atom_id res chain seq x y z
N SER A 8 -40.47 4.30 23.06
CA SER A 8 -39.98 5.26 22.08
C SER A 8 -39.83 4.64 20.70
N PRO A 9 -40.09 5.40 19.63
CA PRO A 9 -39.91 4.85 18.28
C PRO A 9 -38.42 4.68 18.00
N SER A 10 -38.02 3.46 17.64
CA SER A 10 -36.62 3.14 17.45
C SER A 10 -36.24 2.63 16.06
N ILE A 11 -34.94 2.69 15.72
CA ILE A 11 -34.39 2.18 14.47
C ILE A 11 -33.18 1.31 14.81
N ASN A 12 -33.18 0.05 14.37
CA ASN A 12 -32.12 -0.90 14.65
C ASN A 12 -31.47 -1.42 13.36
N VAL A 13 -30.15 -1.33 13.28
CA VAL A 13 -29.38 -1.79 12.12
C VAL A 13 -28.26 -2.76 12.53
N ALA A 14 -28.20 -3.94 11.89
CA ALA A 14 -27.19 -4.96 12.16
C ALA A 14 -26.46 -5.41 10.90
N LEU A 15 -25.21 -5.88 11.04
CA LEU A 15 -24.41 -6.35 9.90
C LEU A 15 -23.91 -7.78 10.14
N LYS A 16 -24.01 -8.62 9.09
CA LYS A 16 -23.58 -10.02 9.13
C LYS A 16 -22.66 -10.32 7.95
N ALA A 17 -21.61 -11.12 8.17
CA ALA A 17 -20.61 -11.50 7.17
C ALA A 17 -21.15 -12.51 6.12
N ALA A 18 -20.41 -12.68 5.00
CA ALA A 18 -20.79 -13.62 3.93
C ALA A 18 -20.25 -15.05 4.16
N PHE A 19 -19.72 -15.35 5.36
CA PHE A 19 -19.20 -16.67 5.70
C PHE A 19 -19.70 -17.12 7.08
N PRO A 20 -19.90 -18.43 7.32
CA PRO A 20 -20.40 -18.87 8.63
C PRO A 20 -19.42 -18.63 9.78
N SER A 21 -19.96 -18.56 11.00
CA SER A 21 -19.15 -18.32 12.19
C SER A 21 -18.32 -19.54 12.60
N PRO A 22 -16.99 -19.39 12.66
CA PRO A 22 -16.13 -20.51 13.09
C PRO A 22 -16.32 -20.83 14.57
N PRO A 23 -15.97 -22.05 15.02
CA PRO A 23 -16.15 -22.39 16.45
C PRO A 23 -15.43 -21.42 17.38
N TYR A 24 -16.07 -21.04 18.49
CA TYR A 24 -15.49 -20.08 19.43
C TYR A 24 -14.13 -20.50 19.97
N LEU A 25 -13.93 -21.79 20.25
CA LEU A 25 -12.66 -22.31 20.78
C LEU A 25 -11.45 -21.91 19.93
N VAL A 26 -11.49 -22.22 18.62
CA VAL A 26 -10.41 -21.91 17.70
C VAL A 26 -10.21 -20.40 17.53
N GLU A 27 -11.29 -19.61 17.67
CA GLU A 27 -11.23 -18.16 17.58
C GLU A 27 -10.43 -17.58 18.77
N LEU A 28 -10.61 -18.16 19.97
CA LEU A 28 -9.92 -17.70 21.16
C LEU A 28 -8.44 -17.97 21.15
N LEU A 29 -7.99 -19.12 20.57
CA LEU A 29 -6.53 -19.33 20.54
C LEU A 29 -5.89 -18.49 19.43
N GLU A 30 -6.63 -18.13 18.37
CA GLU A 30 -6.08 -17.30 17.31
C GLU A 30 -6.00 -15.84 17.76
N THR A 31 -7.01 -15.37 18.51
CA THR A 31 -7.01 -13.99 19.01
C THR A 31 -5.87 -13.81 20.00
N ALA A 32 -5.71 -14.76 20.93
CA ALA A 32 -4.68 -14.73 21.95
C ALA A 32 -3.26 -14.75 21.36
N ALA A 33 -2.99 -15.66 20.41
CA ALA A 33 -1.69 -15.74 19.78
C ALA A 33 -1.73 -14.97 18.48
N SER A 34 -1.44 -13.65 18.51
CA SER A 34 -1.45 -12.81 17.31
C SER A 34 -0.47 -13.39 16.26
N ASP A 35 0.81 -13.47 16.62
CA ASP A 35 1.85 -14.13 15.83
C ASP A 35 2.92 -14.77 16.72
N ASN A 36 2.77 -14.71 18.05
CA ASN A 36 3.65 -15.35 18.99
C ASN A 36 3.24 -16.81 18.92
N THR A 37 4.14 -17.64 18.42
CA THR A 37 3.87 -19.06 18.27
C THR A 37 3.92 -19.78 19.60
N THR A 38 4.74 -19.31 20.55
CA THR A 38 4.84 -19.94 21.86
C THR A 38 3.50 -19.96 22.57
N ILE A 39 2.76 -18.83 22.56
CA ILE A 39 1.43 -18.80 23.17
C ILE A 39 0.46 -19.72 22.42
N TYR A 40 0.62 -19.86 21.10
CA TYR A 40 -0.22 -20.74 20.29
C TYR A 40 -0.11 -22.23 20.68
N TYR A 41 1.10 -22.81 20.62
CA TYR A 41 1.30 -24.21 20.95
C TYR A 41 1.18 -24.47 22.45
N SER A 42 1.51 -23.48 23.31
CA SER A 42 1.33 -23.62 24.76
C SER A 42 -0.15 -23.77 25.13
N LEU A 43 -1.05 -23.15 24.33
CA LEU A 43 -2.50 -23.26 24.48
C LEU A 43 -3.01 -24.54 23.79
N LEU A 44 -2.38 -24.92 22.67
CA LEU A 44 -2.73 -26.14 21.94
C LEU A 44 -2.47 -27.39 22.79
N ASP A 45 -1.49 -27.33 23.71
CA ASP A 45 -1.19 -28.41 24.64
C ASP A 45 -2.37 -28.54 25.61
N ARG A 46 -2.78 -27.40 26.22
CA ARG A 46 -3.87 -27.29 27.19
C ARG A 46 -5.18 -27.89 26.72
N ILE A 47 -5.56 -27.68 25.45
CA ILE A 47 -6.80 -28.24 24.92
C ILE A 47 -6.65 -29.71 24.51
N ALA A 48 -5.42 -30.16 24.20
CA ALA A 48 -5.16 -31.56 23.88
C ALA A 48 -5.12 -32.43 25.15
N LYS A 49 -4.96 -31.81 26.33
CA LYS A 49 -5.08 -32.51 27.62
C LYS A 49 -6.53 -33.00 27.81
N GLY A 50 -7.47 -32.26 27.23
CA GLY A 50 -8.90 -32.38 27.43
C GLY A 50 -9.29 -31.36 28.50
N HIS A 51 -8.45 -30.32 28.71
CA HIS A 51 -8.59 -29.29 29.70
C HIS A 51 -9.75 -28.38 29.37
N PHE A 52 -9.91 -28.02 28.09
CA PHE A 52 -11.01 -27.15 27.68
C PHE A 52 -12.26 -27.92 27.22
N ALA A 53 -12.36 -29.21 27.58
CA ALA A 53 -13.52 -30.02 27.23
C ALA A 53 -14.68 -29.80 28.22
N GLU A 54 -14.35 -29.46 29.48
CA GLU A 54 -15.34 -29.22 30.54
C GLU A 54 -16.08 -27.88 30.45
N ALA A 55 -15.66 -26.99 29.54
CA ALA A 55 -16.33 -25.71 29.34
C ALA A 55 -17.23 -25.87 28.13
N THR A 56 -18.53 -25.88 28.35
CA THR A 56 -19.50 -26.10 27.28
C THR A 56 -19.96 -24.84 26.58
N THR A 57 -20.16 -23.75 27.35
CA THR A 57 -20.66 -22.51 26.76
C THR A 57 -19.55 -21.53 26.47
N ASP A 58 -19.79 -20.67 25.47
CA ASP A 58 -18.86 -19.65 25.02
C ASP A 58 -18.40 -18.76 26.16
N LYS A 59 -19.32 -18.38 27.06
CA LYS A 59 -18.98 -17.55 28.22
C LYS A 59 -18.02 -18.29 29.13
N ALA A 60 -18.31 -19.56 29.47
CA ALA A 60 -17.47 -20.39 30.32
C ALA A 60 -16.09 -20.61 29.70
N LEU A 61 -16.05 -20.82 28.38
CA LEU A 61 -14.85 -21.02 27.59
C LEU A 61 -13.99 -19.77 27.64
N TYR A 62 -14.63 -18.60 27.46
CA TYR A 62 -13.98 -17.30 27.52
C TYR A 62 -13.44 -17.09 28.93
N GLU A 63 -14.26 -17.39 29.95
CA GLU A 63 -13.91 -17.24 31.36
C GLU A 63 -12.68 -18.06 31.70
N LYS A 64 -12.60 -19.29 31.17
CA LYS A 64 -11.49 -20.20 31.41
C LYS A 64 -10.19 -19.66 30.83
N PHE A 65 -10.22 -19.06 29.63
CA PHE A 65 -9.02 -18.49 29.01
C PHE A 65 -8.37 -17.38 29.84
N LEU A 66 -9.18 -16.53 30.49
CA LEU A 66 -8.69 -15.43 31.33
C LEU A 66 -7.82 -15.95 32.49
N GLU A 67 -8.30 -16.99 33.19
CA GLU A 67 -7.58 -17.60 34.31
C GLU A 67 -6.26 -18.22 33.81
N VAL A 68 -6.33 -18.99 32.72
CA VAL A 68 -5.18 -19.65 32.08
C VAL A 68 -4.07 -18.67 31.67
N LEU A 69 -4.42 -17.64 30.88
CA LEU A 69 -3.45 -16.65 30.40
C LEU A 69 -2.75 -15.95 31.57
N ARG A 70 -3.51 -15.52 32.59
CA ARG A 70 -2.98 -14.87 33.78
C ARG A 70 -2.06 -15.83 34.58
N ASP A 71 -2.52 -17.08 34.77
CA ASP A 71 -1.77 -18.08 35.53
C ASP A 71 -0.48 -18.53 34.86
N ASP A 72 -0.47 -18.67 33.52
CA ASP A 72 0.72 -19.11 32.81
C ASP A 72 1.70 -17.98 32.42
N GLY A 73 1.40 -16.74 32.81
CA GLY A 73 2.24 -15.58 32.56
C GLY A 73 2.18 -15.00 31.16
N HIS A 74 1.22 -15.45 30.35
CA HIS A 74 1.05 -14.99 28.97
C HIS A 74 0.66 -13.52 28.87
N MET A 75 -0.30 -13.09 29.69
CA MET A 75 -0.78 -11.71 29.65
C MET A 75 -0.81 -11.07 31.02
N ASP A 76 -0.62 -9.75 31.03
CA ASP A 76 -0.70 -8.92 32.22
C ASP A 76 -2.04 -8.12 32.12
N PRO A 77 -2.42 -7.24 33.08
CA PRO A 77 -3.70 -6.51 32.94
C PRO A 77 -3.83 -5.76 31.61
N GLU A 78 -2.76 -5.07 31.18
CA GLU A 78 -2.73 -4.30 29.93
C GLU A 78 -3.03 -5.17 28.71
N ALA A 79 -2.38 -6.34 28.61
CA ALA A 79 -2.56 -7.24 27.48
C ALA A 79 -3.88 -7.99 27.53
N LEU A 80 -4.39 -8.29 28.74
CA LEU A 80 -5.67 -8.97 28.91
C LEU A 80 -6.80 -8.08 28.43
N SER A 81 -6.75 -6.79 28.78
CA SER A 81 -7.73 -5.78 28.40
C SER A 81 -7.79 -5.64 26.87
N ALA A 82 -6.62 -5.67 26.23
CA ALA A 82 -6.46 -5.59 24.78
C ALA A 82 -7.02 -6.85 24.10
N PHE A 83 -6.90 -8.01 24.76
CA PHE A 83 -7.40 -9.28 24.26
C PHE A 83 -8.93 -9.24 24.16
N LYS A 84 -9.61 -8.74 25.22
CA LYS A 84 -11.07 -8.64 25.26
C LYS A 84 -11.63 -7.83 24.09
N LEU A 85 -11.06 -6.64 23.83
CA LEU A 85 -11.48 -5.76 22.75
C LEU A 85 -11.30 -6.40 21.37
N ALA A 86 -10.15 -7.04 21.12
CA ALA A 86 -9.87 -7.72 19.86
C ALA A 86 -10.80 -8.93 19.66
N LEU A 87 -11.17 -9.59 20.77
CA LEU A 87 -12.08 -10.72 20.78
C LEU A 87 -13.50 -10.25 20.45
N SER A 88 -13.90 -9.05 20.93
CA SER A 88 -15.21 -8.46 20.62
C SER A 88 -15.27 -8.19 19.12
N LEU A 89 -14.19 -7.59 18.58
CA LEU A 89 -14.05 -7.26 17.17
C LEU A 89 -14.10 -8.46 16.23
N ARG A 90 -13.89 -9.68 16.78
CA ARG A 90 -13.90 -10.95 16.05
C ARG A 90 -12.85 -10.94 14.94
N THR A 91 -11.68 -10.37 15.24
CA THR A 91 -10.55 -10.20 14.34
C THR A 91 -9.98 -11.51 13.79
N ALA A 92 -10.07 -12.58 14.57
CA ALA A 92 -9.52 -13.87 14.17
C ALA A 92 -10.43 -14.72 13.27
N THR A 93 -11.74 -14.39 13.19
CA THR A 93 -12.68 -15.16 12.37
C THR A 93 -12.26 -15.25 10.88
N PRO A 94 -11.86 -14.16 10.17
CA PRO A 94 -11.44 -14.32 8.77
C PRO A 94 -10.16 -15.14 8.61
N ARG A 95 -9.29 -15.16 9.64
CA ARG A 95 -8.03 -15.91 9.63
C ARG A 95 -8.28 -17.42 9.60
N VAL A 96 -9.34 -17.87 10.30
CA VAL A 96 -9.73 -19.27 10.37
C VAL A 96 -10.43 -19.70 9.08
N GLU A 97 -11.27 -18.82 8.52
CA GLU A 97 -11.98 -19.04 7.25
C GLU A 97 -11.00 -19.16 6.07
N ALA A 98 -9.80 -18.58 6.21
CA ALA A 98 -8.75 -18.67 5.19
C ALA A 98 -8.32 -20.14 5.06
N HIS A 99 -8.18 -20.84 6.21
CA HIS A 99 -7.81 -22.25 6.28
C HIS A 99 -8.84 -23.10 5.55
N TYR A 100 -10.13 -22.85 5.83
CA TYR A 100 -11.25 -23.58 5.26
C TYR A 100 -11.33 -23.42 3.76
N GLN A 101 -11.26 -22.17 3.26
CA GLN A 101 -11.31 -21.92 1.82
C GLN A 101 -10.12 -22.59 1.14
N TYR A 102 -8.94 -22.54 1.76
CA TYR A 102 -7.76 -23.20 1.22
C TYR A 102 -7.97 -24.71 1.18
N TYR A 103 -8.50 -25.28 2.27
CA TYR A 103 -8.76 -26.70 2.39
C TYR A 103 -9.80 -27.18 1.36
N THR A 104 -10.87 -26.41 1.18
CA THR A 104 -11.95 -26.75 0.27
C THR A 104 -11.55 -26.65 -1.20
N ALA A 105 -10.73 -25.65 -1.56
CA ALA A 105 -10.35 -25.40 -2.95
C ALA A 105 -9.02 -26.00 -3.43
N THR A 106 -8.09 -26.37 -2.54
CA THR A 106 -6.81 -26.93 -3.00
C THR A 106 -6.51 -28.32 -2.39
N VAL A 107 -6.94 -28.59 -1.14
CA VAL A 107 -6.67 -29.89 -0.51
C VAL A 107 -7.58 -31.01 -1.03
N GLU A 108 -8.90 -30.85 -0.93
CA GLU A 108 -9.88 -31.86 -1.34
C GLU A 108 -9.74 -32.30 -2.82
N PRO A 109 -9.57 -31.40 -3.82
CA PRO A 109 -9.43 -31.88 -5.21
C PRO A 109 -8.06 -32.49 -5.54
N SER A 110 -7.06 -32.30 -4.68
CA SER A 110 -5.71 -32.87 -4.87
C SER A 110 -5.48 -34.15 -4.03
N LEU A 111 -6.49 -34.57 -3.24
CA LEU A 111 -6.43 -35.76 -2.42
C LEU A 111 -7.46 -36.76 -2.96
N SER A 112 -7.08 -37.49 -4.00
CA SER A 112 -7.97 -38.48 -4.63
C SER A 112 -8.12 -39.73 -3.78
N GLY A 113 -9.31 -40.31 -3.80
CA GLY A 113 -9.62 -41.52 -3.04
C GLY A 113 -10.95 -41.42 -2.30
N THR A 114 -11.18 -42.34 -1.36
CA THR A 114 -12.41 -42.35 -0.56
C THR A 114 -12.09 -42.12 0.91
N GLN A 115 -12.53 -40.98 1.45
CA GLN A 115 -12.27 -40.63 2.84
C GLN A 115 -13.38 -41.07 3.79
N GLU A 116 -13.03 -41.93 4.75
CA GLU A 116 -13.93 -42.43 5.78
C GLU A 116 -13.07 -42.77 6.99
N GLY A 117 -13.26 -42.04 8.07
CA GLY A 117 -12.46 -42.20 9.28
C GLY A 117 -11.24 -41.30 9.32
N CYS A 118 -10.90 -40.66 8.19
CA CYS A 118 -9.77 -39.77 8.07
C CYS A 118 -10.16 -38.33 8.41
N ASP A 119 -10.71 -38.11 9.61
CA ASP A 119 -11.08 -36.77 10.05
C ASP A 119 -9.82 -35.91 10.19
N GLN A 120 -8.75 -36.48 10.74
CA GLN A 120 -7.46 -35.84 10.86
C GLN A 120 -6.43 -36.69 10.11
N TRP A 121 -5.40 -36.05 9.53
CA TRP A 121 -4.36 -36.77 8.82
C TRP A 121 -3.12 -35.92 8.55
N PHE A 122 -1.97 -36.48 8.87
CA PHE A 122 -0.70 -35.85 8.60
C PHE A 122 -0.39 -36.01 7.12
N LEU A 123 0.40 -35.08 6.56
CA LEU A 123 0.86 -35.17 5.18
C LEU A 123 2.37 -35.19 5.24
N ILE A 124 2.98 -36.32 4.86
CA ILE A 124 4.43 -36.48 4.86
C ILE A 124 4.88 -37.02 3.50
N ASP A 125 5.82 -36.33 2.83
CA ASP A 125 6.38 -36.71 1.53
C ASP A 125 5.31 -37.03 0.47
N GLY A 126 4.26 -36.20 0.42
CA GLY A 126 3.16 -36.40 -0.51
C GLY A 126 2.38 -37.68 -0.23
N GLU A 127 2.35 -38.09 1.04
CA GLU A 127 1.67 -39.30 1.49
C GLU A 127 0.79 -38.94 2.68
N GLN A 128 -0.45 -39.42 2.66
CA GLN A 128 -1.41 -39.15 3.71
C GLN A 128 -1.45 -40.30 4.73
N TYR A 129 -1.44 -39.98 6.04
CA TYR A 129 -1.53 -40.98 7.08
C TYR A 129 -2.69 -40.68 8.03
N CYS A 130 -3.77 -41.47 7.96
CA CYS A 130 -4.95 -41.28 8.80
C CYS A 130 -4.78 -41.80 10.24
N SER A 131 -3.59 -42.29 10.61
CA SER A 131 -3.35 -42.83 11.94
C SER A 131 -2.07 -42.24 12.55
N PRO A 132 -2.03 -42.03 13.88
CA PRO A 132 -0.79 -41.54 14.51
C PRO A 132 0.34 -42.56 14.42
N THR A 133 0.01 -43.87 14.49
CA THR A 133 0.97 -44.98 14.42
C THR A 133 1.80 -44.98 13.10
N LEU A 134 1.31 -44.26 12.06
CA LEU A 134 2.00 -44.00 10.80
C LEU A 134 2.43 -45.22 9.94
N ASP A 135 1.79 -46.38 10.13
CA ASP A 135 2.17 -47.58 9.39
C ASP A 135 1.70 -47.63 7.93
N THR A 136 0.47 -47.21 7.64
CA THR A 136 -0.08 -47.28 6.29
C THR A 136 -0.36 -45.90 5.66
N SER A 137 -0.06 -45.73 4.35
CA SER A 137 -0.32 -44.49 3.61
C SER A 137 -1.39 -44.67 2.54
N HIS A 138 -2.45 -43.85 2.63
CA HIS A 138 -3.57 -43.89 1.70
C HIS A 138 -3.25 -43.42 0.28
N GLY A 139 -2.55 -42.29 0.13
CA GLY A 139 -2.29 -41.77 -1.21
C GLY A 139 -1.16 -40.84 -1.54
N LYS A 140 -0.98 -40.66 -2.85
CA LYS A 140 -0.02 -39.76 -3.46
C LYS A 140 -0.82 -38.52 -3.82
N VAL A 141 -0.60 -37.42 -3.11
CA VAL A 141 -1.32 -36.17 -3.31
C VAL A 141 -0.79 -35.41 -4.54
N LYS A 142 -1.70 -34.96 -5.41
CA LYS A 142 -1.40 -34.25 -6.67
C LYS A 142 -0.23 -33.24 -6.62
N GLY A 143 0.38 -33.06 -7.79
CA GLY A 143 1.54 -32.22 -8.07
C GLY A 143 1.80 -30.96 -7.28
N GLU A 144 0.91 -29.94 -7.40
CA GLU A 144 1.08 -28.64 -6.73
C GLU A 144 1.32 -28.79 -5.23
N ASP A 145 2.59 -28.58 -4.83
CA ASP A 145 3.09 -28.75 -3.47
C ASP A 145 2.37 -27.94 -2.42
N GLN A 146 1.95 -28.62 -1.36
CA GLN A 146 1.31 -27.98 -0.21
C GLN A 146 2.32 -27.57 0.87
N LEU A 147 3.61 -27.91 0.70
CA LEU A 147 4.69 -27.58 1.61
C LEU A 147 5.13 -26.11 1.52
N ARG A 148 4.52 -25.31 0.61
CA ARG A 148 4.83 -23.89 0.49
C ARG A 148 4.38 -23.20 1.77
N THR A 149 5.28 -22.48 2.44
CA THR A 149 4.91 -21.77 3.66
C THR A 149 4.14 -20.51 3.26
N LEU A 150 2.92 -20.39 3.77
CA LEU A 150 2.06 -19.26 3.44
C LEU A 150 1.66 -18.43 4.70
N PRO A 151 1.13 -17.21 4.50
CA PRO A 151 0.87 -16.29 5.63
C PRO A 151 0.26 -16.83 6.93
N PHE A 152 -0.75 -17.72 6.88
CA PHE A 152 -1.37 -18.17 8.12
C PHE A 152 -0.66 -19.34 8.81
N ASP A 153 0.45 -19.82 8.25
CA ASP A 153 1.18 -20.95 8.84
C ASP A 153 1.91 -20.61 10.13
N ARG A 154 2.18 -21.66 10.91
CA ARG A 154 2.93 -21.63 12.16
C ARG A 154 3.90 -22.80 12.12
N LYS A 155 5.10 -22.65 12.70
CA LYS A 155 6.06 -23.73 12.73
C LYS A 155 6.57 -23.96 14.13
N PHE A 156 6.68 -25.22 14.52
CA PHE A 156 7.17 -25.59 15.83
C PHE A 156 8.36 -26.51 15.60
N GLY A 157 9.50 -26.08 16.08
CA GLY A 157 10.73 -26.86 15.98
C GLY A 157 11.40 -26.84 14.62
N VAL A 158 12.63 -27.35 14.60
CA VAL A 158 13.48 -27.46 13.40
C VAL A 158 13.57 -28.92 13.05
N GLY A 159 13.42 -29.22 11.77
CA GLY A 159 13.53 -30.59 11.31
C GLY A 159 13.71 -30.62 9.81
N CYS A 160 14.56 -31.53 9.30
CA CYS A 160 14.77 -31.63 7.86
C CYS A 160 13.49 -32.04 7.16
N ARG A 161 12.77 -33.00 7.75
CA ARG A 161 11.47 -33.40 7.21
C ARG A 161 10.40 -32.38 7.65
N ASP A 162 9.39 -32.17 6.81
CA ASP A 162 8.34 -31.21 7.12
C ASP A 162 7.03 -31.97 7.28
N VAL A 163 6.36 -31.81 8.43
CA VAL A 163 5.10 -32.51 8.67
C VAL A 163 3.93 -31.53 8.87
N ILE A 164 2.78 -31.83 8.25
CA ILE A 164 1.57 -30.98 8.34
C ILE A 164 0.38 -31.80 8.84
N LEU A 165 -0.36 -31.31 9.84
CA LEU A 165 -1.53 -32.00 10.38
C LEU A 165 -2.80 -31.17 10.13
N TYR A 166 -3.73 -31.69 9.29
CA TYR A 166 -5.01 -31.03 8.98
C TYR A 166 -6.01 -31.56 9.99
N ALA A 167 -6.35 -30.74 10.98
CA ALA A 167 -7.21 -31.22 12.06
C ALA A 167 -8.48 -30.45 12.31
N ASP A 168 -9.48 -31.17 12.81
CA ASP A 168 -10.70 -30.59 13.30
C ASP A 168 -10.45 -30.66 14.80
N ILE A 169 -10.06 -29.53 15.39
CA ILE A 169 -9.72 -29.44 16.79
C ILE A 169 -10.90 -29.76 17.72
N THR A 170 -12.11 -29.32 17.36
CA THR A 170 -13.35 -29.48 18.13
C THR A 170 -13.52 -30.85 18.80
N SER A 171 -13.35 -31.95 18.06
CA SER A 171 -13.50 -33.29 18.61
C SER A 171 -12.30 -33.71 19.47
N LYS A 172 -12.49 -34.78 20.25
CA LYS A 172 -11.43 -35.32 21.09
C LYS A 172 -10.46 -36.22 20.29
N SER A 173 -10.86 -36.66 19.08
CA SER A 173 -10.06 -37.46 18.15
C SER A 173 -8.73 -36.80 17.76
N PHE A 174 -8.59 -35.49 18.01
CA PHE A 174 -7.43 -34.69 17.71
C PHE A 174 -6.22 -34.96 18.64
N ALA A 175 -6.43 -34.86 19.97
CA ALA A 175 -5.43 -34.99 21.03
C ALA A 175 -4.27 -36.00 20.80
N PRO A 176 -4.50 -37.31 20.50
CA PRO A 176 -3.34 -38.21 20.30
C PRO A 176 -2.45 -37.87 19.10
N PHE A 177 -3.06 -37.47 17.97
CA PHE A 177 -2.34 -37.11 16.74
C PHE A 177 -1.34 -35.98 17.01
N HIS A 178 -1.80 -34.92 17.71
CA HIS A 178 -1.01 -33.75 18.09
C HIS A 178 0.26 -34.15 18.85
N GLU A 179 0.11 -34.90 19.95
CA GLU A 179 1.19 -35.35 20.81
C GLU A 179 2.26 -36.17 20.10
N VAL A 180 1.87 -36.88 19.04
CA VAL A 180 2.78 -37.69 18.24
C VAL A 180 3.78 -36.78 17.52
N ALA A 181 3.29 -35.67 16.95
CA ALA A 181 4.15 -34.73 16.24
C ALA A 181 4.74 -33.64 17.12
N MET A 182 4.15 -33.37 18.30
CA MET A 182 4.69 -32.38 19.22
C MET A 182 6.01 -32.92 19.75
N ASP A 183 6.03 -34.18 20.19
CA ASP A 183 7.20 -34.87 20.70
C ASP A 183 8.24 -35.08 19.59
N LEU A 184 7.77 -35.44 18.38
CA LEU A 184 8.62 -35.64 17.21
C LEU A 184 9.39 -34.35 16.86
N ALA A 185 8.75 -33.18 17.07
CA ALA A 185 9.37 -31.88 16.85
C ALA A 185 10.29 -31.55 18.02
N LYS A 186 9.88 -31.88 19.26
CA LYS A 186 10.68 -31.67 20.46
C LYS A 186 12.01 -32.42 20.35
N LYS A 187 12.01 -33.62 19.73
CA LYS A 187 13.20 -34.41 19.52
C LYS A 187 14.06 -33.77 18.42
N GLY A 188 13.43 -33.40 17.31
CA GLY A 188 14.10 -32.76 16.20
C GLY A 188 14.04 -33.52 14.89
N LYS A 189 13.18 -34.54 14.80
CA LYS A 189 13.04 -35.36 13.59
C LYS A 189 12.47 -34.57 12.41
N ALA A 190 11.48 -33.72 12.68
CA ALA A 190 10.82 -32.88 11.69
C ALA A 190 10.17 -31.63 12.34
N SER A 191 9.85 -30.61 11.54
CA SER A 191 9.21 -29.37 12.02
C SER A 191 7.68 -29.49 11.88
N TYR A 192 6.96 -29.11 12.95
CA TYR A 192 5.51 -29.25 13.10
C TYR A 192 4.69 -28.00 12.78
N ARG A 193 3.59 -28.15 12.02
CA ARG A 193 2.67 -27.06 11.75
C ARG A 193 1.23 -27.55 11.60
N VAL A 194 0.26 -26.75 12.09
CA VAL A 194 -1.14 -27.11 12.06
C VAL A 194 -1.96 -26.30 11.04
N ARG A 195 -2.80 -26.99 10.25
CA ARG A 195 -3.75 -26.41 9.32
C ARG A 195 -5.17 -26.85 9.71
N TYR A 196 -6.19 -26.04 9.42
CA TYR A 196 -7.55 -26.35 9.85
C TYR A 196 -8.40 -27.09 8.84
N ARG A 197 -9.41 -27.79 9.38
CA ARG A 197 -10.40 -28.52 8.63
C ARG A 197 -11.77 -28.06 9.12
N ARG A 198 -12.69 -27.75 8.19
CA ARG A 198 -14.03 -27.30 8.53
C ARG A 198 -14.75 -28.37 9.36
N SER A 199 -15.10 -28.01 10.58
CA SER A 199 -15.73 -28.91 11.55
C SER A 199 -17.25 -29.04 11.40
N PRO A 200 -17.74 -30.25 11.07
CA PRO A 200 -19.19 -30.45 10.91
C PRO A 200 -20.01 -30.48 12.20
N SER A 201 -19.37 -30.34 13.37
CA SER A 201 -20.06 -30.29 14.66
C SER A 201 -20.79 -28.94 14.82
N HIS A 202 -20.22 -27.87 14.23
CA HIS A 202 -20.75 -26.52 14.26
C HIS A 202 -21.84 -26.32 13.21
N SER A 203 -22.73 -25.36 13.46
CA SER A 203 -23.82 -25.04 12.55
C SER A 203 -23.39 -24.04 11.46
N ARG A 204 -24.19 -23.94 10.39
CA ARG A 204 -23.93 -23.04 9.26
C ARG A 204 -24.65 -21.69 9.48
N GLU A 205 -24.55 -21.14 10.70
CA GLU A 205 -25.14 -19.83 10.99
C GLU A 205 -24.12 -18.79 10.56
N SER A 206 -24.59 -17.69 9.95
CA SER A 206 -23.70 -16.62 9.54
C SER A 206 -23.12 -15.85 10.74
N LEU A 207 -22.03 -15.13 10.51
CA LEU A 207 -21.32 -14.39 11.53
C LEU A 207 -21.84 -12.97 11.70
N SER A 208 -22.09 -12.53 12.95
CA SER A 208 -22.53 -11.16 13.21
C SER A 208 -21.29 -10.32 13.52
N VAL A 209 -21.10 -9.23 12.78
CA VAL A 209 -19.92 -8.38 12.93
C VAL A 209 -20.17 -7.05 13.66
N ASN A 210 -19.07 -6.39 14.07
CA ASN A 210 -19.06 -5.07 14.70
C ASN A 210 -17.73 -4.35 14.36
N GLY A 211 -17.70 -3.06 14.60
CA GLY A 211 -16.57 -2.21 14.28
C GLY A 211 -16.87 -1.21 13.17
N TYR A 212 -18.16 -1.02 12.89
CA TYR A 212 -18.67 -0.12 11.86
C TYR A 212 -19.58 0.96 12.49
N GLY A 213 -20.00 1.91 11.67
CA GLY A 213 -20.89 2.97 12.12
C GLY A 213 -22.12 3.11 11.25
N VAL A 214 -23.21 3.61 11.81
CA VAL A 214 -24.44 3.84 11.06
C VAL A 214 -24.78 5.33 11.18
N GLU A 215 -25.25 5.92 10.08
CA GLU A 215 -25.63 7.32 10.07
C GLU A 215 -27.07 7.49 9.60
N LEU A 216 -27.78 8.45 10.16
CA LEU A 216 -29.14 8.79 9.75
C LEU A 216 -29.08 10.23 9.29
N VAL A 217 -28.99 10.41 7.97
CA VAL A 217 -28.83 11.70 7.30
C VAL A 217 -30.15 12.40 6.99
N LEU A 218 -30.26 13.68 7.37
CA LEU A 218 -31.44 14.50 7.08
C LEU A 218 -31.35 14.83 5.59
N LYS A 219 -32.35 14.41 4.79
CA LYS A 219 -32.31 14.68 3.35
C LYS A 219 -32.89 16.05 2.97
N ARG A 220 -33.63 16.69 3.88
CA ARG A 220 -34.14 18.04 3.63
C ARG A 220 -33.42 18.93 4.63
N THR A 221 -32.49 19.75 4.15
CA THR A 221 -31.75 20.67 5.01
C THR A 221 -32.17 22.15 4.79
N ASP A 222 -32.96 22.41 3.73
CA ASP A 222 -33.46 23.72 3.31
C ASP A 222 -34.11 24.55 4.42
N TYR A 223 -34.86 23.90 5.35
CA TYR A 223 -35.52 24.65 6.40
C TYR A 223 -34.55 25.04 7.52
N ILE A 224 -34.52 26.35 7.79
CA ILE A 224 -33.83 27.22 8.76
C ILE A 224 -34.42 28.62 8.45
N VAL A 225 -34.66 29.46 9.47
CA VAL A 225 -35.23 30.80 9.28
C VAL A 225 -34.22 31.79 8.68
N ILE A 259 -41.27 12.45 22.35
CA ILE A 259 -40.60 13.65 22.84
C ILE A 259 -40.33 14.66 21.72
N ALA A 260 -39.70 14.22 20.63
CA ALA A 260 -39.38 15.10 19.51
C ALA A 260 -40.29 14.84 18.32
N ASP A 261 -40.76 15.91 17.68
CA ASP A 261 -41.64 15.77 16.51
C ASP A 261 -40.78 15.93 15.25
N ILE A 262 -39.98 17.00 15.20
CA ILE A 262 -39.07 17.40 14.13
C ILE A 262 -38.10 18.41 14.74
N LYS A 263 -36.88 18.54 14.18
CA LYS A 263 -35.92 19.53 14.69
C LYS A 263 -36.46 20.94 14.46
N PRO A 264 -36.44 21.80 15.49
CA PRO A 264 -36.96 23.16 15.30
C PRO A 264 -35.88 24.07 14.72
N LEU A 265 -36.10 24.58 13.50
CA LEU A 265 -35.08 25.42 12.88
C LEU A 265 -35.15 26.82 13.37
N GLU A 266 -34.01 27.25 13.84
CA GLU A 266 -33.70 28.49 14.50
C GLU A 266 -33.09 29.50 13.54
N LYS A 267 -33.22 30.80 13.86
CA LYS A 267 -32.67 31.88 13.04
C LYS A 267 -31.16 31.74 12.93
N SER A 268 -30.65 31.87 11.70
CA SER A 268 -29.27 31.64 11.30
C SER A 268 -28.20 32.40 12.10
N GLU A 269 -27.99 31.97 13.33
CA GLU A 269 -26.94 32.43 14.21
C GLU A 269 -26.16 31.16 14.47
N LEU A 270 -25.60 30.62 13.40
CA LEU A 270 -24.87 29.38 13.42
C LEU A 270 -23.50 29.54 14.05
N ALA A 271 -22.85 30.67 13.79
CA ALA A 271 -21.49 31.01 14.24
C ALA A 271 -21.13 30.54 15.65
N ALA A 272 -22.04 30.65 16.61
CA ALA A 272 -21.75 30.28 17.99
C ALA A 272 -22.00 28.82 18.35
N LEU A 273 -22.58 28.01 17.46
CA LEU A 273 -22.91 26.62 17.73
C LEU A 273 -21.77 25.79 18.28
N GLY A 274 -20.62 25.82 17.61
CA GLY A 274 -19.46 25.08 18.07
C GLY A 274 -18.97 25.59 19.41
N MET A 275 -18.91 26.92 19.55
CA MET A 275 -18.43 27.58 20.76
C MET A 275 -19.30 27.29 21.98
N LYS A 276 -20.62 27.39 21.83
CA LYS A 276 -21.54 27.09 22.91
C LYS A 276 -21.56 25.59 23.19
N ALA A 277 -21.49 24.75 22.14
CA ALA A 277 -21.45 23.29 22.29
C ALA A 277 -20.25 22.85 23.10
N ALA A 278 -19.09 23.49 22.89
CA ALA A 278 -17.86 23.17 23.63
C ALA A 278 -17.99 23.48 25.12
N SER A 279 -18.65 24.61 25.46
CA SER A 279 -18.87 25.07 26.83
C SER A 279 -19.78 24.12 27.62
N PHE A 280 -20.89 23.67 27.01
CA PHE A 280 -21.90 22.76 27.57
C PHE A 280 -21.23 21.57 28.27
N VAL A 281 -20.25 21.00 27.60
CA VAL A 281 -19.45 19.85 27.98
C VAL A 281 -18.54 20.18 29.15
N MET A 282 -17.83 21.32 29.06
CA MET A 282 -16.91 21.75 30.10
C MET A 282 -17.65 21.98 31.42
N GLN A 283 -18.84 22.57 31.33
CA GLN A 283 -19.72 22.85 32.46
C GLN A 283 -20.23 21.60 33.16
N SER A 284 -20.63 20.58 32.38
CA SER A 284 -21.24 19.34 32.83
C SER A 284 -20.56 18.65 34.02
N GLU A 285 -19.23 18.51 33.98
CA GLU A 285 -18.44 17.84 35.03
C GLU A 285 -18.80 16.35 35.14
N LYS A 286 -18.73 15.72 33.98
CA LYS A 286 -18.80 14.33 33.46
C LYS A 286 -18.72 14.63 31.95
N PRO A 287 -17.56 15.11 31.48
CA PRO A 287 -17.49 15.68 30.15
C PRO A 287 -17.47 14.71 29.03
N PHE A 288 -16.84 13.55 29.23
CA PHE A 288 -16.75 12.57 28.18
C PHE A 288 -18.10 12.04 27.76
N GLU A 289 -18.96 11.77 28.74
CA GLU A 289 -20.29 11.26 28.46
C GLU A 289 -21.16 12.30 27.76
N ALA A 290 -21.01 13.57 28.15
CA ALA A 290 -21.79 14.65 27.57
C ALA A 290 -21.54 14.78 26.07
N LEU A 291 -20.26 14.76 25.66
CA LEU A 291 -19.83 14.87 24.28
C LEU A 291 -20.39 13.75 23.46
N LEU A 292 -20.40 12.53 23.99
CA LEU A 292 -20.93 11.39 23.29
C LEU A 292 -22.44 11.55 23.11
N LYS A 293 -23.14 11.90 24.20
CA LYS A 293 -24.58 12.07 24.16
C LYS A 293 -24.99 13.24 23.27
N LEU A 294 -24.21 14.31 23.26
CA LEU A 294 -24.48 15.49 22.45
C LEU A 294 -24.14 15.22 21.00
N THR A 295 -22.93 14.68 20.73
CA THR A 295 -22.48 14.44 19.37
C THR A 295 -23.28 13.37 18.61
N GLN A 296 -23.87 12.37 19.30
CA GLN A 296 -24.63 11.33 18.60
C GLN A 296 -25.98 11.83 18.08
N ASP A 297 -26.67 12.66 18.85
CA ASP A 297 -27.98 13.21 18.49
C ASP A 297 -27.90 14.72 18.26
N PHE A 298 -26.74 15.24 17.83
CA PHE A 298 -26.47 16.66 17.62
C PHE A 298 -27.54 17.46 16.84
N PRO A 299 -28.09 17.00 15.69
CA PRO A 299 -29.09 17.84 14.98
C PRO A 299 -30.30 18.20 15.82
N LYS A 300 -30.70 17.28 16.70
CA LYS A 300 -31.82 17.38 17.62
C LYS A 300 -31.56 18.43 18.72
N TYR A 301 -30.29 18.63 19.11
CA TYR A 301 -29.94 19.56 20.18
C TYR A 301 -29.52 20.96 19.72
N SER A 302 -29.62 21.28 18.43
CA SER A 302 -29.23 22.59 17.90
C SER A 302 -29.98 23.77 18.55
N ASN A 303 -31.31 23.74 18.55
CA ASN A 303 -32.14 24.78 19.17
C ASN A 303 -32.03 24.77 20.70
N SER A 304 -31.64 23.62 21.29
CA SER A 304 -31.44 23.47 22.73
C SER A 304 -30.11 24.10 23.22
N LEU A 305 -29.27 24.59 22.29
CA LEU A 305 -28.01 25.24 22.59
C LEU A 305 -28.16 26.74 22.48
N GLY A 306 -27.47 27.46 23.35
CA GLY A 306 -27.56 28.91 23.40
C GLY A 306 -28.51 29.40 24.47
N SER A 307 -28.85 28.53 25.44
CA SER A 307 -29.80 28.84 26.51
C SER A 307 -29.17 29.00 27.91
N GLN A 308 -29.77 29.89 28.74
CA GLN A 308 -29.46 30.20 30.14
C GLN A 308 -28.00 30.63 30.41
N ASN A 309 -27.58 31.79 29.85
CA ASN A 309 -26.22 32.35 29.96
C ASN A 309 -25.18 31.28 29.64
N VAL A 310 -25.37 30.70 28.46
CA VAL A 310 -24.70 29.56 27.84
C VAL A 310 -23.20 29.73 27.50
N SER A 311 -22.79 30.83 26.86
CA SER A 311 -21.43 31.04 26.38
C SER A 311 -20.30 30.70 27.36
N ALA A 312 -20.30 31.29 28.60
CA ALA A 312 -19.28 31.10 29.64
C ALA A 312 -17.87 31.17 29.05
N GLU A 313 -17.70 32.15 28.15
CA GLU A 313 -16.51 32.32 27.37
C GLU A 313 -15.32 32.82 28.14
N PHE A 314 -14.82 31.97 28.99
CA PHE A 314 -13.53 32.15 29.62
C PHE A 314 -12.55 31.71 28.49
N GLU A 315 -12.88 30.59 27.78
CA GLU A 315 -12.11 30.06 26.69
C GLU A 315 -12.33 30.75 25.34
N ALA A 316 -12.03 32.01 25.37
CA ALA A 316 -11.61 32.96 24.36
C ALA A 316 -10.06 33.12 24.59
N GLU A 317 -9.55 32.72 25.79
CA GLU A 317 -8.17 32.71 26.21
C GLU A 317 -7.39 31.66 25.42
N HIS A 318 -8.00 30.49 25.18
CA HIS A 318 -7.35 29.40 24.50
C HIS A 318 -7.25 29.55 22.99
N ARG A 319 -7.49 30.75 22.47
CA ARG A 319 -7.20 31.04 21.07
C ARG A 319 -5.75 31.53 20.90
N GLY A 320 -5.04 31.66 22.03
CA GLY A 320 -3.59 31.78 22.10
C GLY A 320 -3.05 30.42 21.69
N ASN A 321 -3.81 29.34 21.96
CA ASN A 321 -3.59 27.97 21.52
C ASN A 321 -3.74 27.94 20.01
N ARG A 322 -4.81 28.54 19.48
CA ARG A 322 -5.02 28.59 18.04
C ARG A 322 -3.89 29.38 17.37
N GLU A 323 -3.53 30.53 17.93
CA GLU A 323 -2.50 31.39 17.38
C GLU A 323 -1.12 30.75 17.28
N VAL A 324 -0.88 29.63 17.96
CA VAL A 324 0.42 28.96 17.88
C VAL A 324 0.38 27.69 17.01
N PHE A 325 -0.72 26.89 17.02
CA PHE A 325 -0.67 25.64 16.27
C PHE A 325 -1.84 25.37 15.27
N LEU A 326 -3.04 24.94 15.72
CA LEU A 326 -4.08 24.50 14.78
C LEU A 326 -5.21 25.47 14.44
N PRO A 327 -5.63 25.47 13.15
CA PRO A 327 -6.78 26.30 12.76
C PRO A 327 -8.10 25.77 13.30
N GLU A 328 -9.00 26.68 13.62
CA GLU A 328 -10.30 26.36 14.19
C GLU A 328 -11.16 25.41 13.36
N GLY A 329 -11.82 24.50 14.05
CA GLY A 329 -12.72 23.53 13.46
C GLY A 329 -12.06 22.33 12.80
N SER A 330 -10.78 22.09 13.11
CA SER A 330 -10.05 20.98 12.51
C SER A 330 -9.89 19.79 13.44
N ASN A 331 -10.13 18.58 12.92
CA ASN A 331 -9.98 17.36 13.71
C ASN A 331 -8.61 16.75 13.49
N VAL A 332 -7.83 16.57 14.57
CA VAL A 332 -6.48 15.99 14.48
C VAL A 332 -6.22 14.99 15.62
N LEU A 333 -5.78 13.77 15.29
CA LEU A 333 -5.48 12.76 16.30
C LEU A 333 -4.01 12.39 16.30
N TRP A 334 -3.45 12.22 17.49
CA TRP A 334 -2.08 11.80 17.69
C TRP A 334 -2.03 10.59 18.58
N LEU A 335 -1.16 9.65 18.25
CA LEU A 335 -0.96 8.47 19.06
C LEU A 335 0.54 8.43 19.30
N ASN A 336 0.96 8.92 20.48
CA ASN A 336 2.36 9.01 20.89
C ASN A 336 3.18 9.80 19.86
N GLY A 337 2.64 10.93 19.41
CA GLY A 337 3.29 11.78 18.43
C GLY A 337 2.87 11.50 17.00
N LEU A 338 2.53 10.24 16.70
CA LEU A 338 2.10 9.83 15.36
C LEU A 338 0.82 10.49 14.93
N HIS A 339 0.88 11.26 13.85
CA HIS A 339 -0.28 11.91 13.30
C HIS A 339 -1.01 10.89 12.43
N LEU A 340 -2.27 10.58 12.78
CA LEU A 340 -3.02 9.57 12.04
C LEU A 340 -3.94 10.15 11.00
N ILE A 341 -4.01 9.49 9.84
CA ILE A 341 -4.95 9.86 8.79
C ILE A 341 -6.32 9.26 9.15
N ASP A 342 -7.38 9.77 8.53
CA ASP A 342 -8.73 9.32 8.80
C ASP A 342 -8.97 7.83 8.59
N ARG A 343 -8.34 7.26 7.55
CA ARG A 343 -8.48 5.84 7.24
C ARG A 343 -8.01 4.95 8.40
N GLN A 344 -7.01 5.41 9.15
CA GLN A 344 -6.48 4.63 10.27
C GLN A 344 -7.34 4.74 11.53
N ILE A 345 -8.46 5.46 11.48
CA ILE A 345 -9.26 5.68 12.66
C ILE A 345 -10.56 4.92 12.58
N GLN A 346 -10.39 3.63 12.77
CA GLN A 346 -11.41 2.61 12.86
C GLN A 346 -10.93 1.67 13.99
N PRO A 347 -11.76 0.74 14.45
CA PRO A 347 -11.34 -0.14 15.54
C PRO A 347 -10.21 -1.08 15.14
N PHE A 348 -10.24 -1.57 13.91
CA PHE A 348 -9.23 -2.50 13.42
C PHE A 348 -7.88 -1.83 13.25
N GLY A 349 -7.89 -0.65 12.64
CA GLY A 349 -6.69 0.13 12.41
C GLY A 349 -6.04 0.56 13.70
N LEU A 350 -6.87 0.91 14.70
CA LEU A 350 -6.36 1.35 15.99
C LEU A 350 -5.85 0.21 16.87
N VAL A 351 -6.47 -0.99 16.80
CA VAL A 351 -6.01 -2.14 17.58
C VAL A 351 -4.63 -2.60 17.12
N ASP A 352 -4.39 -2.56 15.81
CA ASP A 352 -3.10 -2.95 15.26
C ASP A 352 -2.00 -1.96 15.66
N LEU A 353 -2.33 -0.66 15.77
CA LEU A 353 -1.38 0.36 16.16
C LEU A 353 -0.92 0.24 17.61
N LEU A 354 -1.84 -0.06 18.55
CA LEU A 354 -1.52 -0.23 19.97
C LEU A 354 -0.57 -1.42 20.13
N THR A 355 -0.89 -2.53 19.45
CA THR A 355 -0.14 -3.78 19.46
C THR A 355 1.33 -3.55 19.10
N ARG A 356 1.57 -2.78 18.01
CA ARG A 356 2.91 -2.45 17.55
C ARG A 356 3.60 -1.47 18.49
N GLU A 357 2.85 -0.49 18.99
CA GLU A 357 3.33 0.58 19.86
C GLU A 357 3.77 0.10 21.25
N ARG A 358 3.00 -0.80 21.86
CA ARG A 358 3.30 -1.31 23.19
C ARG A 358 4.57 -2.11 23.17
N LYS A 359 4.75 -2.98 22.17
CA LYS A 359 5.98 -3.79 21.98
C LYS A 359 7.23 -2.90 21.99
N LEU A 360 7.11 -1.74 21.34
CA LEU A 360 8.12 -0.70 21.19
C LEU A 360 8.41 -0.03 22.55
N ILE A 361 7.37 0.45 23.25
CA ILE A 361 7.51 1.15 24.52
C ILE A 361 7.95 0.25 25.67
N LYS A 362 7.37 -0.95 25.80
CA LYS A 362 7.74 -1.93 26.83
C LYS A 362 9.23 -2.23 26.77
N SER A 363 9.76 -2.36 25.54
CA SER A 363 11.18 -2.56 25.28
C SER A 363 12.00 -1.43 25.90
N VAL A 364 11.52 -0.19 25.77
CA VAL A 364 12.15 0.98 26.33
C VAL A 364 12.05 1.02 27.86
N LEU A 365 10.87 0.72 28.44
CA LEU A 365 10.70 0.87 29.88
C LEU A 365 11.28 -0.26 30.73
N ASP A 366 12.04 -1.17 30.13
CA ASP A 366 12.79 -2.16 30.90
C ASP A 366 14.16 -1.58 31.35
N LEU A 367 14.50 -0.36 30.87
CA LEU A 367 15.69 0.41 31.19
C LEU A 367 15.38 1.56 32.18
N GLY A 368 14.27 1.46 32.92
CA GLY A 368 13.88 2.45 33.91
C GLY A 368 13.40 3.79 33.39
N LEU A 369 12.56 3.77 32.35
CA LEU A 369 11.98 5.00 31.81
C LEU A 369 10.48 4.92 31.99
N THR A 370 9.83 6.02 32.42
CA THR A 370 8.38 6.01 32.56
C THR A 370 7.77 6.06 31.16
N GLY A 371 6.53 5.61 31.00
CA GLY A 371 5.84 5.68 29.72
C GLY A 371 5.81 7.09 29.16
N GLN A 372 5.70 8.07 30.06
CA GLN A 372 5.71 9.50 29.77
C GLN A 372 7.08 9.95 29.23
N GLN A 373 8.18 9.49 29.87
CA GLN A 373 9.55 9.80 29.45
C GLN A 373 9.86 9.16 28.10
N ALA A 374 9.43 7.90 27.92
CA ALA A 374 9.63 7.11 26.71
C ALA A 374 9.03 7.78 25.46
N VAL A 375 7.77 8.22 25.54
CA VAL A 375 7.06 8.87 24.43
C VAL A 375 7.72 10.21 24.09
N ASP A 376 8.10 10.97 25.12
CA ASP A 376 8.76 12.27 24.98
C ASP A 376 10.06 12.15 24.17
N LEU A 377 10.80 11.05 24.38
CA LEU A 377 12.05 10.76 23.68
C LEU A 377 11.77 10.42 22.21
N LEU A 378 10.71 9.66 21.95
CA LEU A 378 10.35 9.24 20.61
C LEU A 378 9.98 10.41 19.72
N GLY A 379 9.27 11.38 20.27
CA GLY A 379 8.84 12.55 19.51
C GLY A 379 9.73 13.76 19.67
N HIS A 380 11.01 13.53 19.99
CA HIS A 380 11.94 14.64 20.17
C HIS A 380 12.36 15.29 18.85
N ALA A 381 12.62 16.60 18.89
CA ALA A 381 13.02 17.43 17.77
C ALA A 381 14.27 16.94 17.02
N GLU A 382 15.31 16.54 17.77
CA GLU A 382 16.54 16.04 17.15
C GLU A 382 16.32 14.73 16.38
N VAL A 383 15.34 13.92 16.79
CA VAL A 383 14.98 12.66 16.16
C VAL A 383 14.33 12.91 14.79
N ALA A 384 13.31 13.78 14.75
CA ALA A 384 12.60 14.14 13.53
C ALA A 384 13.53 14.80 12.52
N HIS A 385 14.46 15.62 13.01
CA HIS A 385 15.45 16.32 12.19
C HIS A 385 16.29 15.33 11.42
N ALA A 386 16.66 14.20 12.02
CA ALA A 386 17.46 13.17 11.38
C ALA A 386 16.78 12.56 10.17
N LYS A 387 15.46 12.36 10.23
CA LYS A 387 14.73 11.80 9.09
C LYS A 387 14.78 12.78 7.93
N SER A 388 14.59 14.07 8.21
CA SER A 388 14.67 15.13 7.22
C SER A 388 16.08 15.26 6.66
N GLY A 389 17.07 15.13 7.53
CA GLY A 389 18.47 15.30 7.18
C GLY A 389 19.21 14.10 6.63
N ASP A 390 18.49 13.08 6.14
CA ASP A 390 19.17 11.91 5.56
C ASP A 390 19.26 11.97 4.05
N ASP A 391 19.62 13.13 3.49
CA ASP A 391 19.75 13.29 2.04
C ASP A 391 21.08 13.95 1.67
N GLU A 392 22.19 13.21 1.74
CA GLU A 392 23.51 13.77 1.41
C GLU A 392 24.28 12.97 0.33
N PRO A 393 24.97 13.66 -0.60
CA PRO A 393 25.70 12.95 -1.64
C PRO A 393 27.12 12.53 -1.25
N ARG A 394 27.71 11.59 -1.99
CA ARG A 394 29.07 11.07 -1.75
C ARG A 394 29.83 10.90 -3.11
N ARG A 395 31.05 10.33 -3.12
CA ARG A 395 31.79 10.09 -4.36
C ARG A 395 31.99 8.61 -4.63
N PHE A 396 32.09 8.23 -5.91
CA PHE A 396 32.24 6.86 -6.35
C PHE A 396 33.45 6.70 -7.27
N ASP A 397 34.12 5.56 -7.16
CA ASP A 397 35.34 5.17 -7.86
C ASP A 397 35.11 4.86 -9.34
N TRP A 398 35.36 5.83 -10.18
CA TRP A 398 35.16 5.82 -11.64
C TRP A 398 36.25 5.09 -12.44
N ARG A 399 37.26 4.55 -11.77
CA ARG A 399 38.41 3.97 -12.44
C ARG A 399 38.17 2.70 -13.25
N ASP A 400 39.11 2.47 -14.20
CA ASP A 400 39.23 1.35 -15.12
C ASP A 400 39.87 0.12 -14.45
N ASP A 401 40.62 0.32 -13.35
CA ASP A 401 41.38 -0.67 -12.58
C ASP A 401 40.68 -2.02 -12.39
N ILE A 402 39.38 -2.00 -12.04
CA ILE A 402 38.59 -3.21 -11.84
C ILE A 402 38.37 -3.93 -13.18
N GLU A 403 38.12 -3.17 -14.24
CA GLU A 403 37.92 -3.69 -15.59
C GLU A 403 39.21 -3.71 -16.43
N GLU A 404 40.37 -3.76 -15.74
CA GLU A 404 41.72 -3.86 -16.28
C GLU A 404 42.07 -2.87 -17.41
N GLY A 405 41.60 -1.64 -17.29
CA GLY A 405 41.88 -0.56 -18.23
C GLY A 405 41.34 -0.68 -19.64
N GLN A 406 40.33 -1.54 -19.86
CA GLN A 406 39.81 -1.75 -21.21
C GLN A 406 38.38 -1.26 -21.44
N VAL A 407 37.90 -0.28 -20.65
CA VAL A 407 36.52 0.20 -20.83
C VAL A 407 36.42 1.70 -21.19
N ILE A 408 37.18 2.59 -20.53
CA ILE A 408 37.10 4.02 -20.83
C ILE A 408 37.98 4.45 -21.98
N ILE A 409 37.40 5.11 -23.01
CA ILE A 409 38.18 5.57 -24.14
C ILE A 409 38.35 7.09 -24.09
N TRP A 410 39.47 7.50 -23.46
CA TRP A 410 39.84 8.89 -23.25
C TRP A 410 40.21 9.61 -24.53
N LEU A 411 39.78 10.86 -24.63
CA LEU A 411 40.12 11.79 -25.72
C LEU A 411 41.30 12.69 -25.31
N ASN A 412 41.79 12.56 -24.05
CA ASN A 412 42.81 13.38 -23.45
C ASN A 412 43.82 12.56 -22.66
N ASN A 413 44.92 13.23 -22.36
CA ASN A 413 45.98 12.90 -21.45
C ASN A 413 46.68 14.23 -21.30
N LEU A 414 46.61 14.78 -20.10
CA LEU A 414 47.21 16.09 -19.83
C LEU A 414 48.70 16.02 -19.54
N GLU A 415 49.21 14.84 -19.22
CA GLU A 415 50.62 14.66 -18.94
C GLU A 415 51.44 14.28 -20.18
N LYS A 416 50.77 13.78 -21.24
CA LYS A 416 51.43 13.36 -22.48
C LYS A 416 50.52 13.61 -23.71
N ASP A 417 50.28 14.89 -24.07
CA ASP A 417 49.44 15.14 -25.25
C ASP A 417 50.02 16.11 -26.28
N LYS A 418 51.13 16.78 -25.96
CA LYS A 418 51.81 17.72 -26.86
C LYS A 418 50.91 18.87 -27.36
N ARG A 419 49.91 19.21 -26.57
CA ARG A 419 48.98 20.33 -26.73
C ARG A 419 49.18 21.21 -25.50
N TYR A 420 49.24 20.57 -24.33
CA TYR A 420 49.48 21.13 -23.03
C TYR A 420 50.97 21.26 -22.74
N LYS A 421 51.87 20.70 -23.60
CA LYS A 421 53.32 20.75 -23.49
C LYS A 421 53.87 22.12 -23.04
N SER A 422 53.22 23.20 -23.49
CA SER A 422 53.60 24.57 -23.15
C SER A 422 53.45 24.88 -21.65
N PHE A 423 52.40 24.32 -21.03
CA PHE A 423 52.01 24.53 -19.63
C PHE A 423 52.90 23.88 -18.57
N SER A 424 52.82 24.40 -17.34
CA SER A 424 53.61 23.88 -16.23
C SER A 424 52.90 22.72 -15.56
N PRO A 425 53.67 21.70 -15.18
CA PRO A 425 53.08 20.58 -14.44
C PRO A 425 53.33 20.81 -12.93
N SER A 426 52.88 21.95 -12.39
CA SER A 426 53.09 22.24 -10.97
C SER A 426 51.83 22.30 -10.16
N ILE A 427 51.89 21.81 -8.93
CA ILE A 427 50.76 21.82 -8.01
C ILE A 427 50.34 23.25 -7.68
N TRP A 428 51.33 24.10 -7.41
CA TRP A 428 51.12 25.49 -7.02
C TRP A 428 50.43 26.33 -8.10
N VAL A 429 50.31 25.81 -9.33
CA VAL A 429 49.56 26.48 -10.40
C VAL A 429 48.09 26.47 -10.00
N LEU A 430 47.58 25.32 -9.53
CA LEU A 430 46.21 25.17 -9.11
C LEU A 430 45.92 26.05 -7.90
N ILE A 431 46.74 25.88 -6.86
CA ILE A 431 46.60 26.53 -5.58
C ILE A 431 46.69 28.05 -5.64
N HIS A 432 47.62 28.57 -6.44
CA HIS A 432 47.84 30.00 -6.49
C HIS A 432 47.10 30.75 -7.60
N HIS A 433 46.55 31.91 -7.22
CA HIS A 433 45.88 32.93 -8.01
C HIS A 433 44.59 32.44 -8.72
N PHE A 434 44.61 32.20 -10.06
CA PHE A 434 43.44 31.85 -10.87
C PHE A 434 42.45 33.05 -10.94
N GLY A 435 41.98 33.37 -12.14
CA GLY A 435 41.05 34.47 -12.33
C GLY A 435 39.61 34.03 -12.11
N HIS A 436 38.90 33.73 -13.20
CA HIS A 436 37.52 33.26 -13.14
C HIS A 436 37.27 32.08 -14.09
N GLY A 437 38.10 31.94 -15.13
CA GLY A 437 38.00 30.86 -16.11
C GLY A 437 38.44 29.52 -15.57
N LEU A 438 39.63 29.04 -15.99
CA LEU A 438 40.21 27.75 -15.59
C LEU A 438 41.74 27.78 -15.65
N PRO A 439 42.43 27.31 -14.60
CA PRO A 439 43.90 27.34 -14.63
C PRO A 439 44.50 26.21 -15.46
N GLN A 440 45.40 26.57 -16.38
CA GLN A 440 46.02 25.59 -17.24
C GLN A 440 47.22 24.95 -16.57
N ILE A 441 47.37 23.64 -16.74
CA ILE A 441 48.42 22.84 -16.08
C ILE A 441 48.68 21.56 -16.87
N ARG A 442 49.88 20.99 -16.74
CA ARG A 442 50.20 19.70 -17.34
C ARG A 442 50.18 18.66 -16.23
N ARG A 443 48.99 18.27 -15.79
CA ARG A 443 48.88 17.28 -14.74
C ARG A 443 47.56 16.55 -14.75
N ASP A 444 47.49 15.41 -14.07
CA ASP A 444 46.26 14.65 -13.95
C ASP A 444 45.60 15.10 -12.67
N VAL A 445 44.48 15.81 -12.76
CA VAL A 445 43.79 16.30 -11.56
C VAL A 445 42.28 16.17 -11.69
N PHE A 446 41.71 16.61 -12.82
CA PHE A 446 40.25 16.55 -13.00
C PHE A 446 39.89 15.59 -14.10
N ASN A 447 38.89 14.76 -13.85
CA ASN A 447 38.44 13.78 -14.85
C ASN A 447 36.95 13.82 -15.03
N LEU A 448 36.49 13.54 -16.25
CA LEU A 448 35.07 13.47 -16.54
C LEU A 448 34.79 12.28 -17.43
N VAL A 449 33.97 11.34 -16.96
CA VAL A 449 33.60 10.17 -17.75
C VAL A 449 32.11 10.24 -18.07
N VAL A 450 31.75 10.31 -19.37
CA VAL A 450 30.36 10.40 -19.79
C VAL A 450 29.90 9.16 -20.61
N PRO A 451 28.93 8.38 -20.11
CA PRO A 451 28.46 7.21 -20.88
C PRO A 451 27.57 7.59 -22.06
N VAL A 452 27.95 7.14 -23.28
CA VAL A 452 27.27 7.52 -24.51
C VAL A 452 26.75 6.32 -25.32
N ASP A 453 25.51 6.41 -25.84
CA ASP A 453 24.92 5.36 -26.68
C ASP A 453 25.22 5.71 -28.14
N LEU A 454 25.93 4.81 -28.86
CA LEU A 454 26.33 5.08 -30.24
C LEU A 454 25.22 4.87 -31.30
N THR A 455 24.05 4.34 -30.89
CA THR A 455 22.91 4.17 -31.79
C THR A 455 22.17 5.52 -31.89
N LYS A 456 22.02 6.22 -30.75
CA LYS A 456 21.31 7.50 -30.65
C LYS A 456 22.14 8.69 -31.15
N ALA A 457 21.57 9.45 -32.10
CA ALA A 457 22.19 10.62 -32.73
C ALA A 457 22.55 11.71 -31.73
N ASP A 458 21.63 12.05 -30.81
CA ASP A 458 21.86 13.09 -29.81
C ASP A 458 23.03 12.74 -28.90
N ASP A 459 23.15 11.45 -28.54
CA ASP A 459 24.24 10.96 -27.70
C ASP A 459 25.58 11.09 -28.43
N VAL A 460 25.63 10.67 -29.71
CA VAL A 460 26.82 10.72 -30.55
C VAL A 460 27.28 12.16 -30.75
N LYS A 461 26.32 13.08 -30.98
CA LYS A 461 26.53 14.52 -31.17
C LYS A 461 27.28 15.13 -29.99
N ILE A 462 27.03 14.65 -28.77
CA ILE A 462 27.68 15.13 -27.56
C ILE A 462 29.17 14.91 -27.62
N VAL A 463 29.61 13.71 -28.01
CA VAL A 463 31.03 13.42 -28.12
C VAL A 463 31.68 14.27 -29.21
N VAL A 464 31.11 14.25 -30.41
CA VAL A 464 31.63 14.93 -31.59
C VAL A 464 31.67 16.46 -31.45
N GLU A 465 30.58 17.08 -31.01
CA GLU A 465 30.57 18.54 -30.86
C GLU A 465 31.04 18.97 -29.47
N GLY A 466 30.32 18.52 -28.45
CA GLY A 466 30.59 18.85 -27.06
C GLY A 466 31.96 18.50 -26.55
N LEU A 467 32.28 17.20 -26.44
CA LEU A 467 33.55 16.72 -25.90
C LEU A 467 34.79 17.23 -26.63
N LEU A 468 34.79 17.21 -27.98
CA LEU A 468 35.94 17.62 -28.79
C LEU A 468 36.29 19.09 -28.70
N SER A 469 35.30 20.00 -28.67
CA SER A 469 35.55 21.45 -28.55
C SER A 469 36.40 21.71 -27.30
N PHE A 470 35.99 21.10 -26.18
CA PHE A 470 36.67 21.17 -24.90
C PHE A 470 38.13 20.73 -25.00
N VAL A 471 38.38 19.70 -25.82
CA VAL A 471 39.73 19.19 -26.05
C VAL A 471 40.55 20.27 -26.76
N LYS A 472 40.05 20.77 -27.91
CA LYS A 472 40.69 21.80 -28.73
C LYS A 472 40.95 23.08 -27.92
N ARG A 473 40.03 23.42 -27.01
CA ARG A 473 40.10 24.60 -26.14
C ARG A 473 41.17 24.56 -25.05
N LEU A 474 41.89 23.42 -24.91
CA LEU A 474 42.95 23.21 -23.93
C LEU A 474 42.47 23.35 -22.48
N ILE A 475 41.26 22.85 -22.20
CA ILE A 475 40.66 22.86 -20.87
C ILE A 475 41.44 21.90 -19.96
N PRO A 476 41.67 22.24 -18.68
CA PRO A 476 42.46 21.35 -17.80
C PRO A 476 41.71 20.13 -17.27
N VAL A 477 40.76 19.62 -18.04
CA VAL A 477 39.94 18.47 -17.66
C VAL A 477 40.16 17.33 -18.64
N ARG A 478 40.32 16.10 -18.15
CA ARG A 478 40.49 14.94 -19.01
C ARG A 478 39.11 14.41 -19.36
N PHE A 479 38.84 14.20 -20.66
CA PHE A 479 37.53 13.75 -21.10
C PHE A 479 37.51 12.32 -21.57
N GLY A 480 36.68 11.52 -20.92
CA GLY A 480 36.49 10.13 -21.28
C GLY A 480 35.04 9.81 -21.56
N PHE A 481 34.80 8.70 -22.24
CA PHE A 481 33.44 8.27 -22.54
C PHE A 481 33.37 6.77 -22.69
N VAL A 482 32.30 6.17 -22.17
CA VAL A 482 32.11 4.74 -22.25
C VAL A 482 30.81 4.45 -22.97
N PRO A 483 30.87 3.62 -24.02
CA PRO A 483 29.65 3.33 -24.78
C PRO A 483 28.60 2.56 -23.98
N LEU A 484 27.33 2.76 -24.31
CA LEU A 484 26.23 2.04 -23.67
C LEU A 484 25.82 0.92 -24.60
N THR A 485 25.62 -0.27 -24.04
CA THR A 485 25.32 -1.48 -24.79
C THR A 485 23.91 -2.08 -24.49
N PRO A 486 22.81 -1.40 -24.84
CA PRO A 486 21.48 -1.96 -24.55
C PRO A 486 20.83 -2.72 -25.72
N THR A 487 21.34 -2.55 -26.95
CA THR A 487 20.79 -3.19 -28.15
C THR A 487 21.91 -3.85 -28.97
N GLY A 488 21.54 -4.70 -29.92
CA GLY A 488 22.47 -5.36 -30.82
C GLY A 488 23.36 -4.40 -31.58
N GLN A 489 22.76 -3.40 -32.25
CA GLN A 489 23.48 -2.38 -33.02
C GLN A 489 24.51 -1.65 -32.15
N ALA A 490 24.12 -1.33 -30.90
CA ALA A 490 25.00 -0.67 -29.94
C ALA A 490 26.22 -1.54 -29.62
N ILE A 491 26.00 -2.86 -29.38
CA ILE A 491 27.07 -3.84 -29.09
C ILE A 491 28.10 -3.84 -30.22
N ASP A 492 27.62 -3.98 -31.48
CA ASP A 492 28.46 -3.99 -32.67
C ASP A 492 29.28 -2.71 -32.78
N GLN A 493 28.64 -1.54 -32.64
CA GLN A 493 29.33 -0.27 -32.76
C GLN A 493 30.35 -0.01 -31.68
N ALA A 494 30.18 -0.63 -30.49
CA ALA A 494 31.18 -0.50 -29.44
C ALA A 494 32.42 -1.29 -29.92
N LYS A 495 32.21 -2.54 -30.42
CA LYS A 495 33.26 -3.40 -30.99
C LYS A 495 34.05 -2.64 -32.06
N VAL A 496 33.33 -2.04 -33.04
CA VAL A 496 33.89 -1.31 -34.18
C VAL A 496 34.86 -0.21 -33.72
N VAL A 497 34.37 0.71 -32.87
CA VAL A 497 35.13 1.84 -32.35
C VAL A 497 36.31 1.37 -31.49
N TYR A 498 36.07 0.35 -30.65
CA TYR A 498 37.07 -0.24 -29.77
C TYR A 498 38.22 -0.84 -30.59
N TYR A 499 37.90 -1.59 -31.65
CA TYR A 499 38.87 -2.22 -32.55
C TYR A 499 39.71 -1.13 -33.21
N LEU A 500 39.03 -0.16 -33.82
CA LEU A 500 39.62 0.98 -34.53
C LEU A 500 40.58 1.77 -33.63
N LEU A 501 40.33 1.79 -32.32
CA LEU A 501 41.23 2.45 -31.39
C LEU A 501 42.48 1.59 -31.16
N GLU A 502 42.26 0.31 -30.83
CA GLU A 502 43.29 -0.68 -30.52
C GLU A 502 44.45 -0.74 -31.52
N ASN A 503 44.16 -0.90 -32.82
CA ASN A 503 45.23 -1.00 -33.82
C ASN A 503 45.61 0.33 -34.46
N TYR A 504 44.63 1.05 -34.99
CA TYR A 504 44.84 2.27 -35.75
C TYR A 504 45.02 3.53 -34.90
N GLY A 505 44.23 3.69 -33.85
CA GLY A 505 44.36 4.85 -32.98
C GLY A 505 43.12 5.70 -32.79
N LEU A 506 43.17 6.58 -31.78
CA LEU A 506 42.11 7.50 -31.37
C LEU A 506 41.53 8.35 -32.49
N ALA A 507 42.40 9.01 -33.27
CA ALA A 507 41.99 9.88 -34.38
C ALA A 507 41.17 9.16 -35.42
N ALA A 508 41.53 7.90 -35.73
CA ALA A 508 40.82 7.09 -36.72
C ALA A 508 39.43 6.74 -36.19
N ALA A 509 39.32 6.38 -34.90
CA ALA A 509 38.05 6.05 -34.25
C ALA A 509 37.16 7.29 -34.21
N THR A 510 37.77 8.44 -33.85
CA THR A 510 37.17 9.76 -33.81
C THR A 510 36.58 10.06 -35.18
N ALA A 511 37.39 9.84 -36.24
CA ALA A 511 37.03 10.05 -37.63
C ALA A 511 35.78 9.28 -38.00
N TYR A 512 35.68 7.98 -37.63
CA TYR A 512 34.48 7.20 -37.94
C TYR A 512 33.26 7.82 -37.27
N LEU A 513 33.36 8.17 -35.99
CA LEU A 513 32.27 8.79 -35.25
C LEU A 513 31.78 10.09 -35.90
N GLU A 514 32.70 11.01 -36.20
CA GLU A 514 32.38 12.30 -36.82
C GLU A 514 31.66 12.10 -38.15
N LYS A 515 32.27 11.30 -39.05
CA LYS A 515 31.73 11.02 -40.36
C LYS A 515 30.36 10.38 -40.26
N SER A 516 30.20 9.38 -39.38
CA SER A 516 28.94 8.67 -39.20
C SER A 516 27.82 9.61 -38.84
N TYR A 517 28.08 10.56 -37.91
CA TYR A 517 27.05 11.51 -37.54
C TYR A 517 26.60 12.37 -38.73
N GLU A 518 27.51 13.10 -39.38
CA GLU A 518 27.09 13.96 -40.48
C GLU A 518 26.64 13.17 -41.72
N GLU A 519 27.47 12.25 -42.18
CA GLU A 519 27.31 11.47 -43.39
C GLU A 519 26.14 10.47 -43.40
N GLN A 520 26.05 9.54 -42.44
CA GLN A 520 24.97 8.54 -42.46
C GLN A 520 23.79 8.92 -41.56
N SER A 521 24.06 9.66 -40.47
CA SER A 521 23.08 10.16 -39.50
C SER A 521 22.27 9.07 -38.77
N THR A 522 22.80 7.85 -38.62
CA THR A 522 22.14 6.76 -37.87
C THR A 522 23.16 5.96 -37.03
N GLY A 523 22.66 5.28 -35.99
CA GLY A 523 23.49 4.44 -35.14
C GLY A 523 24.16 3.34 -35.93
N GLN A 524 23.38 2.34 -36.38
CA GLN A 524 23.83 1.17 -37.16
C GLN A 524 25.15 1.35 -37.95
N PRO A 525 26.10 0.41 -37.77
CA PRO A 525 27.39 0.54 -38.48
C PRO A 525 27.24 0.57 -39.99
N ASN A 526 27.92 1.51 -40.62
CA ASN A 526 27.84 1.68 -42.06
C ASN A 526 29.21 1.43 -42.66
N GLU A 527 29.34 0.39 -43.47
CA GLU A 527 30.61 0.03 -44.11
C GLU A 527 30.92 0.99 -45.22
N ARG A 528 29.90 1.52 -45.93
CA ARG A 528 30.13 2.57 -46.94
C ARG A 528 30.86 3.75 -46.29
N ILE A 529 30.54 4.06 -45.03
CA ILE A 529 31.23 5.10 -44.28
C ILE A 529 32.50 4.58 -43.61
N PHE A 530 32.48 3.35 -43.08
CA PHE A 530 33.57 2.69 -42.38
C PHE A 530 34.79 2.47 -43.26
N ASN A 531 34.58 1.88 -44.45
CA ASN A 531 35.62 1.58 -45.42
C ASN A 531 36.36 2.84 -45.90
N GLU A 532 35.66 3.97 -46.05
CA GLU A 532 36.29 5.24 -46.45
C GLU A 532 37.31 5.68 -45.41
N VAL A 533 36.96 5.52 -44.12
CA VAL A 533 37.82 5.85 -43.00
C VAL A 533 39.09 5.00 -43.07
N ILE A 534 38.96 3.67 -43.21
CA ILE A 534 40.13 2.81 -43.34
C ILE A 534 40.92 3.14 -44.62
N LYS A 535 40.26 3.47 -45.74
CA LYS A 535 40.96 3.84 -46.99
C LYS A 535 42.15 4.81 -46.79
N ASP A 536 41.95 5.90 -46.02
CA ASP A 536 43.05 6.82 -45.75
C ASP A 536 43.66 6.62 -44.34
N LYS A 537 42.80 6.54 -43.32
CA LYS A 537 43.17 6.35 -41.91
C LYS A 537 43.82 5.01 -41.59
N SER A 538 43.85 4.08 -42.57
CA SER A 538 44.49 2.77 -42.43
C SER A 538 45.99 2.79 -42.64
N LEU A 539 46.59 3.98 -42.72
CA LEU A 539 48.02 4.12 -42.87
C LEU A 539 48.67 3.70 -41.56
N ARG A 540 49.65 2.80 -41.66
CA ARG A 540 50.49 2.25 -40.60
C ARG A 540 49.79 2.03 -39.22
N PRO A 541 48.78 1.14 -39.09
CA PRO A 541 48.21 0.86 -37.76
C PRO A 541 49.27 0.11 -36.95
N ASP A 542 49.90 0.81 -36.00
CA ASP A 542 51.01 0.30 -35.20
C ASP A 542 50.64 -0.76 -34.14
N GLY A 543 51.63 -1.22 -33.37
CA GLY A 543 51.46 -2.20 -32.33
C GLY A 543 50.99 -3.52 -32.89
N VAL A 544 49.96 -4.13 -32.26
CA VAL A 544 49.37 -5.37 -32.72
C VAL A 544 48.69 -5.13 -34.07
N GLU A 545 48.84 -6.07 -35.00
CA GLU A 545 48.32 -5.94 -36.35
C GLU A 545 46.81 -5.90 -36.47
N LEU A 546 46.36 -5.28 -37.57
CA LEU A 546 44.97 -5.18 -37.99
C LEU A 546 44.39 -6.57 -38.27
N SER A 547 43.08 -6.74 -38.07
CA SER A 547 42.43 -8.01 -38.41
C SER A 547 41.42 -7.78 -39.55
N PHE A 548 40.81 -6.58 -39.62
CA PHE A 548 39.86 -6.14 -40.62
C PHE A 548 38.50 -6.83 -40.59
N LYS A 549 37.65 -6.41 -41.56
CA LYS A 549 36.35 -6.82 -42.05
C LYS A 549 35.31 -7.23 -40.98
N ASP A 550 35.42 -8.43 -40.36
CA ASP A 550 34.39 -8.86 -39.42
C ASP A 550 34.86 -9.09 -38.00
N ILE A 551 34.06 -8.63 -37.05
CA ILE A 551 34.40 -8.77 -35.64
C ILE A 551 33.49 -9.72 -34.90
N PHE A 552 34.13 -10.69 -34.28
CA PHE A 552 33.59 -11.71 -33.39
C PHE A 552 34.74 -12.22 -32.51
N ILE A 553 35.71 -11.35 -32.16
CA ILE A 553 36.88 -11.73 -31.39
C ILE A 553 36.46 -12.26 -30.04
N SER A 554 36.90 -13.49 -29.71
CA SER A 554 36.59 -14.11 -28.42
C SER A 554 36.95 -13.20 -27.25
N GLU A 555 38.04 -12.44 -27.40
CA GLU A 555 38.49 -11.51 -26.39
C GLU A 555 37.92 -10.12 -26.61
N LYS A 556 38.01 -9.59 -27.83
CA LYS A 556 37.54 -8.24 -28.11
C LYS A 556 36.04 -8.09 -27.92
N HIS A 557 35.25 -9.00 -28.47
CA HIS A 557 33.81 -8.94 -28.27
C HIS A 557 33.46 -9.34 -26.85
N GLU A 558 34.05 -10.44 -26.32
CA GLU A 558 33.65 -10.86 -24.98
C GLU A 558 34.20 -9.95 -23.91
N LYS A 559 35.52 -9.97 -23.65
CA LYS A 559 36.14 -9.14 -22.63
C LYS A 559 35.76 -7.67 -22.70
N GLN A 560 36.07 -6.96 -23.80
CA GLN A 560 35.77 -5.53 -23.88
C GLN A 560 34.30 -5.18 -23.63
N ILE A 561 33.35 -5.78 -24.38
CA ILE A 561 31.94 -5.47 -24.20
C ILE A 561 31.40 -5.85 -22.82
N HIS A 562 31.75 -7.05 -22.32
CA HIS A 562 31.27 -7.47 -21.01
C HIS A 562 31.92 -6.68 -19.87
N LEU A 563 33.19 -6.25 -20.04
CA LEU A 563 33.88 -5.41 -19.06
C LEU A 563 33.18 -4.04 -19.02
N SER A 564 32.78 -3.51 -20.20
CA SER A 564 32.07 -2.24 -20.31
C SER A 564 30.74 -2.32 -19.57
N LYS A 565 29.99 -3.40 -19.80
CA LYS A 565 28.70 -3.66 -19.14
C LYS A 565 28.89 -3.71 -17.62
N HIS A 566 30.00 -4.31 -17.16
CA HIS A 566 30.36 -4.41 -15.74
C HIS A 566 30.63 -3.05 -15.12
N TRP A 567 31.13 -2.08 -15.90
CA TRP A 567 31.40 -0.73 -15.41
C TRP A 567 30.07 0.03 -15.26
N VAL A 568 29.21 -0.01 -16.29
CA VAL A 568 27.91 0.66 -16.31
C VAL A 568 27.02 0.13 -15.18
N GLU A 569 26.96 -1.19 -15.02
CA GLU A 569 26.18 -1.86 -13.98
C GLU A 569 26.68 -1.48 -12.59
N ARG A 570 28.01 -1.48 -12.40
CA ARG A 570 28.66 -1.21 -11.12
C ARG A 570 28.31 0.15 -10.55
N LEU A 571 28.23 1.16 -11.41
CA LEU A 571 27.94 2.52 -10.98
C LEU A 571 26.54 2.99 -11.40
N ARG A 572 25.65 2.07 -11.87
CA ARG A 572 24.30 2.36 -12.35
C ARG A 572 24.28 3.59 -13.27
N ALA A 573 25.14 3.56 -14.28
CA ALA A 573 25.33 4.67 -15.21
C ALA A 573 24.51 4.58 -16.50
N GLY A 574 23.47 3.76 -16.50
CA GLY A 574 22.63 3.61 -17.69
C GLY A 574 21.15 3.76 -17.43
N GLY A 575 20.35 3.36 -18.41
CA GLY A 575 18.91 3.41 -18.32
C GLY A 575 18.28 4.52 -19.14
N ASP A 576 17.08 4.96 -18.74
CA ASP A 576 16.35 6.04 -19.41
C ASP A 576 17.17 7.33 -19.29
N VAL A 577 17.72 7.60 -18.09
CA VAL A 577 18.57 8.75 -17.86
C VAL A 577 19.95 8.27 -17.39
N PRO A 578 20.96 8.37 -18.26
CA PRO A 578 22.32 7.95 -17.87
C PRO A 578 22.99 8.87 -16.84
N THR A 579 24.10 8.43 -16.25
CA THR A 579 24.79 9.19 -15.21
C THR A 579 26.24 9.50 -15.55
N VAL A 580 26.61 10.79 -15.51
CA VAL A 580 27.97 11.27 -15.78
C VAL A 580 28.73 11.37 -14.46
N PHE A 581 30.03 11.03 -14.45
CA PHE A 581 30.83 11.10 -13.23
C PHE A 581 31.98 12.05 -13.38
N PHE A 582 31.94 13.15 -12.63
CA PHE A 582 33.01 14.14 -12.61
C PHE A 582 33.68 14.02 -11.25
N ASP A 583 34.96 13.62 -11.21
CA ASP A 583 35.72 13.43 -9.97
C ASP A 583 35.00 12.49 -8.98
N GLY A 584 34.33 11.48 -9.52
CA GLY A 584 33.57 10.53 -8.72
C GLY A 584 32.24 11.05 -8.22
N PHE A 585 31.78 12.17 -8.75
CA PHE A 585 30.52 12.76 -8.34
C PHE A 585 29.47 12.54 -9.41
N PRO A 586 28.40 11.79 -9.09
CA PRO A 586 27.35 11.55 -10.10
C PRO A 586 26.53 12.78 -10.44
N ILE A 587 26.41 13.05 -11.73
CA ILE A 587 25.61 14.14 -12.31
C ILE A 587 24.81 13.49 -13.43
N PRO A 588 23.49 13.32 -13.26
CA PRO A 588 22.69 12.70 -14.33
C PRO A 588 22.73 13.51 -15.61
N ARG A 589 22.72 12.83 -16.76
CA ARG A 589 22.75 13.47 -18.07
C ARG A 589 21.41 14.12 -18.39
N GLU A 590 21.17 15.29 -17.81
CA GLU A 590 19.94 16.06 -18.00
C GLU A 590 20.23 17.54 -17.95
N ASP A 591 19.36 18.33 -18.60
CA ASP A 591 19.41 19.79 -18.65
C ASP A 591 20.82 20.31 -19.03
N ASN A 592 21.44 21.15 -18.20
CA ASN A 592 22.78 21.64 -18.43
C ASN A 592 23.67 21.04 -17.38
N TRP A 593 24.03 19.77 -17.57
CA TRP A 593 24.90 19.06 -16.64
C TRP A 593 26.30 19.66 -16.58
N LEU A 594 26.77 20.29 -17.68
CA LEU A 594 28.06 20.96 -17.72
C LEU A 594 28.09 22.15 -16.76
N ARG A 595 26.93 22.83 -16.58
CA ARG A 595 26.80 23.93 -15.63
C ARG A 595 27.02 23.38 -14.21
N VAL A 596 26.43 22.20 -13.91
CA VAL A 596 26.58 21.52 -12.63
C VAL A 596 28.03 21.07 -12.45
N MET A 597 28.65 20.55 -13.52
CA MET A 597 30.03 20.10 -13.53
C MET A 597 30.97 21.25 -13.19
N ASN A 598 30.79 22.40 -13.85
CA ASN A 598 31.61 23.59 -13.63
C ASN A 598 31.53 24.06 -12.19
N HIS A 599 30.35 23.95 -11.57
CA HIS A 599 30.16 24.34 -10.17
C HIS A 599 31.01 23.46 -9.26
N ARG A 600 31.01 22.15 -9.48
CA ARG A 600 31.83 21.23 -8.70
C ARG A 600 33.31 21.34 -9.04
N LEU A 601 33.65 21.71 -10.28
CA LEU A 601 35.02 21.89 -10.75
C LEU A 601 35.69 23.02 -9.97
N MET A 602 34.96 24.12 -9.76
CA MET A 602 35.46 25.26 -8.99
C MET A 602 35.52 24.89 -7.50
N GLN A 603 34.50 24.18 -7.01
CA GLN A 603 34.41 23.75 -5.61
C GLN A 603 35.48 22.71 -5.24
N ASP A 604 35.93 21.90 -6.20
CA ASP A 604 36.99 20.91 -6.02
C ASP A 604 38.35 21.62 -6.02
N LEU A 605 38.51 22.65 -6.85
CA LEU A 605 39.73 23.43 -6.94
C LEU A 605 39.99 24.11 -5.59
N GLN A 606 38.93 24.72 -5.00
CA GLN A 606 39.01 25.34 -3.68
C GLN A 606 39.32 24.31 -2.58
N ALA A 607 38.91 23.06 -2.79
CA ALA A 607 39.19 21.96 -1.87
C ALA A 607 40.66 21.55 -1.95
N LEU A 608 41.31 21.70 -3.13
CA LEU A 608 42.73 21.38 -3.29
C LEU A 608 43.58 22.47 -2.64
N GLN A 609 43.20 23.74 -2.86
CA GLN A 609 43.90 24.90 -2.33
C GLN A 609 44.09 24.83 -0.82
N GLN A 610 43.02 24.52 -0.07
CA GLN A 610 43.08 24.45 1.40
C GLN A 610 44.00 23.34 1.89
N ALA A 611 44.09 22.22 1.15
CA ALA A 611 45.00 21.14 1.53
C ALA A 611 46.47 21.56 1.31
N GLY A 612 46.70 22.33 0.24
CA GLY A 612 48.00 22.85 -0.11
C GLY A 612 48.54 23.79 0.94
N TYR A 613 47.69 24.70 1.45
CA TYR A 613 48.10 25.64 2.50
C TYR A 613 48.41 24.96 3.83
N PHE A 614 47.77 23.82 4.10
CA PHE A 614 48.08 23.04 5.30
C PHE A 614 49.26 22.06 5.08
N GLY A 615 49.83 22.05 3.89
CA GLY A 615 50.96 21.21 3.52
C GLY A 615 50.63 19.74 3.34
N MET A 616 49.34 19.41 3.20
CA MET A 616 48.89 18.03 3.02
C MET A 616 49.42 17.46 1.71
N LEU A 617 49.44 18.28 0.66
CA LEU A 617 49.87 17.89 -0.66
C LEU A 617 51.38 17.95 -0.89
N ASN A 618 51.86 17.12 -1.82
CA ASN A 618 53.25 17.09 -2.26
C ASN A 618 53.35 16.93 -3.77
N GLU A 619 54.51 17.25 -4.36
CA GLU A 619 54.77 17.16 -5.80
C GLU A 619 54.71 15.73 -6.34
N SER A 620 55.00 14.74 -5.49
CA SER A 620 54.93 13.34 -5.87
C SER A 620 53.62 12.78 -5.34
N MET A 621 52.53 12.99 -6.09
CA MET A 621 51.20 12.55 -5.65
C MET A 621 50.25 12.43 -6.81
N TRP A 622 49.34 11.45 -6.72
CA TRP A 622 48.30 11.34 -7.73
C TRP A 622 47.18 12.18 -7.17
N LEU A 623 46.95 13.33 -7.80
CA LEU A 623 45.94 14.27 -7.37
C LEU A 623 44.49 13.75 -7.44
N PRO A 624 44.04 12.99 -8.48
CA PRO A 624 42.66 12.51 -8.48
C PRO A 624 42.29 11.60 -7.29
N GLY A 625 43.29 10.98 -6.67
CA GLY A 625 43.12 10.10 -5.52
C GLY A 625 42.88 10.79 -4.19
N PHE A 626 42.92 12.13 -4.19
CA PHE A 626 42.58 12.94 -3.02
C PHE A 626 41.06 12.85 -2.78
N PHE A 627 40.29 12.76 -3.87
CA PHE A 627 38.83 12.62 -3.91
C PHE A 627 38.38 11.17 -3.74
N LEU A 628 39.17 10.23 -4.24
CA LEU A 628 38.91 8.80 -4.19
C LEU A 628 39.19 8.16 -2.81
N GLU A 629 39.66 8.96 -1.83
CA GLU A 629 39.98 8.51 -0.47
C GLU A 629 38.76 7.87 0.19
N LYS A 630 37.59 8.51 0.09
CA LYS A 630 36.37 7.97 0.69
C LYS A 630 35.35 7.51 -0.36
N ALA A 631 35.81 7.11 -1.54
CA ALA A 631 34.93 6.64 -2.59
C ALA A 631 34.65 5.14 -2.49
N LEU A 632 33.41 4.75 -2.77
CA LEU A 632 32.98 3.36 -2.77
C LEU A 632 33.09 2.79 -4.19
N SER A 633 33.43 1.50 -4.30
CA SER A 633 33.54 0.85 -5.60
C SER A 633 32.17 0.69 -6.26
N ARG A 634 31.17 0.22 -5.50
CA ARG A 634 29.84 0.01 -6.05
C ARG A 634 28.83 1.10 -5.67
N ARG A 635 27.99 1.51 -6.63
CA ARG A 635 26.97 2.55 -6.41
C ARG A 635 25.56 1.98 -6.38
N ASN A 636 24.93 2.09 -5.20
CA ASN A 636 23.63 1.62 -4.75
C ASN A 636 23.89 0.66 -3.57
N THR A 637 24.03 -0.68 -3.81
CA THR A 637 24.28 -1.76 -2.84
C THR A 637 23.54 -1.57 -1.50
N LEU A 638 23.14 -2.68 -0.85
CA LEU A 638 22.40 -2.65 0.41
C LEU A 638 23.22 -2.01 1.53
N ILE A 639 23.04 -0.70 1.69
CA ILE A 639 23.66 0.22 2.65
C ILE A 639 23.21 1.63 2.25
N PHE A 640 23.34 1.97 0.96
CA PHE A 640 22.93 3.27 0.44
C PHE A 640 22.01 3.02 -0.75
N PRO A 641 20.75 2.62 -0.49
CA PRO A 641 19.84 2.38 -1.60
C PRO A 641 19.30 3.68 -2.17
N GLU A 642 19.08 3.71 -3.50
CA GLU A 642 18.50 4.91 -4.12
C GLU A 642 17.04 5.09 -3.71
N ASP A 643 16.34 3.98 -3.40
CA ASP A 643 15.00 4.05 -2.89
C ASP A 643 15.24 4.23 -1.41
N LYS A 644 14.99 5.42 -0.92
CA LYS A 644 15.18 5.82 0.47
C LYS A 644 14.34 5.02 1.46
N ASN A 645 13.18 4.54 1.03
CA ASN A 645 12.27 3.80 1.87
C ASN A 645 12.69 2.37 2.18
N GLU A 646 13.49 1.78 1.28
CA GLU A 646 14.02 0.43 1.39
C GLU A 646 14.84 0.32 2.66
N LEU A 647 14.24 -0.18 3.73
CA LEU A 647 14.91 -0.25 5.02
C LEU A 647 14.18 -1.21 5.94
N THR A 648 14.94 -2.00 6.70
CA THR A 648 14.35 -2.92 7.67
C THR A 648 15.07 -2.81 9.00
N VAL A 649 14.32 -2.68 10.08
CA VAL A 649 14.86 -2.56 11.43
C VAL A 649 14.11 -3.52 12.36
N LEU A 650 14.81 -4.13 13.31
CA LEU A 650 14.19 -5.04 14.27
C LEU A 650 14.29 -4.48 15.68
N ASN A 651 13.35 -4.85 16.56
CA ASN A 651 13.41 -4.41 17.94
C ASN A 651 14.48 -5.26 18.62
N VAL A 652 15.55 -4.61 19.07
CA VAL A 652 16.69 -5.27 19.69
C VAL A 652 16.31 -5.93 21.01
N ASN A 653 15.55 -5.22 21.88
CA ASN A 653 15.15 -5.81 23.16
C ASN A 653 14.34 -7.07 22.96
N LYS A 654 13.46 -7.08 21.96
CA LYS A 654 12.65 -8.23 21.58
C LYS A 654 13.56 -9.40 21.20
N ILE A 655 14.58 -9.15 20.37
CA ILE A 655 15.56 -10.15 19.94
C ILE A 655 16.25 -10.85 21.12
N TYR A 656 16.57 -10.11 22.17
CA TYR A 656 17.23 -10.70 23.34
C TYR A 656 16.24 -11.17 24.43
N ILE A 657 14.92 -10.98 24.22
CA ILE A 657 13.89 -11.43 25.15
C ILE A 657 13.27 -12.75 24.65
N GLU A 658 12.82 -12.79 23.38
CA GLU A 658 12.20 -13.97 22.79
C GLU A 658 13.21 -15.11 22.61
N ASN A 659 14.43 -14.75 22.21
CA ASN A 659 15.45 -15.74 21.91
C ASN A 659 16.59 -15.77 22.92
N HIS A 660 16.26 -15.57 24.21
CA HIS A 660 17.24 -15.60 25.30
C HIS A 660 18.03 -16.91 25.31
N ASP A 661 17.36 -18.02 24.98
CA ASP A 661 17.97 -19.34 24.91
C ASP A 661 19.07 -19.34 23.85
N LEU A 662 18.83 -18.70 22.70
CA LEU A 662 19.79 -18.60 21.61
C LEU A 662 20.91 -17.58 21.89
N MET A 663 20.56 -16.33 22.21
CA MET A 663 21.49 -15.22 22.38
C MET A 663 22.37 -15.27 23.64
N SER A 664 22.08 -16.18 24.57
CA SER A 664 22.94 -16.37 25.74
C SER A 664 23.99 -17.50 25.48
N LYS A 665 23.93 -18.16 24.30
CA LYS A 665 24.83 -19.22 23.89
C LYS A 665 25.54 -18.92 22.54
N VAL A 666 25.41 -17.69 22.00
CA VAL A 666 26.11 -17.27 20.77
C VAL A 666 27.49 -16.73 21.15
N PRO A 667 28.52 -16.89 20.31
CA PRO A 667 29.84 -16.32 20.64
C PRO A 667 29.73 -14.79 20.70
N VAL A 668 30.07 -14.19 21.84
CA VAL A 668 29.95 -12.74 22.03
C VAL A 668 31.29 -12.08 22.36
N ILE A 669 31.66 -11.02 21.63
CA ILE A 669 32.83 -10.23 21.95
C ILE A 669 32.28 -8.97 22.57
N GLU A 670 32.48 -8.81 23.87
CA GLU A 670 32.02 -7.63 24.58
C GLU A 670 32.80 -6.42 24.11
N ALA A 671 32.15 -5.27 24.05
CA ALA A 671 32.81 -4.02 23.71
C ALA A 671 33.70 -3.62 24.88
N SER A 672 34.84 -2.99 24.60
CA SER A 672 35.83 -2.60 25.61
C SER A 672 35.27 -1.91 26.85
N LYS A 673 35.89 -2.23 27.99
CA LYS A 673 35.54 -1.67 29.30
C LYS A 673 35.82 -0.18 29.39
N GLU A 674 36.86 0.29 28.68
CA GLU A 674 37.27 1.67 28.75
C GLU A 674 37.11 2.35 27.40
N SER A 675 35.86 2.58 27.02
CA SER A 675 35.47 3.25 25.79
C SER A 675 34.30 4.19 26.10
N THR A 676 34.07 5.18 25.25
CA THR A 676 33.05 6.19 25.53
C THR A 676 31.70 5.91 24.88
N ARG A 677 30.64 6.48 25.50
CA ARG A 677 29.25 6.40 25.10
C ARG A 677 29.07 6.71 23.63
N ASP A 678 29.79 7.73 23.12
CA ASP A 678 29.72 8.09 21.72
C ASP A 678 30.29 6.98 20.82
N ASP A 679 31.34 6.29 21.28
CA ASP A 679 31.94 5.18 20.56
C ASP A 679 31.06 3.93 20.52
N TRP A 680 30.23 3.72 21.56
CA TRP A 680 29.37 2.55 21.68
C TRP A 680 28.43 2.28 20.51
N ALA A 681 28.36 0.99 20.12
CA ALA A 681 27.54 0.44 19.05
C ALA A 681 27.45 -1.09 19.20
N ALA A 682 26.35 -1.70 18.75
CA ALA A 682 26.15 -3.15 18.84
C ALA A 682 25.96 -3.78 17.46
N LEU A 683 26.76 -4.80 17.15
CA LEU A 683 26.72 -5.51 15.87
C LEU A 683 26.45 -7.00 16.07
N THR A 684 25.63 -7.57 15.18
CA THR A 684 25.27 -8.98 15.16
C THR A 684 25.41 -9.47 13.71
N VAL A 685 26.14 -10.57 13.50
CA VAL A 685 26.33 -11.11 12.14
C VAL A 685 25.62 -12.44 12.01
N VAL A 686 24.78 -12.60 10.99
CA VAL A 686 24.06 -13.85 10.70
C VAL A 686 24.68 -14.42 9.43
N ALA A 687 25.24 -15.64 9.49
CA ALA A 687 25.91 -16.22 8.32
C ALA A 687 25.95 -17.73 8.27
N ASP A 688 26.00 -18.28 7.03
CA ASP A 688 26.11 -19.71 6.78
C ASP A 688 27.58 -20.07 6.82
N LEU A 689 28.04 -20.62 7.94
CA LEU A 689 29.45 -21.00 8.09
C LEU A 689 29.81 -22.27 7.30
N ASP A 690 28.86 -22.91 6.61
CA ASP A 690 29.10 -24.05 5.72
C ASP A 690 29.38 -23.59 4.26
N ASP A 691 29.51 -22.27 4.05
CA ASP A 691 29.80 -21.65 2.76
C ASP A 691 30.95 -20.66 2.92
N ILE A 692 31.76 -20.50 1.86
CA ILE A 692 32.90 -19.60 1.86
C ILE A 692 32.49 -18.16 2.15
N GLU A 693 31.40 -17.69 1.54
CA GLU A 693 30.88 -16.34 1.71
C GLU A 693 30.44 -16.07 3.13
N GLY A 694 29.83 -17.07 3.76
CA GLY A 694 29.37 -16.97 5.13
C GLY A 694 30.49 -16.81 6.13
N GLN A 695 31.56 -17.58 5.97
CA GLN A 695 32.71 -17.49 6.87
C GLN A 695 33.64 -16.32 6.54
N GLU A 696 33.64 -15.87 5.27
CA GLU A 696 34.45 -14.73 4.85
C GLU A 696 33.91 -13.48 5.52
N LEU A 697 32.58 -13.29 5.47
CA LEU A 697 31.86 -12.17 6.05
C LEU A 697 32.16 -12.00 7.55
N VAL A 698 32.24 -13.11 8.29
CA VAL A 698 32.54 -13.10 9.72
C VAL A 698 33.99 -12.66 9.99
N TYR A 699 34.93 -13.09 9.12
CA TYR A 699 36.34 -12.70 9.26
C TYR A 699 36.49 -11.18 9.19
N TYR A 700 35.77 -10.55 8.26
CA TYR A 700 35.74 -9.10 8.07
C TYR A 700 35.16 -8.38 9.28
N ALA A 701 34.14 -8.98 9.90
CA ALA A 701 33.48 -8.42 11.09
C ALA A 701 34.44 -8.48 12.28
N LEU A 702 35.21 -9.56 12.38
CA LEU A 702 36.22 -9.74 13.43
C LEU A 702 37.35 -8.74 13.24
N ARG A 703 37.78 -8.52 11.97
CA ARG A 703 38.82 -7.57 11.60
C ARG A 703 38.39 -6.17 12.01
N PHE A 704 37.14 -5.80 11.68
CA PHE A 704 36.56 -4.52 11.99
C PHE A 704 36.49 -4.29 13.52
N ARG A 705 36.25 -5.35 14.28
CA ARG A 705 36.17 -5.28 15.74
C ARG A 705 37.53 -4.95 16.38
N LYS A 706 38.65 -5.47 15.84
CA LYS A 706 39.99 -5.19 16.36
C LYS A 706 40.26 -3.68 16.34
N SER A 707 39.87 -3.02 15.24
CA SER A 707 40.05 -1.59 15.02
C SER A 707 39.12 -0.74 15.87
N ASN A 708 37.85 -1.13 15.98
CA ASN A 708 36.88 -0.37 16.75
C ASN A 708 36.56 -1.00 18.09
N ASP A 709 37.17 -0.46 19.16
CA ASP A 709 37.05 -0.93 20.54
C ASP A 709 35.65 -0.76 21.15
N GLY A 710 34.86 0.16 20.61
CA GLY A 710 33.53 0.44 21.13
C GLY A 710 32.43 -0.53 20.75
N VAL A 711 32.62 -1.29 19.66
CA VAL A 711 31.62 -2.25 19.14
C VAL A 711 31.52 -3.52 19.99
N ARG A 712 30.30 -4.07 20.12
CA ARG A 712 30.02 -5.32 20.82
C ARG A 712 29.51 -6.30 19.75
N LEU A 713 30.27 -7.37 19.46
CA LEU A 713 29.95 -8.33 18.39
C LEU A 713 29.27 -9.62 18.84
N ASP A 714 28.34 -10.13 18.01
CA ASP A 714 27.60 -11.39 18.18
C ASP A 714 27.68 -12.18 16.87
N ILE A 715 27.81 -13.51 16.94
CA ILE A 715 27.85 -14.33 15.74
C ILE A 715 26.74 -15.38 15.75
N VAL A 716 25.88 -15.36 14.74
CA VAL A 716 24.77 -16.30 14.59
C VAL A 716 25.01 -17.17 13.36
N HIS A 717 25.13 -18.49 13.56
CA HIS A 717 25.34 -19.41 12.46
C HIS A 717 24.01 -19.87 11.89
N ASN A 718 23.74 -19.49 10.65
CA ASN A 718 22.51 -19.84 9.94
C ASN A 718 22.85 -20.74 8.73
N PRO A 719 22.77 -22.07 8.89
CA PRO A 719 23.10 -22.96 7.78
C PRO A 719 21.95 -23.34 6.85
N LYS A 720 22.26 -23.50 5.56
CA LYS A 720 21.30 -23.87 4.53
C LYS A 720 20.83 -25.31 4.71
N ASP A 721 21.78 -26.22 5.00
CA ASP A 721 21.51 -27.64 5.19
C ASP A 721 21.26 -27.94 6.67
N CYS A 722 20.13 -28.58 6.95
CA CYS A 722 19.67 -28.96 8.29
C CYS A 722 20.09 -30.38 8.70
N SER A 723 20.86 -31.10 7.87
CA SER A 723 21.26 -32.48 8.15
C SER A 723 22.08 -32.54 9.43
N ARG A 724 23.01 -31.59 9.57
CA ARG A 724 23.84 -31.46 10.77
C ARG A 724 23.24 -30.32 11.63
N SER A 725 23.15 -30.54 12.94
CA SER A 725 22.59 -29.56 13.88
C SER A 725 23.35 -28.25 13.89
N PRO A 726 22.65 -27.11 13.87
CA PRO A 726 23.35 -25.82 13.89
C PRO A 726 24.11 -25.52 15.18
N SER A 727 23.69 -26.13 16.30
CA SER A 727 24.32 -25.91 17.60
C SER A 727 25.78 -26.31 17.69
N VAL A 728 26.20 -27.33 16.93
CA VAL A 728 27.59 -27.80 16.98
C VAL A 728 28.61 -26.71 16.60
N LEU A 729 28.45 -26.05 15.43
CA LEU A 729 29.38 -25.01 14.98
C LEU A 729 29.38 -23.78 15.88
N ALA A 730 28.25 -23.49 16.54
CA ALA A 730 28.15 -22.39 17.48
C ALA A 730 28.94 -22.75 18.76
N GLN A 731 28.82 -24.01 19.21
CA GLN A 731 29.53 -24.53 20.37
C GLN A 731 31.05 -24.58 20.12
N ARG A 732 31.47 -24.79 18.85
CA ARG A 732 32.88 -24.82 18.45
C ARG A 732 33.51 -23.45 18.66
N LEU A 733 32.76 -22.37 18.37
CA LEU A 733 33.23 -21.00 18.47
C LEU A 733 33.19 -20.42 19.87
N LYS A 734 32.14 -20.73 20.65
CA LYS A 734 32.05 -20.21 22.02
C LYS A 734 33.18 -20.74 22.94
N SER A 735 33.76 -21.89 22.58
CA SER A 735 34.92 -22.44 23.28
C SER A 735 36.15 -21.57 22.94
N ARG A 736 36.25 -21.13 21.68
CA ARG A 736 37.32 -20.27 21.18
C ARG A 736 37.04 -18.76 21.37
N GLU A 737 35.91 -18.42 22.00
CA GLU A 737 35.40 -17.07 22.25
C GLU A 737 36.42 -16.14 22.87
N ASP A 738 37.18 -16.65 23.83
CA ASP A 738 38.24 -15.89 24.51
C ASP A 738 39.36 -15.53 23.52
N LYS A 739 39.68 -16.47 22.63
CA LYS A 739 40.72 -16.35 21.63
C LYS A 739 40.25 -15.66 20.34
N LEU A 740 38.97 -15.26 20.24
CA LEU A 740 38.45 -14.56 19.07
C LEU A 740 39.23 -13.28 18.80
N LEU A 741 39.34 -12.93 17.52
CA LEU A 741 40.07 -11.80 16.93
C LEU A 741 41.57 -11.84 17.28
N ASP A 742 42.11 -13.03 17.35
CA ASP A 742 43.55 -13.28 17.44
C ASP A 742 43.98 -14.09 16.18
N PHE A 743 43.13 -14.09 15.13
CA PHE A 743 43.28 -14.79 13.89
C PHE A 743 44.09 -13.94 12.96
N THR A 744 45.40 -14.13 13.00
CA THR A 744 46.37 -13.45 12.14
C THR A 744 46.00 -13.70 10.67
N ARG A 745 45.61 -14.94 10.35
CA ARG A 745 45.17 -15.31 9.02
C ARG A 745 43.77 -15.95 9.05
N PHE A 746 43.12 -15.96 7.87
CA PHE A 746 41.77 -16.49 7.69
C PHE A 746 41.64 -17.97 8.04
N LEU A 747 42.67 -18.78 7.69
CA LEU A 747 42.69 -20.22 7.97
C LEU A 747 42.49 -20.53 9.45
N ASP A 748 42.97 -19.65 10.34
CA ASP A 748 42.83 -19.85 11.77
C ASP A 748 41.35 -19.93 12.18
N LEU A 749 40.49 -19.14 11.52
CA LEU A 749 39.05 -19.14 11.77
C LEU A 749 38.42 -20.40 11.17
N GLU A 750 38.84 -20.76 9.95
CA GLU A 750 38.35 -21.94 9.25
C GLU A 750 38.65 -23.22 10.02
N THR A 751 39.87 -23.34 10.55
CA THR A 751 40.32 -24.50 11.32
C THR A 751 39.57 -24.61 12.65
N ALA A 752 39.31 -23.47 13.31
CA ALA A 752 38.58 -23.43 14.58
C ALA A 752 37.16 -24.00 14.43
N LEU A 753 36.55 -23.81 13.25
CA LEU A 753 35.21 -24.30 12.95
C LEU A 753 35.17 -25.82 12.86
N GLU A 754 36.23 -26.43 12.33
CA GLU A 754 36.24 -27.87 12.10
C GLU A 754 36.67 -28.72 13.30
N THR A 755 37.50 -28.18 14.20
CA THR A 755 38.01 -28.93 15.36
C THR A 755 37.13 -28.90 16.61
N GLY A 756 37.01 -30.05 17.26
CA GLY A 756 36.24 -30.20 18.49
C GLY A 756 35.06 -31.15 18.34
N GLU A 757 34.72 -31.87 19.42
CA GLU A 757 33.58 -32.79 19.37
C GLU A 757 32.48 -32.27 20.28
N PHE A 758 31.28 -32.04 19.72
CA PHE A 758 30.20 -31.47 20.50
C PHE A 758 28.86 -32.20 20.41
N GLU A 759 28.08 -32.00 21.48
CA GLU A 759 26.76 -32.52 21.77
C GLU A 759 25.72 -31.51 21.30
N PRO A 760 24.86 -31.87 20.34
CA PRO A 760 23.87 -30.91 19.84
C PRO A 760 22.86 -30.45 20.89
N ASP A 761 22.85 -29.15 21.18
CA ASP A 761 21.88 -28.57 22.07
C ASP A 761 20.67 -28.33 21.19
N VAL A 762 19.72 -29.27 21.20
CA VAL A 762 18.50 -29.16 20.38
C VAL A 762 17.57 -28.03 20.88
N ALA A 763 17.75 -27.57 22.13
CA ALA A 763 16.98 -26.43 22.64
C ALA A 763 17.45 -25.15 21.93
N TYR A 764 18.78 -25.05 21.64
CA TYR A 764 19.39 -23.94 20.91
C TYR A 764 18.83 -23.89 19.49
N ASP A 765 18.78 -25.06 18.81
CA ASP A 765 18.29 -25.23 17.44
C ASP A 765 16.88 -24.65 17.29
N ALA A 766 16.00 -24.95 18.26
CA ALA A 766 14.61 -24.49 18.28
C ALA A 766 14.50 -22.96 18.37
N SER A 767 15.25 -22.34 19.29
CA SER A 767 15.25 -20.88 19.43
C SER A 767 15.88 -20.20 18.20
N LEU A 768 16.81 -20.88 17.52
CA LEU A 768 17.47 -20.38 16.32
C LEU A 768 16.46 -20.23 15.18
N ALA A 769 15.68 -21.28 14.88
CA ALA A 769 14.67 -21.22 13.80
C ALA A 769 13.49 -20.30 14.12
N ASN A 770 13.25 -20.00 15.40
CA ASN A 770 12.19 -19.07 15.80
C ASN A 770 12.65 -17.63 15.47
N PHE A 771 13.93 -17.34 15.73
CA PHE A 771 14.58 -16.07 15.46
C PHE A 771 14.49 -15.69 13.98
N LEU A 772 14.85 -16.61 13.08
CA LEU A 772 14.80 -16.40 11.63
C LEU A 772 13.38 -16.16 11.15
N ALA A 773 12.42 -16.87 11.73
CA ALA A 773 11.01 -16.73 11.37
C ALA A 773 10.49 -15.36 11.79
N SER A 774 10.86 -14.92 13.01
CA SER A 774 10.47 -13.61 13.54
C SER A 774 11.11 -12.50 12.70
N SER A 775 12.38 -12.68 12.34
CA SER A 775 13.17 -11.72 11.59
C SER A 775 13.05 -11.83 10.06
N ASN A 776 12.17 -12.73 9.56
CA ASN A 776 11.95 -12.95 8.12
C ASN A 776 13.25 -13.26 7.37
N MET A 777 13.97 -14.29 7.82
CA MET A 777 15.23 -14.68 7.21
C MET A 777 15.15 -16.12 6.76
N LYS A 778 15.66 -16.38 5.55
CA LYS A 778 15.71 -17.71 4.95
C LYS A 778 16.95 -18.47 5.46
N ALA A 779 17.02 -19.80 5.22
CA ALA A 779 18.16 -20.61 5.62
C ALA A 779 19.29 -20.49 4.61
N GLY A 780 20.51 -20.44 5.10
CA GLY A 780 21.71 -20.30 4.29
C GLY A 780 21.92 -18.92 3.70
N ASP A 781 21.25 -17.90 4.27
CA ASP A 781 21.35 -16.52 3.80
C ASP A 781 22.14 -15.67 4.79
N ASN A 782 23.01 -14.81 4.27
CA ASN A 782 23.87 -13.96 5.09
C ASN A 782 23.27 -12.59 5.34
N PHE A 783 23.31 -12.11 6.59
CA PHE A 783 22.76 -10.82 7.00
C PHE A 783 23.68 -10.13 8.03
N VAL A 784 23.62 -8.79 8.09
CA VAL A 784 24.42 -8.00 9.02
C VAL A 784 23.47 -7.05 9.77
N ILE A 785 23.56 -7.01 11.11
CA ILE A 785 22.69 -6.18 11.94
C ILE A 785 23.44 -5.25 12.88
N LEU A 786 23.44 -3.94 12.58
CA LEU A 786 24.05 -2.97 13.47
C LEU A 786 22.93 -2.13 14.05
N ASN A 787 22.79 -2.16 15.38
CA ASN A 787 21.79 -1.43 16.14
C ASN A 787 20.36 -1.62 15.61
N GLY A 788 20.02 -2.86 15.30
CA GLY A 788 18.69 -3.21 14.81
C GLY A 788 18.50 -3.20 13.31
N ARG A 789 19.29 -2.43 12.57
CA ARG A 789 19.14 -2.33 11.12
C ARG A 789 19.75 -3.51 10.38
N VAL A 790 18.93 -4.18 9.55
CA VAL A 790 19.33 -5.37 8.79
C VAL A 790 19.70 -5.06 7.34
N LEU A 791 20.83 -5.60 6.88
CA LEU A 791 21.27 -5.48 5.50
C LEU A 791 21.45 -6.89 4.98
N GLY A 792 20.87 -7.17 3.82
CA GLY A 792 20.97 -8.49 3.22
C GLY A 792 19.78 -8.90 2.39
N PRO A 793 19.77 -10.14 1.84
CA PRO A 793 20.81 -11.19 1.95
C PRO A 793 22.07 -10.88 1.15
N ILE A 794 23.24 -11.20 1.75
CA ILE A 794 24.53 -10.98 1.12
C ILE A 794 24.85 -12.18 0.25
N THR A 795 24.79 -11.98 -1.08
CA THR A 795 25.07 -13.05 -2.04
C THR A 795 26.56 -13.34 -2.12
N SER A 796 27.39 -12.29 -2.13
CA SER A 796 28.83 -12.43 -2.19
C SER A 796 29.46 -11.61 -1.07
N ALA A 797 30.35 -12.21 -0.26
CA ALA A 797 31.04 -11.55 0.85
C ALA A 797 31.97 -10.42 0.42
N ASP A 798 32.29 -10.34 -0.88
CA ASP A 798 33.09 -9.25 -1.44
C ASP A 798 32.29 -7.93 -1.43
N ASP A 799 30.95 -8.00 -1.39
CA ASP A 799 30.04 -6.85 -1.31
C ASP A 799 30.17 -6.20 0.07
N PHE A 800 30.34 -6.99 1.13
CA PHE A 800 30.49 -6.45 2.48
C PHE A 800 31.87 -6.76 3.07
N LYS A 801 32.80 -5.82 2.94
CA LYS A 801 34.16 -5.94 3.46
C LYS A 801 34.36 -5.09 4.74
N LYS A 802 35.55 -5.16 5.37
CA LYS A 802 35.90 -4.40 6.57
C LYS A 802 35.63 -2.90 6.41
N GLU A 803 35.97 -2.36 5.23
CA GLU A 803 35.76 -0.96 4.86
C GLU A 803 34.26 -0.62 4.77
N ASP A 804 33.44 -1.60 4.38
CA ASP A 804 31.99 -1.45 4.27
C ASP A 804 31.33 -1.42 5.64
N PHE A 805 31.89 -2.12 6.64
CA PHE A 805 31.38 -2.09 8.01
C PHE A 805 31.65 -0.70 8.61
N GLU A 806 32.83 -0.14 8.33
CA GLU A 806 33.25 1.17 8.82
C GLU A 806 32.34 2.30 8.36
N VAL A 807 31.94 2.29 7.08
CA VAL A 807 31.03 3.31 6.54
C VAL A 807 29.61 3.04 7.04
N PHE A 808 29.22 1.76 7.14
CA PHE A 808 27.92 1.37 7.67
C PHE A 808 27.75 1.87 9.10
N LEU A 809 28.80 1.80 9.90
CA LEU A 809 28.77 2.32 11.27
C LEU A 809 28.79 3.84 11.24
N GLN A 810 29.60 4.44 10.38
CA GLN A 810 29.72 5.89 10.25
C GLN A 810 28.40 6.58 9.89
N ALA A 811 27.70 6.06 8.88
CA ALA A 811 26.43 6.60 8.41
C ALA A 811 25.31 6.31 9.39
N GLU A 812 25.20 5.05 9.88
CA GLU A 812 24.20 4.63 10.84
C GLU A 812 24.31 5.42 12.13
N ARG A 813 25.56 5.65 12.57
CA ARG A 813 25.92 6.41 13.76
C ARG A 813 25.33 7.79 13.65
N ARG A 814 25.59 8.46 12.54
CA ARG A 814 25.10 9.80 12.27
C ARG A 814 23.57 9.89 12.36
N THR A 815 22.87 9.15 11.49
CA THR A 815 21.42 9.14 11.36
C THR A 815 20.65 8.70 12.59
N ARG A 816 21.01 7.56 13.20
CA ARG A 816 20.19 7.02 14.27
C ARG A 816 20.81 7.19 15.63
N ILE A 817 22.10 6.95 15.77
CA ILE A 817 22.71 7.04 17.09
C ILE A 817 22.87 8.47 17.58
N LEU A 818 23.39 9.40 16.75
CA LEU A 818 23.59 10.76 17.24
C LEU A 818 22.27 11.46 17.59
N PRO A 819 21.20 11.39 16.77
CA PRO A 819 19.94 12.02 17.20
C PRO A 819 19.38 11.42 18.47
N VAL A 820 19.56 10.10 18.73
CA VAL A 820 19.07 9.53 19.98
C VAL A 820 19.88 10.08 21.13
N TYR A 821 21.21 10.06 21.02
CA TYR A 821 22.08 10.55 22.09
C TYR A 821 21.78 12.00 22.50
N LYS A 822 21.64 12.94 21.55
CA LYS A 822 21.33 14.34 21.86
C LYS A 822 19.99 14.45 22.59
N ALA A 823 18.91 14.01 21.94
CA ALA A 823 17.54 14.04 22.46
C ALA A 823 17.43 13.43 23.86
N LEU A 824 18.04 12.24 24.05
CA LEU A 824 18.07 11.51 25.31
C LEU A 824 18.70 12.38 26.40
N GLU A 825 19.86 12.99 26.10
CA GLU A 825 20.61 13.87 27.00
C GLU A 825 19.83 15.15 27.32
N ASP A 826 19.12 15.71 26.33
CA ASP A 826 18.29 16.92 26.50
C ASP A 826 17.21 16.69 27.57
N LEU A 827 16.66 15.48 27.62
CA LEU A 827 15.66 15.07 28.61
C LEU A 827 16.30 14.66 29.96
N GLY A 828 17.60 14.40 29.96
CA GLY A 828 18.33 13.99 31.14
C GLY A 828 18.14 12.52 31.46
N LEU A 829 17.99 11.69 30.42
CA LEU A 829 17.85 10.25 30.58
C LEU A 829 19.17 9.51 30.25
N ASP A 830 20.27 10.26 29.99
CA ASP A 830 21.57 9.72 29.61
C ASP A 830 22.29 8.93 30.71
N ASP A 831 21.64 8.74 31.86
CA ASP A 831 22.16 7.90 32.94
C ASP A 831 21.79 6.42 32.66
N LYS A 832 20.66 6.20 31.95
CA LYS A 832 20.10 4.90 31.63
C LYS A 832 20.87 4.11 30.56
N VAL A 833 21.86 4.72 29.89
CA VAL A 833 22.66 3.99 28.91
C VAL A 833 23.87 3.40 29.63
N SER A 834 23.86 2.06 29.82
CA SER A 834 24.92 1.38 30.56
C SER A 834 25.86 0.52 29.71
N GLY A 835 25.71 0.56 28.40
CA GLY A 835 26.56 -0.22 27.51
C GLY A 835 26.11 -0.22 26.07
N PRO A 836 26.84 -0.94 25.20
CA PRO A 836 26.48 -0.98 23.78
C PRO A 836 25.14 -1.66 23.51
N LEU A 837 24.84 -2.73 24.26
CA LEU A 837 23.57 -3.44 24.12
C LEU A 837 22.44 -2.59 24.71
N SER A 838 22.71 -1.89 25.82
CA SER A 838 21.76 -1.01 26.49
C SER A 838 21.35 0.13 25.56
N ALA A 839 22.32 0.71 24.84
CA ALA A 839 22.08 1.81 23.90
C ALA A 839 21.28 1.39 22.67
N ALA A 840 21.59 0.21 22.10
CA ALA A 840 20.93 -0.34 20.92
C ALA A 840 19.43 -0.47 21.10
N LYS A 841 18.99 -0.78 22.33
CA LYS A 841 17.57 -0.93 22.64
C LYS A 841 16.83 0.38 22.35
N LEU A 842 17.38 1.51 22.81
CA LEU A 842 16.79 2.82 22.59
C LEU A 842 16.86 3.26 21.12
N THR A 843 18.05 3.24 20.50
CA THR A 843 18.24 3.66 19.10
C THR A 843 17.41 2.82 18.13
N SER A 844 17.28 1.51 18.39
CA SER A 844 16.50 0.60 17.55
C SER A 844 15.01 0.88 17.66
N VAL A 845 14.53 1.23 18.86
CA VAL A 845 13.12 1.53 19.09
C VAL A 845 12.73 2.82 18.36
N THR A 846 13.54 3.89 18.49
CA THR A 846 13.25 5.17 17.85
C THR A 846 13.35 5.12 16.32
N ALA A 847 14.12 4.18 15.78
CA ALA A 847 14.21 4.01 14.32
C ALA A 847 12.93 3.34 13.82
N LEU A 848 12.35 2.43 14.60
CA LEU A 848 11.10 1.75 14.28
C LEU A 848 9.90 2.69 14.37
N SER A 849 9.98 3.73 15.23
CA SER A 849 8.92 4.71 15.40
C SER A 849 8.71 5.57 14.14
N THR A 850 9.78 5.80 13.37
CA THR A 850 9.72 6.64 12.18
C THR A 850 9.54 5.84 10.86
N ILE A 851 9.11 4.58 10.94
CA ILE A 851 8.83 3.79 9.75
C ILE A 851 7.33 3.67 9.65
N SER A 852 6.74 4.23 8.60
CA SER A 852 5.29 4.20 8.44
C SER A 852 4.80 2.85 7.99
N ASP A 853 3.59 2.50 8.43
CA ASP A 853 2.91 1.29 7.97
C ASP A 853 2.43 1.54 6.53
N LEU A 854 2.06 2.80 6.22
CA LEU A 854 1.59 3.23 4.91
C LEU A 854 2.64 4.03 4.16
N PRO A 855 3.15 3.47 3.05
CA PRO A 855 4.19 4.15 2.27
C PRO A 855 3.82 5.57 1.86
N GLN A 856 4.77 6.47 1.97
CA GLN A 856 4.55 7.86 1.65
C GLN A 856 4.31 8.08 0.16
N GLY A 857 3.38 8.96 -0.16
CA GLY A 857 3.05 9.29 -1.53
C GLY A 857 1.86 8.58 -2.11
N ILE A 858 1.08 7.86 -1.28
CA ILE A 858 -0.10 7.17 -1.80
C ILE A 858 -1.37 7.49 -1.05
N PHE A 859 -1.35 7.61 0.29
CA PHE A 859 -2.59 7.88 1.02
C PHE A 859 -2.87 9.39 1.19
N ASP A 860 -2.52 10.04 2.33
CA ASP A 860 -2.86 11.45 2.50
C ASP A 860 -1.81 12.25 3.29
N ASN A 861 -2.11 13.52 3.61
CA ASN A 861 -1.20 14.42 4.31
C ASN A 861 -0.96 14.06 5.78
N ALA A 862 -0.04 13.12 6.00
CA ALA A 862 0.44 12.68 7.31
C ALA A 862 1.72 11.92 7.12
N PRO A 863 2.87 12.60 7.29
CA PRO A 863 4.15 11.90 7.15
C PRO A 863 4.52 11.14 8.42
N THR A 864 5.68 10.45 8.40
CA THR A 864 6.10 9.70 9.58
C THR A 864 6.99 10.53 10.49
N VAL A 865 6.50 11.69 10.93
CA VAL A 865 7.25 12.55 11.83
C VAL A 865 6.42 12.77 13.08
N ARG A 866 6.90 12.28 14.23
CA ARG A 866 6.15 12.43 15.48
C ARG A 866 6.31 13.84 16.04
N THR A 867 5.21 14.58 16.12
CA THR A 867 5.23 15.95 16.64
C THR A 867 5.05 15.99 18.16
N THR A 868 5.50 17.08 18.78
CA THR A 868 5.35 17.32 20.22
C THR A 868 4.91 18.78 20.48
N LEU A 869 4.60 19.58 19.42
CA LEU A 869 4.25 20.99 19.57
C LEU A 869 2.88 21.26 20.21
N PHE A 870 2.11 20.21 20.51
CA PHE A 870 0.83 20.38 21.21
C PHE A 870 1.01 20.43 22.74
N LYS A 871 2.21 20.11 23.24
CA LYS A 871 2.53 20.13 24.67
C LYS A 871 2.59 21.57 25.21
N GLN A 872 2.87 22.55 24.33
CA GLN A 872 2.94 23.97 24.64
C GLN A 872 1.57 24.55 24.98
N TRP A 873 0.52 24.02 24.35
CA TRP A 873 -0.86 24.46 24.52
C TRP A 873 -1.35 24.49 25.96
N ASN A 874 -2.02 25.58 26.36
CA ASN A 874 -2.67 25.71 27.67
C ASN A 874 -3.88 24.77 27.63
N SER A 875 -4.11 24.05 28.73
CA SER A 875 -5.14 23.01 28.75
C SER A 875 -6.30 23.19 29.71
N THR A 876 -6.18 24.08 30.69
CA THR A 876 -7.14 24.28 31.76
C THR A 876 -8.64 24.26 31.35
N TYR A 877 -9.06 25.08 30.37
CA TYR A 877 -10.48 25.18 30.03
C TYR A 877 -10.96 24.48 28.75
N THR A 878 -10.09 23.81 27.99
CA THR A 878 -10.54 23.07 26.79
C THR A 878 -10.24 21.58 26.84
N SER A 879 -9.43 21.14 27.81
CA SER A 879 -9.01 19.75 27.88
C SER A 879 -9.51 18.97 29.08
N PHE A 880 -9.65 17.67 28.88
CA PHE A 880 -9.99 16.73 29.92
C PHE A 880 -9.25 15.43 29.67
N GLU A 881 -8.76 14.81 30.74
CA GLU A 881 -8.01 13.58 30.63
C GLU A 881 -8.69 12.38 31.27
N VAL A 882 -8.46 11.20 30.71
CA VAL A 882 -9.01 9.94 31.21
C VAL A 882 -7.88 8.89 31.20
N GLY A 883 -7.71 8.20 32.32
CA GLY A 883 -6.64 7.22 32.51
C GLY A 883 -5.47 7.82 33.27
N ASP A 884 -4.68 6.99 33.98
CA ASP A 884 -3.54 7.52 34.72
C ASP A 884 -2.33 7.72 33.83
N ALA A 885 -1.84 8.96 33.76
CA ALA A 885 -0.69 9.33 32.95
C ALA A 885 0.59 8.62 33.41
N SER A 886 0.74 8.47 34.73
CA SER A 886 1.91 7.82 35.31
C SER A 886 2.06 6.36 34.88
N THR A 887 0.94 5.62 34.81
CA THR A 887 0.98 4.20 34.44
C THR A 887 0.77 3.94 32.97
N ALA A 888 0.02 4.80 32.27
CA ALA A 888 -0.31 4.61 30.85
C ALA A 888 0.89 4.41 29.95
N THR A 889 0.74 3.47 29.04
CA THR A 889 1.70 3.16 28.00
C THR A 889 1.26 3.86 26.70
N ILE A 890 -0.05 3.98 26.47
CA ILE A 890 -0.60 4.62 25.30
C ILE A 890 -1.09 6.02 25.64
N PHE A 891 -0.69 7.01 24.83
CA PHE A 891 -1.10 8.39 25.03
C PHE A 891 -1.79 8.91 23.79
N PHE A 892 -3.06 9.24 23.94
CA PHE A 892 -3.86 9.74 22.84
C PHE A 892 -4.12 11.22 23.04
N VAL A 893 -3.97 11.99 21.97
CA VAL A 893 -4.25 13.42 21.98
C VAL A 893 -5.22 13.70 20.82
N ALA A 894 -6.47 13.95 21.18
CA ALA A 894 -7.52 14.21 20.22
C ALA A 894 -7.85 15.68 20.21
N VAL A 895 -7.99 16.25 19.02
CA VAL A 895 -8.38 17.64 18.84
C VAL A 895 -9.63 17.56 17.98
N ILE A 896 -10.78 17.62 18.62
CA ILE A 896 -12.07 17.47 17.97
C ILE A 896 -12.88 18.77 17.97
N ASN A 897 -13.54 19.06 16.85
CA ASN A 897 -14.43 20.20 16.68
C ASN A 897 -15.84 19.64 16.92
N PRO A 898 -16.53 20.08 18.00
CA PRO A 898 -17.85 19.52 18.30
C PRO A 898 -18.90 19.63 17.19
N ALA A 899 -18.80 20.68 16.36
CA ALA A 899 -19.73 20.93 15.26
C ALA A 899 -19.46 20.08 14.00
N SER A 900 -18.43 19.23 14.02
CA SER A 900 -18.11 18.41 12.86
C SER A 900 -18.80 17.06 12.89
N GLU A 901 -19.07 16.51 11.70
CA GLU A 901 -19.66 15.18 11.51
C GLU A 901 -18.60 14.09 11.70
N ILE A 902 -17.34 14.39 11.34
CA ILE A 902 -16.19 13.49 11.52
C ILE A 902 -15.92 13.25 13.03
N GLY A 903 -16.16 14.28 13.84
CA GLY A 903 -16.03 14.22 15.29
C GLY A 903 -16.95 13.20 15.92
N GLN A 904 -18.14 13.00 15.33
CA GLN A 904 -19.13 12.03 15.80
C GLN A 904 -18.54 10.62 15.88
N ARG A 905 -17.81 10.21 14.84
CA ARG A 905 -17.17 8.90 14.78
C ARG A 905 -16.02 8.81 15.77
N TRP A 906 -15.12 9.81 15.75
CA TRP A 906 -13.95 9.90 16.58
C TRP A 906 -14.26 9.73 18.07
N VAL A 907 -15.25 10.45 18.61
CA VAL A 907 -15.66 10.37 20.02
C VAL A 907 -16.08 8.95 20.40
N ALA A 908 -16.97 8.35 19.59
CA ALA A 908 -17.50 7.00 19.79
C ALA A 908 -16.41 5.93 19.86
N VAL A 909 -15.43 5.96 18.95
CA VAL A 909 -14.33 4.99 18.91
C VAL A 909 -13.40 5.23 20.10
N LEU A 910 -13.00 6.50 20.34
CA LEU A 910 -12.10 6.89 21.44
C LEU A 910 -12.62 6.54 22.83
N LYS A 911 -13.94 6.56 23.04
CA LYS A 911 -14.53 6.21 24.33
C LYS A 911 -14.28 4.74 24.64
N VAL A 912 -14.42 3.86 23.62
CA VAL A 912 -14.19 2.43 23.74
C VAL A 912 -12.71 2.11 23.97
N LEU A 913 -11.80 2.85 23.31
CA LEU A 913 -10.36 2.66 23.51
C LEU A 913 -9.89 3.25 24.86
N SER A 914 -10.62 4.24 25.40
CA SER A 914 -10.34 4.84 26.69
C SER A 914 -10.65 3.86 27.83
N GLU A 915 -11.63 2.96 27.62
CA GLU A 915 -12.03 1.92 28.58
C GLU A 915 -10.91 0.88 28.83
N LEU A 916 -9.91 0.80 27.93
CA LEU A 916 -8.77 -0.11 28.08
C LEU A 916 -7.85 0.36 29.20
N GLU A 917 -7.32 -0.57 30.00
CA GLU A 917 -6.42 -0.25 31.09
C GLU A 917 -5.01 -0.05 30.54
N GLY A 918 -4.35 1.02 30.96
CA GLY A 918 -3.00 1.38 30.51
C GLY A 918 -2.98 2.38 29.36
N VAL A 919 -4.14 3.00 29.08
CA VAL A 919 -4.30 3.98 28.02
C VAL A 919 -4.70 5.32 28.65
N HIS A 920 -4.05 6.39 28.21
CA HIS A 920 -4.33 7.75 28.64
C HIS A 920 -4.85 8.52 27.44
N LEU A 921 -5.88 9.32 27.66
CA LEU A 921 -6.47 10.13 26.60
C LEU A 921 -6.68 11.55 27.12
N ARG A 922 -6.44 12.55 26.26
CA ARG A 922 -6.56 13.97 26.55
C ARG A 922 -7.27 14.61 25.36
N VAL A 923 -8.39 15.28 25.59
CA VAL A 923 -9.20 15.83 24.49
C VAL A 923 -9.21 17.36 24.46
N PHE A 924 -9.10 17.93 23.25
CA PHE A 924 -9.12 19.37 23.01
C PHE A 924 -10.29 19.68 22.08
N LEU A 925 -11.10 20.69 22.43
CA LEU A 925 -12.24 21.05 21.61
C LEU A 925 -11.98 22.36 20.88
N ASN A 926 -12.02 22.33 19.53
CA ASN A 926 -11.75 23.56 18.80
C ASN A 926 -12.80 23.85 17.70
N PRO A 927 -13.82 24.62 18.05
CA PRO A 927 -14.87 24.97 17.08
C PRO A 927 -14.49 26.13 16.16
N THR A 928 -15.30 26.37 15.11
CA THR A 928 -15.08 27.47 14.18
C THR A 928 -16.16 28.54 14.29
N VAL A 929 -15.81 29.78 13.97
CA VAL A 929 -16.76 30.88 13.91
C VAL A 929 -17.36 31.01 12.49
N MET A 930 -16.77 30.32 11.49
CA MET A 930 -17.22 30.34 10.11
C MET A 930 -18.20 29.19 9.86
N ILE A 931 -19.50 29.47 10.02
CA ILE A 931 -20.53 28.46 9.77
C ILE A 931 -21.58 29.06 8.84
N GLU A 932 -21.40 28.88 7.53
CA GLU A 932 -22.34 29.42 6.53
C GLU A 932 -23.58 28.53 6.38
N GLU A 933 -23.41 27.22 6.56
CA GLU A 933 -24.47 26.22 6.44
C GLU A 933 -24.54 25.39 7.75
N LEU A 934 -25.63 24.60 7.95
CA LEU A 934 -25.80 23.76 9.14
C LEU A 934 -24.59 22.83 9.35
N PRO A 935 -24.02 22.81 10.57
CA PRO A 935 -22.77 22.03 10.78
C PRO A 935 -22.91 20.51 10.77
N VAL A 936 -23.83 19.95 11.56
CA VAL A 936 -24.04 18.51 11.60
C VAL A 936 -25.44 18.24 11.10
N LYS A 937 -25.57 17.45 10.03
CA LYS A 937 -26.87 17.17 9.43
C LYS A 937 -27.24 15.68 9.53
N ARG A 938 -26.75 14.99 10.57
CA ARG A 938 -27.04 13.55 10.73
C ARG A 938 -26.94 13.06 12.19
N PHE A 939 -27.57 11.91 12.47
CA PHE A 939 -27.45 11.23 13.76
C PHE A 939 -26.43 10.10 13.55
N TYR A 940 -25.66 9.75 14.60
CA TYR A 940 -24.61 8.74 14.45
C TYR A 940 -24.49 7.76 15.61
N ARG A 941 -24.31 6.46 15.27
CA ARG A 941 -24.09 5.40 16.24
C ARG A 941 -22.96 4.50 15.80
N TYR A 942 -22.07 4.14 16.73
CA TYR A 942 -20.96 3.27 16.42
C TYR A 942 -21.15 1.91 17.09
N VAL A 943 -21.11 0.83 16.31
CA VAL A 943 -21.29 -0.52 16.83
C VAL A 943 -19.93 -1.07 17.26
N LEU A 944 -19.63 -1.04 18.57
CA LEU A 944 -18.34 -1.49 19.11
C LEU A 944 -18.39 -1.65 20.63
N SER A 945 -17.78 -2.73 21.16
CA SER A 945 -17.72 -3.00 22.60
C SER A 945 -16.27 -3.26 23.02
N SER A 946 -15.88 -2.82 24.23
CA SER A 946 -14.51 -3.00 24.74
C SER A 946 -14.22 -4.40 25.31
N SER A 947 -15.27 -5.21 25.51
CA SER A 947 -15.19 -6.58 26.04
C SER A 947 -16.43 -7.37 25.59
N PRO A 948 -16.32 -8.70 25.32
CA PRO A 948 -17.48 -9.44 24.82
C PRO A 948 -18.69 -9.51 25.75
N SER A 949 -19.90 -9.61 25.17
CA SER A 949 -21.17 -9.71 25.88
C SER A 949 -21.76 -11.12 25.68
N PHE A 950 -22.41 -11.66 26.72
CA PHE A 950 -22.92 -13.03 26.65
C PHE A 950 -24.43 -13.16 26.89
N ASP A 951 -25.00 -14.21 26.31
CA ASP A 951 -26.40 -14.57 26.30
C ASP A 951 -26.86 -15.16 27.63
N GLU A 952 -28.18 -15.32 27.78
CA GLU A 952 -28.79 -16.01 28.92
C GLU A 952 -28.36 -17.49 28.85
N SER A 953 -28.28 -18.06 27.64
CA SER A 953 -27.79 -19.41 27.38
C SER A 953 -26.25 -19.47 27.18
N GLY A 954 -25.55 -18.36 27.45
CA GLY A 954 -24.11 -18.27 27.38
C GLY A 954 -23.47 -18.03 26.03
N LYS A 955 -24.26 -17.90 24.96
CA LYS A 955 -23.73 -17.65 23.62
C LYS A 955 -23.26 -16.19 23.46
N VAL A 956 -22.41 -15.88 22.47
CA VAL A 956 -21.96 -14.50 22.30
C VAL A 956 -23.05 -13.62 21.71
N LYS A 957 -23.34 -12.49 22.37
CA LYS A 957 -24.34 -11.53 21.95
C LYS A 957 -23.91 -10.84 20.66
N ALA A 958 -24.85 -10.68 19.73
CA ALA A 958 -24.59 -9.95 18.50
C ALA A 958 -24.71 -8.45 18.80
N LEU A 959 -24.01 -7.61 18.02
CA LEU A 959 -24.04 -6.17 18.25
C LEU A 959 -24.80 -5.41 17.17
N SER A 960 -25.59 -4.41 17.58
CA SER A 960 -26.44 -3.64 16.68
C SER A 960 -26.46 -2.14 17.00
N ALA A 961 -26.83 -1.30 16.02
CA ALA A 961 -26.95 0.15 16.20
C ALA A 961 -28.41 0.47 16.44
N ARG A 962 -28.75 0.82 17.67
CA ARG A 962 -30.12 1.14 18.04
C ARG A 962 -30.26 2.62 18.36
N PHE A 963 -31.11 3.31 17.60
CA PHE A 963 -31.40 4.72 17.78
C PHE A 963 -32.76 4.79 18.43
N THR A 964 -32.85 5.35 19.65
CA THR A 964 -34.12 5.45 20.36
C THR A 964 -34.61 6.89 20.43
N GLY A 965 -35.93 7.07 20.36
CA GLY A 965 -36.54 8.38 20.41
C GLY A 965 -36.29 9.19 19.16
N VAL A 966 -36.43 8.54 17.99
CA VAL A 966 -36.22 9.15 16.68
C VAL A 966 -37.39 10.07 16.35
N PRO A 967 -37.16 11.31 15.83
CA PRO A 967 -38.32 12.18 15.49
C PRO A 967 -39.23 11.52 14.45
N ARG A 968 -40.55 11.62 14.69
CA ARG A 968 -41.57 10.99 13.88
C ARG A 968 -41.78 11.62 12.49
N GLU A 969 -41.59 12.94 12.37
CA GLU A 969 -41.86 13.68 11.12
C GLU A 969 -40.65 13.97 10.21
N THR A 970 -39.41 13.73 10.68
CA THR A 970 -38.23 14.01 9.85
C THR A 970 -37.94 12.92 8.82
N LEU A 971 -37.67 13.31 7.55
CA LEU A 971 -37.32 12.36 6.51
C LEU A 971 -35.82 12.05 6.65
N LEU A 972 -35.45 10.77 6.79
CA LEU A 972 -34.06 10.36 7.01
C LEU A 972 -33.53 9.38 5.96
N VAL A 973 -32.20 9.30 5.81
CA VAL A 973 -31.50 8.40 4.90
C VAL A 973 -30.55 7.52 5.74
N VAL A 974 -30.57 6.20 5.55
CA VAL A 974 -29.67 5.32 6.30
C VAL A 974 -28.38 5.11 5.53
N GLY A 975 -27.26 5.35 6.19
CA GLY A 975 -25.94 5.18 5.60
C GLY A 975 -25.02 4.36 6.47
N MET A 976 -24.12 3.63 5.85
CA MET A 976 -23.16 2.80 6.54
C MET A 976 -21.76 3.41 6.44
N ASP A 977 -21.16 3.66 7.59
CA ASP A 977 -19.81 4.22 7.74
C ASP A 977 -18.91 3.06 8.11
N VAL A 978 -18.62 2.25 7.11
CA VAL A 978 -17.92 0.99 7.16
C VAL A 978 -16.41 1.11 6.86
N PRO A 979 -15.54 0.31 7.54
CA PRO A 979 -14.09 0.39 7.26
C PRO A 979 -13.74 0.29 5.77
N PRO A 980 -12.69 1.02 5.33
CA PRO A 980 -12.36 1.10 3.90
C PRO A 980 -12.31 -0.19 3.08
N ALA A 981 -11.90 -1.32 3.67
CA ALA A 981 -11.82 -2.57 2.91
C ALA A 981 -13.16 -3.28 2.71
N TRP A 982 -14.23 -2.78 3.33
CA TRP A 982 -15.52 -3.45 3.29
C TRP A 982 -16.47 -3.00 2.19
N LEU A 983 -17.24 -3.96 1.65
CA LEU A 983 -18.28 -3.75 0.66
C LEU A 983 -19.57 -4.26 1.29
N VAL A 984 -20.53 -3.36 1.49
CA VAL A 984 -21.75 -3.68 2.20
C VAL A 984 -23.00 -3.31 1.42
N THR A 985 -24.04 -4.18 1.47
CA THR A 985 -25.34 -3.96 0.84
C THR A 985 -26.45 -4.39 1.80
N SER A 986 -27.63 -3.80 1.65
CA SER A 986 -28.77 -4.16 2.47
C SER A 986 -29.29 -5.54 2.05
N LYS A 987 -29.62 -6.40 3.03
CA LYS A 987 -30.11 -7.74 2.76
C LYS A 987 -31.56 -7.90 3.25
N VAL A 988 -31.83 -7.45 4.48
CA VAL A 988 -33.16 -7.54 5.06
C VAL A 988 -33.66 -6.16 5.45
N ALA A 989 -34.76 -5.72 4.84
CA ALA A 989 -35.41 -4.43 5.12
C ALA A 989 -36.70 -4.41 4.34
N VAL A 990 -37.78 -4.03 5.00
CA VAL A 990 -39.07 -3.89 4.34
C VAL A 990 -39.42 -2.38 4.08
N ASP A 991 -38.63 -1.47 4.69
CA ASP A 991 -38.75 -0.03 4.60
C ASP A 991 -37.86 0.55 3.50
N ASP A 992 -38.10 1.82 3.13
CA ASP A 992 -37.24 2.52 2.19
C ASP A 992 -36.20 3.20 3.05
N LEU A 993 -34.98 2.68 3.01
CA LEU A 993 -33.87 3.23 3.76
C LEU A 993 -33.44 4.61 3.22
N ASP A 994 -33.73 4.90 1.94
CA ASP A 994 -33.42 6.20 1.35
C ASP A 994 -34.47 7.26 1.72
N ASN A 995 -35.71 6.85 2.06
CA ASN A 995 -36.80 7.75 2.45
C ASN A 995 -37.52 7.26 3.73
N LEU A 996 -36.85 7.33 4.88
CA LEU A 996 -37.43 6.88 6.15
C LEU A 996 -38.26 7.95 6.84
N ARG A 997 -39.46 7.59 7.29
CA ARG A 997 -40.36 8.46 8.05
C ARG A 997 -41.16 7.57 8.98
N ILE A 998 -41.11 7.81 10.30
CA ILE A 998 -41.82 6.96 11.24
C ILE A 998 -43.36 7.09 11.12
N LYS A 999 -43.89 8.31 10.90
CA LYS A 999 -45.34 8.52 10.75
C LYS A 999 -46.00 7.69 9.65
N ASP A 1000 -45.30 7.49 8.53
CA ASP A 1000 -45.79 6.72 7.40
C ASP A 1000 -45.75 5.22 7.69
N ILE A 1001 -44.64 4.77 8.31
CA ILE A 1001 -44.46 3.36 8.70
C ILE A 1001 -45.49 2.99 9.77
N LYS A 1002 -45.79 3.91 10.70
CA LYS A 1002 -46.79 3.68 11.72
C LYS A 1002 -48.16 3.57 11.05
N ALA A 1003 -48.46 4.47 10.10
CA ALA A 1003 -49.74 4.47 9.40
C ALA A 1003 -49.89 3.40 8.31
N LYS A 1004 -48.83 2.65 7.98
CA LYS A 1004 -48.90 1.62 6.94
C LYS A 1004 -48.65 0.23 7.52
N ARG A 1005 -47.62 0.12 8.35
CA ARG A 1005 -47.22 -1.14 8.99
C ARG A 1005 -47.79 -1.32 10.39
N GLY A 1006 -48.08 -0.22 11.08
CA GLY A 1006 -48.59 -0.29 12.45
C GLY A 1006 -47.51 -0.26 13.51
N THR A 1007 -46.23 -0.29 13.10
CA THR A 1007 -45.12 -0.29 14.03
C THR A 1007 -44.24 0.96 13.93
N GLU A 1008 -43.82 1.46 15.09
CA GLU A 1008 -42.90 2.60 15.18
C GLU A 1008 -41.43 2.13 15.26
N HIS A 1009 -41.16 0.83 15.07
CA HIS A 1009 -39.84 0.26 15.18
C HIS A 1009 -39.38 -0.28 13.84
N VAL A 1010 -38.23 0.21 13.37
CA VAL A 1010 -37.66 -0.19 12.08
C VAL A 1010 -36.42 -1.04 12.27
N GLU A 1011 -36.36 -2.19 11.59
CA GLU A 1011 -35.20 -3.07 11.68
C GLU A 1011 -34.66 -3.39 10.29
N ALA A 1012 -33.36 -3.24 10.10
CA ALA A 1012 -32.70 -3.51 8.83
C ALA A 1012 -31.40 -4.28 9.06
N ILE A 1013 -31.10 -5.23 8.17
CA ILE A 1013 -29.89 -6.04 8.23
C ILE A 1013 -29.09 -5.90 6.94
N TYR A 1014 -27.79 -5.66 7.09
CA TYR A 1014 -26.88 -5.53 5.97
C TYR A 1014 -25.98 -6.78 5.86
N GLU A 1015 -25.31 -6.94 4.72
CA GLU A 1015 -24.39 -8.06 4.54
C GLU A 1015 -23.03 -7.55 4.10
N LEU A 1016 -21.98 -8.03 4.77
CA LEU A 1016 -20.61 -7.72 4.43
C LEU A 1016 -20.33 -8.76 3.35
N GLU A 1017 -20.73 -8.45 2.13
CA GLU A 1017 -20.65 -9.38 1.00
C GLU A 1017 -19.24 -9.62 0.51
N HIS A 1018 -18.43 -8.57 0.44
CA HIS A 1018 -17.06 -8.68 -0.03
C HIS A 1018 -16.08 -7.87 0.84
N ILE A 1019 -14.81 -8.23 0.76
CA ILE A 1019 -13.68 -7.57 1.41
C ILE A 1019 -12.66 -7.33 0.27
N LEU A 1020 -12.11 -6.11 0.20
CA LEU A 1020 -11.22 -5.70 -0.87
C LEU A 1020 -9.79 -6.20 -0.82
N ILE A 1021 -9.27 -6.49 -2.01
CA ILE A 1021 -7.88 -6.77 -2.30
C ILE A 1021 -7.54 -5.58 -3.17
N GLU A 1022 -6.78 -4.62 -2.64
CA GLU A 1022 -6.42 -3.43 -3.42
C GLU A 1022 -4.92 -3.18 -3.39
N GLY A 1023 -4.39 -2.62 -4.46
CA GLY A 1023 -2.96 -2.38 -4.56
C GLY A 1023 -2.52 -1.23 -5.42
N HIS A 1024 -1.24 -0.86 -5.31
CA HIS A 1024 -0.63 0.23 -6.06
C HIS A 1024 0.56 -0.31 -6.85
N SER A 1025 0.39 -0.42 -8.17
CA SER A 1025 1.38 -0.96 -9.10
C SER A 1025 2.49 0.01 -9.47
N ARG A 1026 3.59 -0.53 -10.01
CA ARG A 1026 4.73 0.20 -10.54
C ARG A 1026 5.50 -0.66 -11.53
N GLU A 1027 6.04 -0.01 -12.55
CA GLU A 1027 6.85 -0.65 -13.57
C GLU A 1027 8.30 -0.77 -13.04
N ILE A 1028 9.09 -1.70 -13.57
CA ILE A 1028 10.49 -1.89 -13.17
C ILE A 1028 11.36 -1.84 -14.44
N PRO A 1029 12.51 -1.13 -14.46
CA PRO A 1029 13.12 -0.35 -13.38
C PRO A 1029 12.72 1.12 -13.31
N GLY A 1030 12.30 1.68 -14.44
CA GLY A 1030 11.83 3.05 -14.50
C GLY A 1030 10.39 3.03 -14.04
N ALA A 1031 10.19 3.17 -12.73
CA ALA A 1031 8.90 3.07 -12.04
C ALA A 1031 7.84 4.08 -12.44
N HIS A 1032 6.87 3.61 -13.22
CA HIS A 1032 5.69 4.35 -13.66
C HIS A 1032 4.46 3.46 -13.52
N ALA A 1033 3.29 4.08 -13.37
CA ALA A 1033 2.04 3.32 -13.24
C ALA A 1033 1.66 2.74 -14.60
N PRO A 1034 1.56 1.40 -14.69
CA PRO A 1034 1.20 0.80 -15.99
C PRO A 1034 -0.30 0.89 -16.22
N ARG A 1035 -0.76 1.88 -16.99
CA ARG A 1035 -2.20 2.05 -17.22
C ARG A 1035 -2.70 1.32 -18.46
N GLY A 1036 -3.86 0.71 -18.32
CA GLY A 1036 -4.46 -0.10 -19.38
C GLY A 1036 -4.14 -1.58 -19.26
N VAL A 1037 -3.29 -1.96 -18.28
CA VAL A 1037 -2.92 -3.35 -18.01
C VAL A 1037 -4.12 -4.06 -17.42
N GLN A 1038 -4.41 -5.27 -17.88
CA GLN A 1038 -5.56 -6.03 -17.40
C GLN A 1038 -5.12 -7.14 -16.46
N LEU A 1039 -5.88 -7.38 -15.39
CA LEU A 1039 -5.54 -8.38 -14.40
C LEU A 1039 -6.66 -9.38 -14.18
N VAL A 1040 -6.28 -10.60 -13.78
CA VAL A 1040 -7.23 -11.68 -13.48
C VAL A 1040 -6.90 -12.27 -12.11
N LEU A 1041 -7.91 -12.40 -11.25
CA LEU A 1041 -7.80 -13.02 -9.93
C LEU A 1041 -8.28 -14.47 -10.09
N GLU A 1042 -7.57 -15.42 -9.49
CA GLU A 1042 -7.93 -16.82 -9.62
C GLU A 1042 -7.76 -17.61 -8.32
N THR A 1043 -8.33 -18.80 -8.29
CA THR A 1043 -8.28 -19.77 -7.20
C THR A 1043 -7.99 -21.16 -7.85
N GLU A 1044 -7.50 -22.13 -7.07
CA GLU A 1044 -7.20 -23.46 -7.63
C GLU A 1044 -8.44 -24.14 -8.23
N ASN A 1045 -9.64 -23.82 -7.69
CA ASN A 1045 -10.91 -24.35 -8.19
C ASN A 1045 -11.28 -23.70 -9.52
N ASN A 1046 -11.24 -22.36 -9.58
CA ASN A 1046 -11.60 -21.65 -10.79
C ASN A 1046 -10.54 -20.65 -11.20
N PRO A 1047 -10.17 -20.66 -12.49
CA PRO A 1047 -9.10 -19.76 -12.95
C PRO A 1047 -9.57 -18.34 -13.30
N HIS A 1048 -10.81 -17.98 -12.95
CA HIS A 1048 -11.33 -16.66 -13.26
C HIS A 1048 -12.32 -16.18 -12.21
N PHE A 1049 -11.80 -15.86 -11.03
CA PHE A 1049 -12.61 -15.34 -9.94
C PHE A 1049 -13.10 -13.94 -10.30
N ALA A 1050 -12.18 -13.06 -10.67
CA ALA A 1050 -12.50 -11.67 -10.96
C ALA A 1050 -11.47 -11.05 -11.94
N ASP A 1051 -11.79 -9.85 -12.48
CA ASP A 1051 -10.91 -9.15 -13.40
C ASP A 1051 -11.09 -7.64 -13.27
N THR A 1052 -10.01 -6.88 -13.44
CA THR A 1052 -10.00 -5.42 -13.38
C THR A 1052 -8.86 -4.86 -14.24
N ILE A 1053 -8.84 -3.54 -14.49
CA ILE A 1053 -7.76 -2.92 -15.24
C ILE A 1053 -7.02 -1.90 -14.37
N ILE A 1054 -5.72 -1.74 -14.61
CA ILE A 1054 -4.86 -0.83 -13.88
C ILE A 1054 -5.14 0.63 -14.25
N MET A 1055 -5.33 1.46 -13.23
CA MET A 1055 -5.57 2.90 -13.37
C MET A 1055 -4.27 3.69 -13.45
N ALA A 1056 -4.35 4.91 -13.98
CA ALA A 1056 -3.19 5.79 -14.10
C ALA A 1056 -2.76 6.34 -12.75
N ASN A 1057 -3.72 6.66 -11.90
CA ASN A 1057 -3.45 7.26 -10.60
C ASN A 1057 -3.04 6.22 -9.59
N LEU A 1058 -1.75 6.24 -9.23
CA LEU A 1058 -1.09 5.35 -8.26
C LEU A 1058 -1.07 3.89 -8.70
N GLY A 1059 -1.28 3.61 -10.00
CA GLY A 1059 -1.36 2.24 -10.51
C GLY A 1059 -2.41 1.44 -9.77
N TYR A 1060 -3.53 2.09 -9.44
CA TYR A 1060 -4.60 1.55 -8.63
C TYR A 1060 -5.43 0.46 -9.31
N PHE A 1061 -5.82 -0.55 -8.54
CA PHE A 1061 -6.69 -1.66 -8.94
C PHE A 1061 -7.35 -2.26 -7.70
N GLN A 1062 -8.49 -2.95 -7.88
CA GLN A 1062 -9.17 -3.60 -6.76
C GLN A 1062 -9.98 -4.84 -7.17
N PHE A 1063 -10.17 -5.77 -6.23
CA PHE A 1063 -10.95 -6.97 -6.41
C PHE A 1063 -11.90 -7.15 -5.22
N LYS A 1064 -13.06 -7.77 -5.47
CA LYS A 1064 -14.05 -8.05 -4.45
C LYS A 1064 -13.93 -9.53 -4.09
N ALA A 1065 -13.52 -9.85 -2.83
CA ALA A 1065 -13.29 -11.24 -2.44
C ALA A 1065 -13.53 -11.49 -0.92
N ASN A 1066 -13.50 -12.75 -0.46
CA ASN A 1066 -13.64 -13.11 0.95
C ASN A 1066 -12.39 -13.89 1.45
N PRO A 1067 -12.26 -14.29 2.74
CA PRO A 1067 -11.03 -14.99 3.16
C PRO A 1067 -10.64 -16.20 2.33
N GLY A 1068 -9.36 -16.27 1.99
CA GLY A 1068 -8.86 -17.39 1.21
C GLY A 1068 -7.56 -17.13 0.46
N VAL A 1069 -7.06 -18.17 -0.21
CA VAL A 1069 -5.83 -18.11 -1.00
C VAL A 1069 -6.14 -17.91 -2.48
N TYR A 1070 -5.65 -16.80 -3.03
CA TYR A 1070 -5.84 -16.41 -4.43
C TYR A 1070 -4.50 -16.20 -5.15
N ASN A 1071 -4.56 -15.96 -6.47
CA ASN A 1071 -3.40 -15.71 -7.31
C ASN A 1071 -3.74 -14.63 -8.35
N ILE A 1072 -2.77 -13.78 -8.71
CA ILE A 1072 -3.01 -12.75 -9.73
C ILE A 1072 -2.20 -13.01 -10.98
N ARG A 1073 -2.88 -13.30 -12.08
CA ARG A 1073 -2.22 -13.51 -13.36
C ARG A 1073 -2.61 -12.40 -14.32
N LEU A 1074 -1.65 -11.92 -15.13
CA LEU A 1074 -1.94 -10.89 -16.14
C LEU A 1074 -2.87 -11.51 -17.18
N LYS A 1075 -3.91 -10.78 -17.60
CA LYS A 1075 -4.86 -11.33 -18.56
C LYS A 1075 -4.18 -11.70 -19.87
N GLU A 1076 -4.48 -12.90 -20.37
CA GLU A 1076 -3.92 -13.44 -21.62
C GLU A 1076 -4.26 -12.52 -22.77
N GLY A 1077 -3.23 -12.11 -23.49
CA GLY A 1077 -3.37 -11.20 -24.62
C GLY A 1077 -2.19 -10.25 -24.69
N ARG A 1078 -2.48 -8.95 -24.86
CA ARG A 1078 -1.46 -7.93 -24.97
C ARG A 1078 -0.69 -7.72 -23.65
N SER A 1079 -1.37 -7.85 -22.53
CA SER A 1079 -0.77 -7.67 -21.20
C SER A 1079 0.36 -8.64 -20.93
N SER A 1080 0.13 -9.95 -21.17
CA SER A 1080 1.18 -10.95 -20.97
C SER A 1080 2.26 -10.88 -22.07
N GLU A 1081 1.91 -10.34 -23.25
CA GLU A 1081 2.84 -10.15 -24.36
C GLU A 1081 3.90 -9.12 -23.95
N ILE A 1082 3.47 -7.97 -23.41
CA ILE A 1082 4.42 -6.93 -23.02
C ILE A 1082 5.09 -7.14 -21.66
N PHE A 1083 4.33 -7.58 -20.66
CA PHE A 1083 4.87 -7.69 -19.31
C PHE A 1083 4.94 -9.09 -18.71
N THR A 1084 5.72 -9.18 -17.63
CA THR A 1084 5.85 -10.30 -16.72
C THR A 1084 5.89 -9.65 -15.33
N LEU A 1085 5.00 -10.07 -14.41
CA LEU A 1085 5.01 -9.48 -13.08
C LEU A 1085 5.86 -10.33 -12.13
N GLU A 1086 6.95 -9.75 -11.65
CA GLU A 1086 7.87 -10.42 -10.75
C GLU A 1086 7.21 -10.67 -9.39
N SER A 1087 6.42 -9.70 -8.93
CA SER A 1087 5.80 -9.79 -7.62
C SER A 1087 4.53 -8.98 -7.44
N VAL A 1088 3.75 -9.40 -6.47
CA VAL A 1088 2.59 -8.73 -5.92
C VAL A 1088 3.13 -8.37 -4.52
N GLY A 1089 3.20 -7.08 -4.21
CA GLY A 1089 3.80 -6.62 -2.96
C GLY A 1089 2.98 -6.85 -1.71
N ALA A 1090 2.78 -8.12 -1.36
CA ALA A 1090 1.95 -8.55 -0.25
C ALA A 1090 2.48 -8.25 1.13
N LYS A 1091 3.79 -8.04 1.25
CA LYS A 1091 4.40 -7.77 2.54
C LYS A 1091 4.57 -6.27 2.80
N GLY A 1092 4.74 -5.49 1.74
CA GLY A 1092 4.92 -4.06 1.81
C GLY A 1092 5.45 -3.50 0.51
N TRP A 1093 5.87 -2.22 0.53
CA TRP A 1093 6.41 -1.55 -0.64
C TRP A 1093 7.66 -2.28 -1.13
N GLY A 1094 8.55 -2.59 -0.18
CA GLY A 1094 9.78 -3.33 -0.41
C GLY A 1094 10.63 -2.95 -1.60
N PRO A 1095 11.28 -3.91 -2.29
CA PRO A 1095 11.23 -5.37 -2.11
C PRO A 1095 11.86 -5.96 -0.85
N ILE A 1096 11.04 -6.69 -0.11
CA ILE A 1096 11.43 -7.41 1.09
C ILE A 1096 11.73 -8.85 0.67
N PRO A 1097 12.71 -9.52 1.30
CA PRO A 1097 13.00 -10.91 0.90
C PRO A 1097 11.80 -11.81 1.13
N GLY A 1098 11.61 -12.76 0.23
CA GLY A 1098 10.52 -13.72 0.32
C GLY A 1098 9.21 -13.25 -0.29
N ASP A 1099 9.22 -12.10 -0.98
CA ASP A 1099 8.01 -11.56 -1.57
C ASP A 1099 7.93 -11.73 -3.10
N ASP A 1100 8.89 -12.45 -3.72
CA ASP A 1100 8.93 -12.68 -5.17
C ASP A 1100 7.86 -13.71 -5.52
N ASN A 1101 6.62 -13.31 -5.31
CA ASN A 1101 5.44 -14.12 -5.36
C ASN A 1101 4.31 -13.43 -6.08
N THR A 1102 3.38 -14.22 -6.57
CA THR A 1102 2.16 -13.67 -7.16
C THR A 1102 0.91 -14.18 -6.42
N GLU A 1103 1.06 -14.50 -5.14
CA GLU A 1103 0.00 -15.05 -4.32
C GLU A 1103 -0.53 -14.02 -3.34
N VAL A 1104 -1.86 -13.88 -3.30
CA VAL A 1104 -2.52 -13.00 -2.35
C VAL A 1104 -3.43 -13.81 -1.45
N VAL A 1105 -3.42 -13.51 -0.16
CA VAL A 1105 -4.25 -14.21 0.84
C VAL A 1105 -4.89 -13.15 1.73
N LEU A 1106 -6.22 -13.25 1.99
CA LEU A 1106 -6.81 -12.29 2.92
C LEU A 1106 -7.35 -13.03 4.14
N MET A 1107 -6.83 -12.63 5.27
CA MET A 1107 -7.10 -13.20 6.58
C MET A 1107 -7.32 -12.09 7.62
N ASP A 1108 -7.86 -10.95 7.19
CA ASP A 1108 -8.09 -9.82 8.07
C ASP A 1108 -9.26 -8.98 7.60
N PHE A 1109 -9.86 -8.22 8.53
CA PHE A 1109 -10.94 -7.28 8.21
C PHE A 1109 -10.43 -5.99 7.57
N GLN A 1110 -9.11 -5.84 7.44
CA GLN A 1110 -8.46 -4.71 6.77
C GLN A 1110 -8.15 -5.05 5.29
N GLY A 1111 -8.60 -6.21 4.81
CA GLY A 1111 -8.40 -6.68 3.46
C GLY A 1111 -6.96 -7.01 3.18
N THR A 1112 -6.52 -6.75 1.96
CA THR A 1112 -5.14 -6.99 1.57
C THR A 1112 -4.63 -5.82 0.76
N THR A 1113 -3.56 -5.19 1.23
CA THR A 1113 -2.97 -4.07 0.53
C THR A 1113 -1.72 -4.58 -0.18
N LEU A 1114 -1.64 -4.34 -1.50
CA LEU A 1114 -0.55 -4.86 -2.32
C LEU A 1114 0.22 -3.77 -3.02
N TYR A 1115 1.49 -4.02 -3.33
CA TYR A 1115 2.36 -3.10 -4.07
C TYR A 1115 3.10 -3.87 -5.14
N PRO A 1116 2.36 -4.34 -6.17
CA PRO A 1116 2.97 -5.17 -7.21
C PRO A 1116 4.02 -4.48 -8.05
N ARG A 1117 4.86 -5.28 -8.70
CA ARG A 1117 5.93 -4.84 -9.58
C ARG A 1117 5.86 -5.58 -10.90
N LEU A 1118 6.00 -4.85 -12.00
CA LEU A 1118 5.90 -5.42 -13.34
C LEU A 1118 7.10 -4.97 -14.17
N ARG A 1119 7.89 -5.89 -14.74
CA ARG A 1119 9.00 -5.47 -15.58
C ARG A 1119 8.77 -5.86 -17.03
N ARG A 1120 9.02 -4.92 -17.91
CA ARG A 1120 8.83 -5.08 -19.35
C ARG A 1120 9.68 -6.19 -19.93
N LYS A 1121 9.10 -6.91 -20.89
CA LYS A 1121 9.82 -7.99 -21.57
C LYS A 1121 10.84 -7.44 -22.59
N PRO A 1122 11.82 -8.27 -22.98
CA PRO A 1122 12.90 -7.81 -23.89
C PRO A 1122 12.61 -6.70 -24.89
N GLY A 1123 13.33 -5.60 -24.72
CA GLY A 1123 13.31 -4.39 -25.54
C GLY A 1123 11.95 -3.89 -25.96
N MET A 1124 11.10 -3.51 -24.98
CA MET A 1124 9.77 -3.00 -25.32
C MET A 1124 9.47 -1.62 -24.82
N GLU A 1125 8.97 -0.81 -25.74
CA GLU A 1125 8.41 0.53 -25.52
C GLU A 1125 6.92 0.51 -26.00
N GLU A 1126 6.32 -0.70 -26.08
CA GLU A 1126 4.97 -0.98 -26.55
C GLU A 1126 3.92 -0.46 -25.57
N GLU A 1127 2.69 -0.32 -26.05
CA GLU A 1127 1.59 0.15 -25.23
C GLU A 1127 0.33 -0.65 -25.57
N ASP A 1128 -0.39 -1.14 -24.54
CA ASP A 1128 -1.59 -1.96 -24.72
C ASP A 1128 -2.66 -1.19 -25.47
N VAL A 1129 -2.87 0.07 -25.06
CA VAL A 1129 -3.83 1.02 -25.58
C VAL A 1129 -3.75 1.12 -27.12
N LEU A 1130 -2.55 0.98 -27.72
CA LEU A 1130 -2.46 0.99 -29.19
C LEU A 1130 -2.16 -0.41 -29.75
N GLU A 1131 -2.91 -0.80 -30.79
CA GLU A 1131 -2.85 -2.09 -31.47
C GLU A 1131 -1.49 -2.36 -32.17
N PRO A 1132 -1.10 -3.64 -32.39
CA PRO A 1132 0.19 -3.89 -33.05
C PRO A 1132 0.16 -3.61 -34.55
N HIS A 1177 -23.08 -13.08 -22.57
CA HIS A 1177 -24.03 -12.29 -21.81
C HIS A 1177 -25.43 -12.28 -22.46
N ALA A 1178 -25.66 -11.41 -23.46
CA ALA A 1178 -26.94 -11.29 -24.17
C ALA A 1178 -26.78 -10.43 -25.44
N GLU A 1179 -27.79 -10.42 -26.34
CA GLU A 1179 -27.79 -9.59 -27.54
C GLU A 1179 -27.67 -8.12 -27.14
N ILE A 1180 -28.43 -7.71 -26.13
CA ILE A 1180 -28.45 -6.35 -25.63
C ILE A 1180 -28.00 -6.30 -24.18
N ASN A 1181 -27.13 -5.34 -23.85
CA ASN A 1181 -26.68 -5.15 -22.49
C ASN A 1181 -27.04 -3.73 -22.05
N ILE A 1182 -27.99 -3.63 -21.12
CA ILE A 1182 -28.46 -2.36 -20.59
C ILE A 1182 -28.17 -2.26 -19.09
N PHE A 1183 -27.67 -1.11 -18.62
CA PHE A 1183 -27.39 -0.91 -17.21
C PHE A 1183 -28.12 0.32 -16.64
N SER A 1184 -28.45 0.29 -15.34
CA SER A 1184 -29.17 1.39 -14.69
C SER A 1184 -28.96 1.44 -13.16
N VAL A 1185 -29.48 2.50 -12.51
CA VAL A 1185 -29.42 2.70 -11.07
C VAL A 1185 -30.70 3.41 -10.57
N ALA A 1186 -31.22 3.01 -9.40
CA ALA A 1186 -32.41 3.60 -8.80
C ALA A 1186 -32.17 3.82 -7.30
N SER A 1187 -32.61 4.98 -6.77
CA SER A 1187 -32.37 5.33 -5.37
C SER A 1187 -33.65 5.61 -4.55
N GLY A 1188 -34.67 4.79 -4.74
CA GLY A 1188 -35.93 4.93 -4.03
C GLY A 1188 -36.96 3.91 -4.48
N HIS A 1189 -37.99 3.66 -3.66
CA HIS A 1189 -39.04 2.70 -4.02
C HIS A 1189 -39.77 3.13 -5.28
N LEU A 1190 -39.95 4.44 -5.48
CA LEU A 1190 -40.61 4.97 -6.67
C LEU A 1190 -39.72 4.72 -7.88
N TYR A 1191 -38.44 5.10 -7.80
CA TYR A 1191 -37.47 4.92 -8.88
C TYR A 1191 -37.22 3.46 -9.23
N GLU A 1192 -37.38 2.56 -8.25
CA GLU A 1192 -37.25 1.12 -8.47
C GLU A 1192 -38.50 0.57 -9.14
N ARG A 1193 -39.67 1.12 -8.79
CA ARG A 1193 -40.97 0.79 -9.38
C ARG A 1193 -40.98 1.22 -10.86
N MET A 1194 -40.39 2.40 -11.15
CA MET A 1194 -40.28 2.94 -12.51
C MET A 1194 -39.26 2.14 -13.36
N LEU A 1195 -38.22 1.60 -12.70
CA LEU A 1195 -37.16 0.77 -13.29
C LEU A 1195 -37.76 -0.55 -13.78
N ASN A 1196 -38.73 -1.11 -13.03
CA ASN A 1196 -39.45 -2.35 -13.37
C ASN A 1196 -40.22 -2.15 -14.68
N ILE A 1197 -40.84 -0.97 -14.84
CA ILE A 1197 -41.60 -0.59 -16.02
C ILE A 1197 -40.68 -0.43 -17.22
N MET A 1198 -39.52 0.22 -17.01
CA MET A 1198 -38.52 0.46 -18.05
C MET A 1198 -38.07 -0.85 -18.68
N MET A 1199 -37.73 -1.85 -17.86
CA MET A 1199 -37.27 -3.15 -18.32
C MET A 1199 -38.35 -3.88 -19.11
N ALA A 1200 -39.60 -3.81 -18.65
CA ALA A 1200 -40.75 -4.43 -19.28
C ALA A 1200 -41.01 -3.86 -20.67
N SER A 1201 -40.92 -2.52 -20.82
CA SER A 1201 -41.14 -1.83 -22.09
C SER A 1201 -40.15 -2.33 -23.15
N VAL A 1202 -38.88 -2.56 -22.75
CA VAL A 1202 -37.85 -3.08 -23.65
C VAL A 1202 -38.27 -4.46 -24.16
N MET A 1203 -38.62 -5.38 -23.24
CA MET A 1203 -39.02 -6.76 -23.52
C MET A 1203 -40.19 -6.90 -24.48
N HIS A 1204 -41.26 -6.12 -24.27
CA HIS A 1204 -42.42 -6.13 -25.16
C HIS A 1204 -42.03 -5.63 -26.57
N HIS A 1205 -41.03 -4.75 -26.65
CA HIS A 1205 -40.62 -4.07 -27.86
C HIS A 1205 -39.42 -4.69 -28.60
N THR A 1206 -38.97 -5.89 -28.20
CA THR A 1206 -37.88 -6.56 -28.92
C THR A 1206 -38.04 -8.09 -28.98
N ASN A 1207 -37.76 -8.64 -30.16
CA ASN A 1207 -37.73 -10.07 -30.44
C ASN A 1207 -36.24 -10.51 -30.26
N HIS A 1208 -35.57 -10.07 -29.17
CA HIS A 1208 -34.14 -10.35 -28.97
C HIS A 1208 -33.77 -10.71 -27.52
N THR A 1209 -32.50 -11.14 -27.27
CA THR A 1209 -32.08 -11.48 -25.91
C THR A 1209 -31.45 -10.27 -25.21
N VAL A 1210 -31.93 -9.97 -23.99
CA VAL A 1210 -31.49 -8.82 -23.21
C VAL A 1210 -30.94 -9.23 -21.85
N LYS A 1211 -29.88 -8.54 -21.40
CA LYS A 1211 -29.27 -8.74 -20.08
C LYS A 1211 -29.25 -7.39 -19.39
N PHE A 1212 -29.72 -7.34 -18.14
CA PHE A 1212 -29.77 -6.10 -17.38
C PHE A 1212 -28.69 -6.06 -16.29
N TRP A 1213 -28.04 -4.92 -16.14
CA TRP A 1213 -26.97 -4.71 -15.17
C TRP A 1213 -27.36 -3.62 -14.19
N PHE A 1214 -27.10 -3.85 -12.90
CA PHE A 1214 -27.49 -2.89 -11.87
C PHE A 1214 -26.37 -2.52 -10.91
N ILE A 1215 -26.38 -1.27 -10.41
CA ILE A 1215 -25.42 -0.85 -9.40
C ILE A 1215 -25.99 -1.31 -8.05
N GLU A 1216 -25.52 -2.49 -7.64
CA GLU A 1216 -25.87 -3.31 -6.48
C GLU A 1216 -26.20 -2.59 -5.15
N GLN A 1217 -25.34 -1.71 -4.63
CA GLN A 1217 -25.52 -1.09 -3.32
C GLN A 1217 -26.59 0.01 -3.20
N PHE A 1218 -27.08 0.56 -4.32
CA PHE A 1218 -28.11 1.61 -4.25
C PHE A 1218 -29.54 1.06 -4.32
N LEU A 1219 -29.71 -0.28 -4.42
CA LEU A 1219 -31.00 -0.94 -4.54
C LEU A 1219 -31.51 -1.52 -3.21
N SER A 1220 -32.84 -1.58 -3.07
CA SER A 1220 -33.50 -2.11 -1.88
C SER A 1220 -33.56 -3.64 -1.89
N PRO A 1221 -33.60 -4.29 -0.70
CA PRO A 1221 -33.72 -5.75 -0.68
C PRO A 1221 -35.05 -6.23 -1.25
N SER A 1222 -36.10 -5.40 -1.17
CA SER A 1222 -37.41 -5.70 -1.73
C SER A 1222 -37.28 -5.85 -3.25
N PHE A 1223 -36.50 -4.96 -3.89
CA PHE A 1223 -36.22 -4.99 -5.32
C PHE A 1223 -35.34 -6.20 -5.62
N LYS A 1224 -34.29 -6.41 -4.80
CA LYS A 1224 -33.33 -7.51 -4.93
C LYS A 1224 -33.98 -8.89 -4.87
N ASP A 1225 -34.94 -9.08 -3.96
CA ASP A 1225 -35.66 -10.35 -3.81
C ASP A 1225 -36.70 -10.56 -4.93
N PHE A 1226 -37.10 -9.50 -5.62
CA PHE A 1226 -38.14 -9.56 -6.65
C PHE A 1226 -37.63 -9.94 -8.06
N ILE A 1227 -36.48 -9.41 -8.51
CA ILE A 1227 -35.93 -9.61 -9.87
C ILE A 1227 -35.92 -11.07 -10.41
N PRO A 1228 -35.58 -12.18 -9.68
CA PRO A 1228 -35.67 -13.51 -10.32
C PRO A 1228 -37.06 -13.79 -10.89
N HIS A 1229 -38.10 -13.28 -10.23
CA HIS A 1229 -39.49 -13.42 -10.66
C HIS A 1229 -39.77 -12.58 -11.92
N MET A 1230 -39.11 -11.41 -12.05
CA MET A 1230 -39.21 -10.57 -13.25
C MET A 1230 -38.49 -11.29 -14.40
N ALA A 1231 -37.32 -11.90 -14.12
CA ALA A 1231 -36.50 -12.63 -15.07
C ALA A 1231 -37.19 -13.88 -15.61
N ALA A 1232 -38.00 -14.54 -14.77
CA ALA A 1232 -38.71 -15.75 -15.20
C ALA A 1232 -39.87 -15.37 -16.12
N GLU A 1233 -40.60 -14.29 -15.78
CA GLU A 1233 -41.75 -13.81 -16.54
C GLU A 1233 -41.39 -13.17 -17.88
N TYR A 1234 -40.39 -12.28 -17.88
CA TYR A 1234 -40.01 -11.54 -19.07
C TYR A 1234 -38.90 -12.20 -19.91
N GLY A 1235 -38.22 -13.19 -19.35
CA GLY A 1235 -37.19 -13.93 -20.07
C GLY A 1235 -35.91 -13.18 -20.35
N PHE A 1236 -35.32 -12.58 -19.33
CA PHE A 1236 -34.04 -11.87 -19.46
C PHE A 1236 -33.03 -12.38 -18.43
N LYS A 1237 -31.75 -11.99 -18.58
CA LYS A 1237 -30.72 -12.33 -17.62
C LYS A 1237 -30.32 -11.07 -16.85
N TYR A 1238 -29.82 -11.21 -15.62
CA TYR A 1238 -29.41 -10.05 -14.84
C TYR A 1238 -28.10 -10.30 -14.10
N GLU A 1239 -27.38 -9.21 -13.80
CA GLU A 1239 -26.14 -9.31 -13.03
C GLU A 1239 -25.93 -8.05 -12.21
N MET A 1240 -25.55 -8.24 -10.93
CA MET A 1240 -25.29 -7.16 -10.00
C MET A 1240 -23.83 -6.79 -10.08
N VAL A 1241 -23.54 -5.50 -10.29
CA VAL A 1241 -22.17 -4.98 -10.34
C VAL A 1241 -21.98 -3.82 -9.37
N THR A 1242 -20.73 -3.64 -8.93
CA THR A 1242 -20.32 -2.55 -8.05
C THR A 1242 -18.79 -2.40 -8.07
N TYR A 1243 -18.33 -1.26 -7.57
CA TYR A 1243 -16.93 -0.90 -7.42
C TYR A 1243 -16.86 0.04 -6.23
N LYS A 1244 -15.84 -0.09 -5.38
CA LYS A 1244 -15.74 0.82 -4.24
C LYS A 1244 -14.98 2.07 -4.61
N TRP A 1245 -15.55 3.24 -4.26
CA TRP A 1245 -14.97 4.56 -4.52
C TRP A 1245 -13.55 4.63 -3.96
N PRO A 1246 -12.54 4.80 -4.83
CA PRO A 1246 -11.15 4.86 -4.38
C PRO A 1246 -10.86 5.90 -3.32
N HIS A 1247 -9.89 5.61 -2.45
CA HIS A 1247 -9.50 6.49 -1.36
C HIS A 1247 -8.86 7.79 -1.85
N TRP A 1248 -8.10 7.72 -2.96
CA TRP A 1248 -7.44 8.89 -3.54
C TRP A 1248 -8.45 9.80 -4.23
N LEU A 1249 -9.45 9.21 -4.87
CA LEU A 1249 -10.49 9.90 -5.61
C LEU A 1249 -11.38 10.69 -4.64
N ARG A 1250 -11.78 11.91 -5.04
CA ARG A 1250 -12.57 12.80 -4.20
C ARG A 1250 -14.01 12.35 -3.96
N GLN A 1251 -14.37 12.22 -2.69
CA GLN A 1251 -15.68 11.78 -2.20
C GLN A 1251 -16.82 12.76 -2.50
N GLN A 1252 -18.05 12.29 -2.31
CA GLN A 1252 -19.24 13.10 -2.44
C GLN A 1252 -20.07 12.94 -1.19
N LYS A 1253 -20.23 14.01 -0.40
CA LYS A 1253 -21.02 13.99 0.83
C LYS A 1253 -22.52 13.80 0.54
N GLU A 1254 -22.97 14.28 -0.62
CA GLU A 1254 -24.37 14.20 -1.05
C GLU A 1254 -24.57 12.96 -1.93
N LYS A 1255 -25.36 12.00 -1.43
CA LYS A 1255 -25.64 10.71 -2.08
C LYS A 1255 -26.08 10.81 -3.54
N GLN A 1256 -26.93 11.77 -3.90
CA GLN A 1256 -27.37 11.93 -5.30
C GLN A 1256 -26.18 12.20 -6.22
N ARG A 1257 -25.19 12.95 -5.72
CA ARG A 1257 -23.98 13.25 -6.46
C ARG A 1257 -23.13 11.99 -6.60
N GLU A 1258 -23.12 11.11 -5.56
CA GLU A 1258 -22.40 9.82 -5.58
C GLU A 1258 -22.91 8.98 -6.76
N ILE A 1259 -24.24 8.86 -6.87
CA ILE A 1259 -24.92 8.11 -7.90
C ILE A 1259 -24.54 8.57 -9.30
N TRP A 1260 -24.52 9.89 -9.53
CA TRP A 1260 -24.12 10.46 -10.81
C TRP A 1260 -22.69 10.08 -11.18
N GLY A 1261 -21.81 10.07 -10.19
CA GLY A 1261 -20.42 9.71 -10.35
C GLY A 1261 -20.25 8.26 -10.75
N TYR A 1262 -21.11 7.38 -10.23
CA TYR A 1262 -21.08 5.96 -10.55
C TYR A 1262 -21.39 5.65 -12.01
N LYS A 1263 -22.18 6.52 -12.66
CA LYS A 1263 -22.55 6.33 -14.04
C LYS A 1263 -21.45 6.74 -15.02
N ILE A 1264 -20.54 7.65 -14.61
CA ILE A 1264 -19.53 8.17 -15.52
C ILE A 1264 -18.06 7.82 -15.15
N LEU A 1265 -17.71 7.85 -13.87
CA LEU A 1265 -16.34 7.65 -13.42
C LEU A 1265 -15.76 6.23 -13.53
N PHE A 1266 -16.58 5.18 -13.34
CA PHE A 1266 -16.04 3.81 -13.31
C PHE A 1266 -16.53 2.88 -14.43
N LEU A 1267 -16.89 3.42 -15.60
CA LEU A 1267 -17.39 2.63 -16.72
C LEU A 1267 -16.45 1.50 -17.19
N ASP A 1268 -15.16 1.76 -17.24
CA ASP A 1268 -14.15 0.80 -17.66
C ASP A 1268 -13.87 -0.34 -16.67
N VAL A 1269 -14.08 -0.07 -15.37
CA VAL A 1269 -13.78 -1.05 -14.32
C VAL A 1269 -15.00 -1.69 -13.66
N LEU A 1270 -16.20 -1.14 -13.88
CA LEU A 1270 -17.43 -1.63 -13.27
C LEU A 1270 -17.94 -2.92 -13.93
N PHE A 1271 -17.66 -3.09 -15.23
CA PHE A 1271 -18.12 -4.26 -15.99
C PHE A 1271 -16.97 -5.20 -16.37
N PRO A 1272 -17.23 -6.52 -16.41
CA PRO A 1272 -16.15 -7.46 -16.77
C PRO A 1272 -15.60 -7.21 -18.17
N LEU A 1273 -14.31 -7.50 -18.35
CA LEU A 1273 -13.59 -7.32 -19.61
C LEU A 1273 -14.26 -8.01 -20.79
N SER A 1274 -14.92 -9.15 -20.54
CA SER A 1274 -15.62 -9.94 -21.55
C SER A 1274 -16.78 -9.20 -22.24
N LEU A 1275 -17.22 -8.07 -21.67
CA LEU A 1275 -18.31 -7.29 -22.21
C LEU A 1275 -17.85 -6.27 -23.25
N ASP A 1276 -18.32 -6.42 -24.49
CA ASP A 1276 -17.96 -5.53 -25.58
C ASP A 1276 -18.57 -4.14 -25.44
N LYS A 1277 -19.86 -4.04 -25.12
CA LYS A 1277 -20.54 -2.76 -25.05
C LYS A 1277 -21.73 -2.79 -24.09
N VAL A 1278 -22.10 -1.62 -23.51
CA VAL A 1278 -23.25 -1.44 -22.61
C VAL A 1278 -24.04 -0.15 -22.95
N ILE A 1279 -25.33 -0.12 -22.61
CA ILE A 1279 -26.19 1.04 -22.84
C ILE A 1279 -26.84 1.49 -21.52
N PHE A 1280 -26.76 2.79 -21.18
CA PHE A 1280 -27.41 3.28 -19.97
C PHE A 1280 -28.78 3.82 -20.31
N VAL A 1281 -29.80 3.40 -19.56
CA VAL A 1281 -31.16 3.87 -19.71
C VAL A 1281 -31.61 4.32 -18.31
N ASP A 1282 -32.09 5.56 -18.18
CA ASP A 1282 -32.51 6.09 -16.88
C ASP A 1282 -33.75 5.35 -16.35
N ALA A 1283 -33.88 5.24 -15.02
CA ALA A 1283 -34.98 4.54 -14.35
C ALA A 1283 -36.36 5.06 -14.74
N ASP A 1284 -36.51 6.38 -14.82
CA ASP A 1284 -37.78 7.03 -15.19
C ASP A 1284 -38.18 6.84 -16.67
N GLN A 1285 -37.25 6.37 -17.50
CA GLN A 1285 -37.47 6.18 -18.93
C GLN A 1285 -38.38 5.04 -19.30
N ILE A 1286 -38.90 5.09 -20.53
CA ILE A 1286 -39.75 4.10 -21.15
C ILE A 1286 -39.31 3.99 -22.62
N VAL A 1287 -39.15 2.75 -23.14
CA VAL A 1287 -38.68 2.55 -24.50
C VAL A 1287 -39.68 1.80 -25.36
N ARG A 1288 -40.02 2.37 -26.53
CA ARG A 1288 -40.92 1.78 -27.54
C ARG A 1288 -40.15 1.11 -28.72
N THR A 1289 -38.83 1.26 -28.74
CA THR A 1289 -37.91 0.76 -29.75
C THR A 1289 -37.35 -0.61 -29.43
N ASP A 1290 -36.95 -1.36 -30.47
CA ASP A 1290 -36.20 -2.59 -30.32
C ASP A 1290 -34.79 -2.03 -30.11
N MET A 1291 -34.25 -2.19 -28.91
CA MET A 1291 -33.00 -1.57 -28.48
C MET A 1291 -31.72 -1.99 -29.21
N TYR A 1292 -31.76 -3.04 -30.05
CA TYR A 1292 -30.59 -3.50 -30.81
C TYR A 1292 -30.07 -2.38 -31.68
N ASP A 1293 -30.96 -1.65 -32.35
CA ASP A 1293 -30.63 -0.53 -33.23
C ASP A 1293 -29.55 0.41 -32.66
N LEU A 1294 -29.56 0.63 -31.33
CA LEU A 1294 -28.56 1.46 -30.67
C LEU A 1294 -27.16 0.85 -30.69
N VAL A 1295 -27.07 -0.48 -30.58
CA VAL A 1295 -25.85 -1.25 -30.68
C VAL A 1295 -25.27 -1.09 -32.10
N GLU A 1296 -26.09 -1.36 -33.13
CA GLU A 1296 -25.69 -1.26 -34.54
C GLU A 1296 -25.37 0.16 -35.00
N HIS A 1297 -25.77 1.18 -34.22
CA HIS A 1297 -25.50 2.57 -34.59
C HIS A 1297 -24.01 2.84 -34.67
N PRO A 1298 -23.56 3.34 -35.84
CA PRO A 1298 -22.13 3.61 -35.99
C PRO A 1298 -21.67 4.75 -35.09
N LEU A 1299 -20.61 4.52 -34.33
CA LEU A 1299 -20.07 5.54 -33.43
C LEU A 1299 -18.88 6.30 -34.02
N ASP A 1300 -18.42 5.92 -35.24
CA ASP A 1300 -17.32 6.54 -35.96
C ASP A 1300 -16.06 6.69 -35.11
N GLY A 1301 -15.59 5.58 -34.56
CA GLY A 1301 -14.40 5.54 -33.73
C GLY A 1301 -14.47 6.29 -32.42
N ALA A 1302 -15.68 6.55 -31.91
CA ALA A 1302 -15.85 7.25 -30.64
C ALA A 1302 -16.14 6.27 -29.51
N PRO A 1303 -15.64 6.53 -28.29
CA PRO A 1303 -15.87 5.59 -27.18
C PRO A 1303 -17.29 5.51 -26.69
N TYR A 1304 -18.02 6.63 -26.71
CA TYR A 1304 -19.40 6.64 -26.24
C TYR A 1304 -20.28 7.62 -27.02
N GLY A 1305 -21.58 7.33 -27.09
CA GLY A 1305 -22.53 8.15 -27.82
C GLY A 1305 -23.69 8.68 -27.00
N PHE A 1306 -24.01 9.96 -27.16
CA PHE A 1306 -25.08 10.64 -26.42
C PHE A 1306 -26.09 11.32 -27.36
N ALA A 1307 -27.28 11.66 -26.85
CA ALA A 1307 -28.32 12.37 -27.59
C ALA A 1307 -28.36 13.84 -27.13
N PRO A 1308 -28.55 14.80 -28.06
CA PRO A 1308 -28.53 16.22 -27.65
C PRO A 1308 -29.82 16.75 -27.03
N MET A 1309 -29.77 17.99 -26.50
CA MET A 1309 -30.90 18.68 -25.90
C MET A 1309 -31.86 19.14 -26.98
N CYS A 1310 -33.16 18.96 -26.73
CA CYS A 1310 -34.22 19.34 -27.65
C CYS A 1310 -34.28 20.83 -27.91
N ASP A 1311 -34.38 21.20 -29.17
CA ASP A 1311 -34.53 22.59 -29.58
C ASP A 1311 -35.97 22.88 -30.06
N SER A 1312 -36.71 21.82 -30.42
CA SER A 1312 -38.05 21.76 -30.98
C SER A 1312 -39.12 22.58 -30.24
N ARG A 1313 -39.18 22.57 -28.88
CA ARG A 1313 -40.15 23.42 -28.15
C ARG A 1313 -39.77 24.88 -28.44
N VAL A 1314 -40.73 25.67 -28.91
CA VAL A 1314 -40.50 27.04 -29.36
C VAL A 1314 -40.33 28.11 -28.25
N GLU A 1315 -41.22 28.08 -27.27
CA GLU A 1315 -41.34 29.06 -26.20
C GLU A 1315 -40.67 28.66 -24.88
N MET A 1316 -39.78 27.67 -24.92
CA MET A 1316 -39.11 27.22 -23.70
C MET A 1316 -37.77 27.92 -23.44
N GLU A 1317 -37.19 28.56 -24.47
CA GLU A 1317 -35.88 29.23 -24.54
C GLU A 1317 -35.31 29.83 -23.24
N GLY A 1318 -36.12 30.53 -22.46
CA GLY A 1318 -35.67 31.15 -21.22
C GLY A 1318 -34.89 30.23 -20.29
N TYR A 1319 -35.39 29.01 -20.09
CA TYR A 1319 -34.72 28.04 -19.23
C TYR A 1319 -33.63 27.20 -19.93
N ARG A 1320 -33.26 27.56 -21.17
CA ARG A 1320 -32.18 26.87 -21.88
C ARG A 1320 -30.89 27.57 -21.50
N PHE A 1321 -30.28 27.13 -20.40
CA PHE A 1321 -29.06 27.72 -19.85
C PHE A 1321 -27.77 27.40 -20.61
N TRP A 1322 -27.83 26.49 -21.57
CA TRP A 1322 -26.66 26.09 -22.35
C TRP A 1322 -26.43 26.93 -23.61
N LYS A 1323 -27.05 28.10 -23.66
CA LYS A 1323 -26.90 29.11 -24.69
C LYS A 1323 -26.36 30.42 -24.05
N THR A 1324 -26.04 30.40 -22.73
CA THR A 1324 -25.52 31.50 -21.91
C THR A 1324 -24.00 31.57 -22.05
N GLY A 1325 -23.38 32.62 -21.50
CA GLY A 1325 -21.95 32.85 -21.53
C GLY A 1325 -21.07 31.64 -21.29
N TYR A 1326 -21.01 31.12 -20.07
CA TYR A 1326 -20.14 29.98 -19.76
C TYR A 1326 -20.32 28.77 -20.68
N TRP A 1327 -21.54 28.26 -20.85
CA TRP A 1327 -21.72 27.05 -21.66
C TRP A 1327 -21.54 27.32 -23.15
N ALA A 1328 -22.01 28.46 -23.68
CA ALA A 1328 -21.82 28.76 -25.11
C ALA A 1328 -20.38 29.14 -25.46
N ASN A 1329 -19.63 29.77 -24.53
CA ASN A 1329 -18.22 30.10 -24.78
C ASN A 1329 -17.45 28.79 -24.84
N TYR A 1330 -17.63 27.92 -23.84
CA TYR A 1330 -16.96 26.64 -23.77
C TYR A 1330 -17.35 25.73 -24.95
N LEU A 1331 -18.65 25.43 -25.11
CA LEU A 1331 -19.13 24.62 -26.24
C LEU A 1331 -19.19 25.56 -27.44
N LYS A 1332 -18.03 25.79 -28.08
CA LYS A 1332 -17.91 26.70 -29.23
C LYS A 1332 -18.92 26.35 -30.33
N GLY A 1333 -18.88 25.11 -30.78
CA GLY A 1333 -19.83 24.60 -31.77
C GLY A 1333 -20.46 23.28 -31.35
N LYS A 1334 -19.92 22.64 -30.31
CA LYS A 1334 -20.36 21.34 -29.82
C LYS A 1334 -21.69 21.40 -29.04
N PRO A 1335 -22.47 20.30 -29.10
CA PRO A 1335 -23.78 20.30 -28.43
C PRO A 1335 -23.77 20.08 -26.92
N TYR A 1336 -24.89 20.42 -26.27
CA TYR A 1336 -25.08 20.20 -24.84
C TYR A 1336 -25.92 18.91 -24.74
N HIS A 1337 -25.28 17.81 -24.33
CA HIS A 1337 -25.85 16.47 -24.31
C HIS A 1337 -26.64 16.05 -23.04
N ILE A 1338 -27.45 14.98 -23.15
CA ILE A 1338 -28.29 14.43 -22.08
C ILE A 1338 -27.82 13.07 -21.59
N SER A 1339 -27.63 12.93 -20.28
CA SER A 1339 -27.14 11.71 -19.63
C SER A 1339 -28.22 10.70 -19.23
N ALA A 1340 -29.42 10.84 -19.78
CA ALA A 1340 -30.50 9.90 -19.48
C ALA A 1340 -30.31 8.60 -20.29
N LEU A 1341 -29.78 8.72 -21.52
CA LEU A 1341 -29.52 7.59 -22.41
C LEU A 1341 -28.19 7.79 -23.14
N TYR A 1342 -27.36 6.73 -23.20
CA TYR A 1342 -26.07 6.74 -23.89
C TYR A 1342 -25.49 5.33 -24.12
N VAL A 1343 -24.63 5.20 -25.13
CA VAL A 1343 -23.95 3.95 -25.49
C VAL A 1343 -22.50 4.06 -25.11
N VAL A 1344 -21.91 2.99 -24.57
CA VAL A 1344 -20.50 2.96 -24.27
C VAL A 1344 -19.89 1.76 -24.99
N ASP A 1345 -19.07 2.00 -26.01
CA ASP A 1345 -18.35 0.94 -26.72
C ASP A 1345 -17.19 0.68 -25.77
N LEU A 1346 -17.41 -0.20 -24.79
CA LEU A 1346 -16.48 -0.51 -23.72
C LEU A 1346 -15.09 -0.90 -24.19
N GLN A 1347 -14.98 -1.76 -25.21
CA GLN A 1347 -13.67 -2.15 -25.75
C GLN A 1347 -12.86 -0.95 -26.20
N ARG A 1348 -13.51 0.00 -26.90
CA ARG A 1348 -12.87 1.23 -27.34
C ARG A 1348 -12.64 2.15 -26.15
N PHE A 1349 -13.58 2.25 -25.23
CA PHE A 1349 -13.48 3.10 -24.03
C PHE A 1349 -12.18 2.81 -23.26
N ARG A 1350 -11.94 1.52 -22.98
CA ARG A 1350 -10.75 1.06 -22.27
C ARG A 1350 -9.50 1.27 -23.13
N GLU A 1351 -9.60 1.00 -24.44
CA GLU A 1351 -8.53 1.16 -25.42
C GLU A 1351 -8.08 2.62 -25.49
N LEU A 1352 -9.02 3.55 -25.43
CA LEU A 1352 -8.71 4.98 -25.45
C LEU A 1352 -8.27 5.50 -24.07
N ALA A 1353 -8.50 4.71 -22.99
CA ALA A 1353 -8.22 5.02 -21.59
C ALA A 1353 -8.94 6.31 -21.22
N ALA A 1354 -10.22 6.35 -21.55
CA ALA A 1354 -11.08 7.50 -21.33
C ALA A 1354 -11.36 7.72 -19.85
N GLY A 1355 -11.57 6.64 -19.12
CA GLY A 1355 -11.89 6.66 -17.69
C GLY A 1355 -10.91 7.43 -16.83
N ASP A 1356 -9.61 7.21 -17.05
CA ASP A 1356 -8.52 7.88 -16.33
C ASP A 1356 -8.62 9.39 -16.45
N ARG A 1357 -8.92 9.87 -17.66
CA ARG A 1357 -9.05 11.28 -17.96
C ARG A 1357 -10.28 11.87 -17.28
N LEU A 1358 -11.40 11.14 -17.30
CA LEU A 1358 -12.64 11.56 -16.64
C LEU A 1358 -12.38 11.72 -15.14
N ARG A 1359 -11.76 10.71 -14.52
CA ARG A 1359 -11.42 10.69 -13.10
C ARG A 1359 -10.51 11.83 -12.67
N GLN A 1360 -9.40 12.09 -13.40
CA GLN A 1360 -8.49 13.16 -13.00
C GLN A 1360 -9.07 14.55 -13.26
N GLN A 1361 -9.88 14.70 -14.32
CA GLN A 1361 -10.52 15.99 -14.56
C GLN A 1361 -11.55 16.26 -13.48
N TYR A 1362 -12.33 15.24 -13.09
CA TYR A 1362 -13.31 15.34 -12.02
C TYR A 1362 -12.63 15.78 -10.72
N HIS A 1363 -11.54 15.12 -10.35
CA HIS A 1363 -10.82 15.40 -9.11
C HIS A 1363 -10.31 16.83 -9.09
N ALA A 1364 -9.78 17.29 -10.23
CA ALA A 1364 -9.26 18.65 -10.37
C ALA A 1364 -10.36 19.70 -10.32
N LEU A 1365 -11.47 19.46 -11.02
CA LEU A 1365 -12.60 20.40 -11.08
C LEU A 1365 -13.31 20.48 -9.74
N SER A 1366 -13.42 19.35 -9.04
CA SER A 1366 -14.13 19.17 -7.78
C SER A 1366 -13.62 20.00 -6.59
N ALA A 1367 -12.43 20.61 -6.68
CA ALA A 1367 -11.90 21.47 -5.61
C ALA A 1367 -12.85 22.64 -5.37
N ASP A 1368 -13.44 23.19 -6.45
CA ASP A 1368 -14.44 24.24 -6.39
C ASP A 1368 -15.78 23.54 -6.20
N PRO A 1369 -16.53 23.87 -5.14
CA PRO A 1369 -17.81 23.19 -4.92
C PRO A 1369 -18.90 23.46 -5.95
N ASN A 1370 -18.89 24.65 -6.57
CA ASN A 1370 -19.90 25.03 -7.57
C ASN A 1370 -19.53 24.63 -9.02
N SER A 1371 -18.55 23.75 -9.17
CA SER A 1371 -18.00 23.28 -10.44
C SER A 1371 -18.97 22.52 -11.35
N LEU A 1372 -19.59 21.43 -10.84
CA LEU A 1372 -20.50 20.63 -11.65
C LEU A 1372 -21.88 20.57 -11.03
N ALA A 1373 -22.87 21.23 -11.65
CA ALA A 1373 -24.23 21.21 -11.14
C ALA A 1373 -24.78 19.77 -11.20
N ASN A 1374 -24.67 19.12 -12.36
CA ASN A 1374 -25.05 17.74 -12.56
C ASN A 1374 -23.81 17.20 -13.23
N LEU A 1375 -22.94 16.52 -12.46
CA LEU A 1375 -21.68 16.04 -13.00
C LEU A 1375 -21.84 15.07 -14.16
N ASP A 1376 -22.84 14.17 -14.09
CA ASP A 1376 -23.08 13.17 -15.14
C ASP A 1376 -23.22 13.80 -16.52
N GLN A 1377 -23.96 14.90 -16.64
CA GLN A 1377 -24.10 15.59 -17.91
C GLN A 1377 -22.89 16.45 -18.20
N ASP A 1378 -22.44 17.20 -17.20
CA ASP A 1378 -21.35 18.16 -17.34
C ASP A 1378 -19.97 17.56 -17.63
N LEU A 1379 -19.65 16.37 -17.10
CA LEU A 1379 -18.34 15.79 -17.36
C LEU A 1379 -18.16 15.38 -18.84
N PRO A 1380 -19.05 14.57 -19.48
CA PRO A 1380 -18.86 14.28 -20.91
C PRO A 1380 -18.84 15.53 -21.78
N ASN A 1381 -19.63 16.58 -21.43
CA ASN A 1381 -19.64 17.82 -22.18
C ASN A 1381 -18.34 18.61 -22.05
N HIS A 1382 -17.75 18.65 -20.84
CA HIS A 1382 -16.47 19.31 -20.61
C HIS A 1382 -15.30 18.54 -21.25
N MET A 1383 -15.47 17.22 -21.46
CA MET A 1383 -14.44 16.37 -22.04
C MET A 1383 -14.69 16.04 -23.51
N GLN A 1384 -15.68 16.66 -24.20
CA GLN A 1384 -15.91 16.30 -25.61
C GLN A 1384 -14.84 16.87 -26.57
N PHE A 1385 -14.06 17.85 -26.11
CA PHE A 1385 -12.95 18.41 -26.87
C PHE A 1385 -11.84 17.36 -26.89
N THR A 1386 -11.50 16.83 -25.71
CA THR A 1386 -10.46 15.83 -25.45
C THR A 1386 -10.87 14.40 -25.86
N ILE A 1387 -12.09 13.98 -25.50
CA ILE A 1387 -12.65 12.66 -25.76
C ILE A 1387 -13.83 12.80 -26.70
N PRO A 1388 -13.77 12.17 -27.88
CA PRO A 1388 -14.89 12.29 -28.83
C PRO A 1388 -16.22 11.77 -28.30
N ILE A 1389 -17.31 12.49 -28.61
CA ILE A 1389 -18.65 12.04 -28.26
C ILE A 1389 -19.40 11.90 -29.56
N ALA A 1390 -19.87 10.69 -29.86
CA ALA A 1390 -20.69 10.47 -31.04
C ALA A 1390 -22.07 11.04 -30.72
N THR A 1391 -22.63 11.86 -31.63
CA THR A 1391 -23.94 12.45 -31.38
C THR A 1391 -25.01 11.59 -32.03
N LEU A 1392 -26.10 11.38 -31.30
CA LEU A 1392 -27.20 10.51 -31.69
C LEU A 1392 -28.33 11.23 -32.39
N PRO A 1393 -29.07 10.50 -33.26
CA PRO A 1393 -30.29 11.08 -33.85
C PRO A 1393 -31.26 11.48 -32.74
N GLN A 1394 -31.92 12.64 -32.86
CA GLN A 1394 -32.86 13.07 -31.83
C GLN A 1394 -34.15 12.25 -31.81
N GLU A 1395 -34.30 11.27 -32.73
CA GLU A 1395 -35.38 10.29 -32.67
C GLU A 1395 -35.22 9.51 -31.33
N TRP A 1396 -33.99 9.39 -30.81
CA TRP A 1396 -33.62 8.68 -29.61
C TRP A 1396 -34.01 9.30 -28.28
N LEU A 1397 -34.52 10.55 -28.25
CA LEU A 1397 -34.94 11.11 -26.96
C LEU A 1397 -36.07 12.11 -27.07
N TRP A 1398 -37.03 11.99 -26.14
CA TRP A 1398 -38.15 12.90 -26.08
C TRP A 1398 -38.42 13.29 -24.64
N CYS A 1399 -38.72 14.57 -24.45
CA CYS A 1399 -39.02 15.15 -23.15
C CYS A 1399 -40.01 16.26 -23.41
N GLU A 1400 -41.18 16.23 -22.78
CA GLU A 1400 -42.22 17.25 -22.98
C GLU A 1400 -41.69 18.67 -22.76
N THR A 1401 -40.97 18.89 -21.65
CA THR A 1401 -40.38 20.17 -21.24
C THR A 1401 -39.60 20.87 -22.39
N TRP A 1402 -38.81 20.13 -23.18
CA TRP A 1402 -38.01 20.76 -24.23
C TRP A 1402 -38.32 20.32 -25.69
N CYS A 1403 -39.13 19.26 -25.91
CA CYS A 1403 -39.52 18.80 -27.26
C CYS A 1403 -41.02 19.06 -27.52
N SER A 1404 -41.39 19.44 -28.75
CA SER A 1404 -42.80 19.70 -29.11
C SER A 1404 -43.63 18.42 -29.12
N ASP A 1405 -44.97 18.54 -28.98
CA ASP A 1405 -45.88 17.39 -28.99
C ASP A 1405 -45.91 16.67 -30.35
N GLU A 1406 -45.65 17.41 -31.43
CA GLU A 1406 -45.59 16.85 -32.78
C GLU A 1406 -44.41 15.90 -32.96
N THR A 1407 -43.32 16.13 -32.21
CA THR A 1407 -42.09 15.35 -32.23
C THR A 1407 -42.26 13.89 -31.77
N LEU A 1408 -43.08 13.65 -30.72
CA LEU A 1408 -43.29 12.33 -30.11
C LEU A 1408 -43.76 11.19 -31.06
N LYS A 1409 -44.29 11.54 -32.25
CA LYS A 1409 -44.71 10.52 -33.22
C LYS A 1409 -43.51 9.66 -33.66
N ASP A 1410 -42.37 10.33 -33.92
CA ASP A 1410 -41.12 9.69 -34.32
C ASP A 1410 -40.17 9.45 -33.12
N ALA A 1411 -40.67 9.57 -31.88
CA ALA A 1411 -39.82 9.37 -30.69
C ALA A 1411 -39.62 7.89 -30.38
N ARG A 1412 -38.37 7.55 -30.06
CA ARG A 1412 -37.93 6.19 -29.74
C ARG A 1412 -38.04 5.91 -28.23
N THR A 1413 -37.53 6.81 -27.37
CA THR A 1413 -37.58 6.69 -25.90
C THR A 1413 -37.94 8.04 -25.25
N ILE A 1414 -38.54 8.00 -24.06
CA ILE A 1414 -38.96 9.22 -23.34
C ILE A 1414 -38.37 9.35 -21.95
N ASP A 1415 -37.64 10.45 -21.69
CA ASP A 1415 -37.18 10.74 -20.34
C ASP A 1415 -38.22 11.66 -19.71
N LEU A 1416 -38.40 11.55 -18.41
CA LEU A 1416 -39.30 12.43 -17.69
C LEU A 1416 -38.40 13.48 -17.05
N CYS A 1417 -37.94 14.48 -17.85
CA CYS A 1417 -37.06 15.50 -17.29
C CYS A 1417 -37.85 16.48 -16.45
N ASN A 1418 -37.19 16.99 -15.42
CA ASN A 1418 -37.71 17.89 -14.42
C ASN A 1418 -38.49 19.08 -14.98
N ASN A 1419 -39.50 19.48 -14.18
CA ASN A 1419 -40.47 20.57 -14.29
C ASN A 1419 -40.03 21.66 -15.33
N PRO A 1420 -39.21 22.73 -15.11
CA PRO A 1420 -38.57 23.22 -13.89
C PRO A 1420 -39.25 24.45 -13.27
N MET A 1421 -40.28 24.99 -13.91
CA MET A 1421 -41.04 26.13 -13.39
C MET A 1421 -42.11 25.69 -12.37
N THR A 1422 -42.52 24.41 -12.45
CA THR A 1422 -43.57 23.80 -11.63
C THR A 1422 -42.92 22.88 -10.57
N LYS A 1423 -43.74 22.07 -9.88
CA LYS A 1423 -43.37 21.04 -8.93
C LYS A 1423 -44.21 19.77 -9.19
N GLU A 1424 -44.73 19.57 -10.43
CA GLU A 1424 -45.54 18.38 -10.74
C GLU A 1424 -44.69 17.14 -10.59
N PRO A 1425 -45.21 16.12 -9.92
CA PRO A 1425 -44.39 14.93 -9.68
C PRO A 1425 -44.34 13.96 -10.84
N LYS A 1426 -43.32 13.10 -10.83
CA LYS A 1426 -43.06 12.08 -11.84
C LYS A 1426 -44.20 11.10 -12.03
N LEU A 1427 -44.96 10.78 -10.98
CA LEU A 1427 -46.13 9.89 -11.08
C LEU A 1427 -47.19 10.51 -12.00
N ASP A 1428 -47.38 11.84 -11.90
CA ASP A 1428 -48.34 12.57 -12.70
C ASP A 1428 -47.98 12.61 -14.18
N ARG A 1429 -46.70 12.92 -14.48
CA ARG A 1429 -46.21 13.00 -15.85
C ARG A 1429 -46.39 11.67 -16.57
N ALA A 1430 -46.01 10.56 -15.94
CA ALA A 1430 -46.10 9.23 -16.52
C ALA A 1430 -47.49 8.83 -17.03
N ARG A 1431 -48.54 9.03 -16.22
CA ARG A 1431 -49.89 8.67 -16.63
C ARG A 1431 -50.43 9.57 -17.72
N ARG A 1432 -50.12 10.87 -17.65
CA ARG A 1432 -50.58 11.85 -18.61
C ARG A 1432 -49.79 11.79 -19.94
N GLN A 1433 -48.45 11.76 -19.84
CA GLN A 1433 -47.54 11.71 -20.98
C GLN A 1433 -47.61 10.39 -21.76
N VAL A 1434 -47.63 9.25 -21.05
CA VAL A 1434 -47.68 7.94 -21.71
C VAL A 1434 -48.91 7.12 -21.30
N PRO A 1435 -49.74 6.71 -22.26
CA PRO A 1435 -50.94 5.94 -21.91
C PRO A 1435 -50.67 4.47 -21.58
N GLU A 1436 -49.60 3.88 -22.14
CA GLU A 1436 -49.27 2.48 -21.87
C GLU A 1436 -48.49 2.25 -20.57
N TRP A 1437 -48.18 3.32 -19.82
CA TRP A 1437 -47.47 3.25 -18.55
C TRP A 1437 -48.26 2.43 -17.54
N THR A 1438 -49.59 2.63 -17.51
CA THR A 1438 -50.49 1.91 -16.61
C THR A 1438 -50.51 0.42 -16.92
N LYS A 1439 -50.55 0.04 -18.21
CA LYS A 1439 -50.54 -1.36 -18.67
C LYS A 1439 -49.32 -2.10 -18.10
N TYR A 1440 -48.15 -1.45 -18.13
CA TYR A 1440 -46.92 -2.02 -17.59
C TYR A 1440 -47.01 -2.14 -16.07
N ASP A 1441 -47.52 -1.09 -15.40
CA ASP A 1441 -47.66 -1.04 -13.95
C ASP A 1441 -48.60 -2.14 -13.42
N GLU A 1442 -49.70 -2.41 -14.13
CA GLU A 1442 -50.68 -3.44 -13.77
C GLU A 1442 -50.03 -4.82 -13.79
N GLU A 1443 -49.23 -5.10 -14.83
CA GLU A 1443 -48.52 -6.37 -15.01
C GLU A 1443 -47.61 -6.66 -13.82
N ILE A 1444 -46.82 -5.65 -13.39
CA ILE A 1444 -45.91 -5.78 -12.26
C ILE A 1444 -46.72 -5.96 -10.97
N ALA A 1445 -47.77 -5.13 -10.78
CA ALA A 1445 -48.64 -5.15 -9.60
C ALA A 1445 -49.29 -6.51 -9.32
N GLU A 1446 -49.87 -7.17 -10.33
CA GLU A 1446 -50.51 -8.46 -10.15
C GLU A 1446 -49.48 -9.56 -9.89
N LEU A 1447 -48.30 -9.47 -10.54
CA LEU A 1447 -47.22 -10.43 -10.36
C LEU A 1447 -46.69 -10.36 -8.93
N ALA A 1448 -46.52 -9.15 -8.39
CA ALA A 1448 -46.05 -8.96 -7.02
C ALA A 1448 -47.02 -9.63 -6.03
N ARG A 1449 -48.33 -9.50 -6.29
CA ARG A 1449 -49.35 -10.13 -5.46
C ARG A 1449 -49.39 -11.65 -5.67
N ARG A 1450 -49.13 -12.11 -6.89
CA ARG A 1450 -49.06 -13.52 -7.29
C ARG A 1450 -47.91 -14.21 -6.52
N VAL A 1451 -46.78 -13.50 -6.37
CA VAL A 1451 -45.60 -13.96 -5.65
C VAL A 1451 -45.90 -14.00 -4.14
N ARG A 1452 -46.50 -12.92 -3.61
CA ARG A 1452 -46.88 -12.78 -2.21
C ARG A 1452 -47.89 -13.86 -1.79
N GLU A 1453 -48.76 -14.28 -2.71
CA GLU A 1453 -49.75 -15.33 -2.44
C GLU A 1453 -49.26 -16.68 -2.96
#